data_7EG4
#
_entry.id   7EG4
#
_cell.length_a   1.00
_cell.length_b   1.00
_cell.length_c   1.00
_cell.angle_alpha   90.00
_cell.angle_beta   90.00
_cell.angle_gamma   90.00
#
_symmetry.space_group_name_H-M   'P 1'
#
loop_
_entity.id
_entity.type
_entity.pdbx_description
1 polymer "cGMP-inhibited 3',5'-cyclic phosphodiesterase A"
2 polymer 'Schlafen family member 12'
3 non-polymer Parvine
4 non-polymer 'MAGNESIUM ION'
5 non-polymer 'ZINC ION'
#
loop_
_entity_poly.entity_id
_entity_poly.type
_entity_poly.pdbx_seq_one_letter_code
_entity_poly.pdbx_strand_id
1 'polypeptide(L)'
;KPILAPEPLVMDNLDSIMEQLNTWNFPIFDLVENIGRKCGRILSQVSYRLFEDMGLFEAFKIPIREFMNYFHALEIGYRD
IPYHNRIHATDVLHAVWYLTTQPIPGLSTVINDHGSTSDSDSDSGFTHGHMGYVFSKTYNVTDDKYGCLSGNIPALELMA
LYVAAAMHDYDHPGRTNAFLVATSAPQAVLYNDRSVLENHHAAAAWNLFMSRPEYNFLINLDHVEFKHFRFLVIEAILAT
DLKKHFDFVAKFNGKVNDDVGIDWTNENDRLLVCQMCIKLADINGPAKCKELHLQWTDGIVNEFYEQGDEEASLGLPISP
FMDRSAPQLANLQESFISHIVGPLCNSYDSAGLMPGKWVEDSDESGDTDDPEEEEEEAPAPNEEETCENNESPKKKTFKR
RKIYCQITQHLLQNHKMWKKVIEEEQRLAGIENQ
;
C,A
2 'polypeptide(L)'
;NISVDLETNYAELVLDVGRVTLGENSRKKMKDCKLRKKQNESVSRAMCALLNSGGGVIKAEIENEDYSYTKDGIGLDLEN
SFSNILLFVPEYLDFMQNGNYFLIFVKSWSLNTSGLRITTLSSNLYKRDITSAKVMNATAALEFLKDMKKTRGRLYLRPE
LLAKRPCVDIQEENNMKALAGVFFDRTELDRKEKLTFTESTHVEIKNFSTERLLQRIKEILPQYVSAFANTDGGYLFIGL
NEDKEIIGFKAEMSDLDDLEREIEKSIRKMPVHHFCMEKKKINYSCKFLGVYDKGSLCGYVCALRVERFCCAVFAKEPDS
WHVKDNRVMQLTRKEWIQFMVEAEPKFSSAYEEVISQINTSLPAPHSWPLLEWQRQRHHCPGLSGRITYTPENLCRKLFL
QHEGLKQLICEEMSSVRKGSLIFSRSWSVDLGLQENHKVLCDALLISQDSPPVLYTFHMVQDEEFKGYSTQTALTLKQKL
AKIGGYTKKVCVMTKIFYLSPEGMTSCQYDLRSQVIYPESYYFTRRKYLLKALFKALKRLKSLRDQFSFAENLYQIIGID
CFQKNDK
;
D,B
#
loop_
_chem_comp.id
_chem_comp.type
_chem_comp.name
_chem_comp.formula
J36 non-polymer Parvine 'C18 H13 N3 O'
MG non-polymer 'MAGNESIUM ION' 'Mg 2'
ZN non-polymer 'ZINC ION' 'Zn 2'
#
# COMPACT_ATOMS: atom_id res chain seq x y z
N LYS A 1 -35.91 1.29 -47.48
CA LYS A 1 -35.97 0.14 -46.57
C LYS A 1 -35.49 0.52 -45.16
N PRO A 2 -34.27 1.02 -45.03
CA PRO A 2 -33.82 1.46 -43.70
C PRO A 2 -34.59 2.68 -43.24
N ILE A 3 -34.69 2.83 -41.93
CA ILE A 3 -35.28 4.03 -41.35
C ILE A 3 -34.36 5.18 -41.67
N LEU A 4 -34.81 6.14 -42.48
CA LEU A 4 -33.93 7.26 -42.84
C LEU A 4 -34.11 8.43 -41.88
N ALA A 5 -35.26 9.09 -41.95
CA ALA A 5 -35.56 10.24 -41.11
C ALA A 5 -36.92 10.81 -41.45
N PRO A 6 -37.45 11.69 -40.63
CA PRO A 6 -38.62 12.47 -41.05
C PRO A 6 -38.25 13.41 -42.17
N GLU A 7 -39.28 13.89 -42.88
CA GLU A 7 -39.04 14.70 -44.07
C GLU A 7 -38.32 16.00 -43.75
N PRO A 8 -38.80 16.85 -42.84
CA PRO A 8 -38.01 18.00 -42.41
C PRO A 8 -37.04 17.60 -41.31
N LEU A 9 -35.82 18.12 -41.39
CA LEU A 9 -34.79 17.69 -40.46
C LEU A 9 -35.08 18.18 -39.05
N VAL A 10 -35.07 19.50 -38.85
CA VAL A 10 -35.25 20.08 -37.53
C VAL A 10 -36.59 20.80 -37.49
N MET A 11 -37.45 20.37 -36.58
CA MET A 11 -38.77 20.95 -36.47
C MET A 11 -38.73 22.25 -35.68
N ASP A 12 -39.69 23.11 -35.97
CA ASP A 12 -39.72 24.48 -35.48
C ASP A 12 -40.75 24.70 -34.38
N ASN A 13 -41.83 23.91 -34.38
CA ASN A 13 -42.91 24.13 -33.42
C ASN A 13 -42.49 23.84 -31.99
N LEU A 14 -41.39 23.12 -31.78
CA LEU A 14 -40.95 22.84 -30.41
C LEU A 14 -39.93 23.87 -29.93
N ASP A 15 -40.24 25.13 -30.14
CA ASP A 15 -39.33 26.19 -29.73
C ASP A 15 -39.87 26.85 -28.47
N SER A 16 -39.04 27.72 -27.88
CA SER A 16 -39.32 28.41 -26.63
C SER A 16 -39.22 27.49 -25.42
N ILE A 17 -39.02 26.19 -25.64
CA ILE A 17 -38.76 25.25 -24.58
C ILE A 17 -37.35 24.70 -24.66
N MET A 18 -36.85 24.48 -25.88
CA MET A 18 -35.46 24.09 -26.07
C MET A 18 -34.50 25.17 -25.60
N GLU A 19 -34.94 26.42 -25.55
CA GLU A 19 -34.08 27.48 -25.06
C GLU A 19 -33.97 27.45 -23.54
N GLN A 20 -35.03 27.04 -22.86
CA GLN A 20 -34.94 26.80 -21.42
C GLN A 20 -34.49 25.38 -21.14
N LEU A 21 -33.38 24.99 -21.77
CA LEU A 21 -32.83 23.66 -21.66
C LEU A 21 -31.58 23.60 -20.80
N ASN A 22 -31.13 24.74 -20.27
CA ASN A 22 -29.98 24.79 -19.37
C ASN A 22 -30.40 24.79 -17.91
N THR A 23 -31.64 24.41 -17.61
CA THR A 23 -32.11 24.30 -16.24
C THR A 23 -32.14 22.84 -15.82
N TRP A 24 -31.69 22.58 -14.61
CA TRP A 24 -31.61 21.20 -14.14
C TRP A 24 -32.98 20.53 -14.11
N ASN A 25 -34.04 21.29 -13.84
CA ASN A 25 -35.40 20.75 -13.84
C ASN A 25 -36.06 20.98 -15.19
N PHE A 26 -35.50 20.36 -16.21
CA PHE A 26 -36.00 20.55 -17.57
C PHE A 26 -37.40 19.97 -17.70
N PRO A 27 -38.33 20.68 -18.33
CA PRO A 27 -39.69 20.16 -18.48
C PRO A 27 -39.79 19.16 -19.61
N ILE A 28 -39.27 17.95 -19.38
CA ILE A 28 -39.12 16.99 -20.47
C ILE A 28 -40.47 16.49 -20.95
N PHE A 29 -41.40 16.23 -20.03
CA PHE A 29 -42.68 15.66 -20.43
C PHE A 29 -43.53 16.69 -21.16
N ASP A 30 -43.37 17.97 -20.83
CA ASP A 30 -44.03 19.00 -21.62
C ASP A 30 -43.53 18.99 -23.05
N LEU A 31 -42.26 18.67 -23.24
CA LEU A 31 -41.71 18.54 -24.59
C LEU A 31 -42.26 17.32 -25.29
N VAL A 32 -42.38 16.19 -24.58
CA VAL A 32 -42.98 15.00 -25.16
C VAL A 32 -44.40 15.28 -25.61
N GLU A 33 -45.14 16.07 -24.83
CA GLU A 33 -46.47 16.49 -25.28
C GLU A 33 -46.38 17.51 -26.40
N ASN A 34 -45.27 18.23 -26.47
CA ASN A 34 -45.08 19.18 -27.56
C ASN A 34 -44.78 18.47 -28.87
N ILE A 35 -43.74 17.65 -28.89
CA ILE A 35 -43.46 16.82 -30.06
C ILE A 35 -44.58 15.79 -30.24
N GLY A 36 -44.81 15.39 -31.49
CA GLY A 36 -45.76 14.34 -31.77
C GLY A 36 -45.40 13.05 -31.06
N ARG A 37 -46.21 12.68 -30.08
CA ARG A 37 -45.95 11.51 -29.26
C ARG A 37 -46.26 10.20 -29.97
N LYS A 38 -46.84 10.25 -31.18
CA LYS A 38 -47.17 9.01 -31.87
C LYS A 38 -45.92 8.31 -32.38
N CYS A 39 -45.16 8.97 -33.26
CA CYS A 39 -43.93 8.41 -33.79
C CYS A 39 -42.83 8.40 -32.74
N GLY A 40 -42.49 9.58 -32.22
CA GLY A 40 -41.42 9.71 -31.26
C GLY A 40 -40.16 10.26 -31.89
N ARG A 41 -39.90 11.55 -31.67
CA ARG A 41 -38.69 12.18 -32.19
C ARG A 41 -38.03 13.06 -31.14
N ILE A 42 -38.17 12.71 -29.87
CA ILE A 42 -37.62 13.56 -28.83
C ILE A 42 -36.10 13.45 -28.78
N LEU A 43 -35.57 12.23 -28.80
CA LEU A 43 -34.14 12.05 -28.62
C LEU A 43 -33.35 12.66 -29.77
N SER A 44 -33.82 12.48 -31.00
CA SER A 44 -33.10 13.03 -32.14
C SER A 44 -33.11 14.56 -32.10
N GLN A 45 -34.25 15.17 -31.79
CA GLN A 45 -34.31 16.63 -31.74
C GLN A 45 -33.43 17.19 -30.62
N VAL A 46 -33.52 16.60 -29.44
CA VAL A 46 -32.70 17.07 -28.32
C VAL A 46 -31.22 16.89 -28.63
N SER A 47 -30.86 15.79 -29.30
CA SER A 47 -29.47 15.56 -29.65
C SER A 47 -28.98 16.59 -30.66
N TYR A 48 -29.79 16.89 -31.67
CA TYR A 48 -29.40 17.91 -32.63
C TYR A 48 -29.19 19.25 -31.95
N ARG A 49 -30.13 19.64 -31.09
CA ARG A 49 -30.02 20.94 -30.44
C ARG A 49 -28.78 21.01 -29.57
N LEU A 50 -28.50 19.95 -28.81
CA LEU A 50 -27.34 19.97 -27.92
C LEU A 50 -26.04 19.99 -28.70
N PHE A 51 -25.95 19.21 -29.78
CA PHE A 51 -24.72 19.21 -30.55
C PHE A 51 -24.50 20.55 -31.25
N GLU A 52 -25.57 21.13 -31.82
CA GLU A 52 -25.45 22.44 -32.42
C GLU A 52 -25.07 23.49 -31.39
N ASP A 53 -25.55 23.35 -30.16
CA ASP A 53 -25.11 24.23 -29.08
C ASP A 53 -23.61 24.11 -28.85
N MET A 54 -23.13 22.88 -28.74
CA MET A 54 -21.69 22.69 -28.51
C MET A 54 -20.85 22.96 -29.74
N GLY A 55 -21.48 23.19 -30.90
CA GLY A 55 -20.71 23.41 -32.11
C GLY A 55 -19.96 22.21 -32.62
N LEU A 56 -20.30 21.01 -32.11
CA LEU A 56 -19.57 19.81 -32.51
C LEU A 56 -19.80 19.46 -33.97
N PHE A 57 -20.84 20.00 -34.61
CA PHE A 57 -21.03 19.80 -36.03
C PHE A 57 -19.94 20.46 -36.86
N GLU A 58 -19.23 21.42 -36.29
CA GLU A 58 -18.11 22.07 -36.95
C GLU A 58 -16.77 21.55 -36.48
N ALA A 59 -16.61 21.31 -35.18
CA ALA A 59 -15.34 20.85 -34.65
C ALA A 59 -14.96 19.47 -35.15
N PHE A 60 -15.90 18.71 -35.72
CA PHE A 60 -15.61 17.41 -36.27
C PHE A 60 -16.12 17.24 -37.69
N LYS A 61 -16.80 18.25 -38.23
CA LYS A 61 -17.27 18.25 -39.62
C LYS A 61 -18.19 17.06 -39.89
N ILE A 62 -19.32 17.06 -39.21
CA ILE A 62 -20.29 15.96 -39.27
C ILE A 62 -21.44 16.40 -40.17
N PRO A 63 -21.93 15.53 -41.05
CA PRO A 63 -23.12 15.88 -41.85
C PRO A 63 -24.38 15.69 -41.02
N ILE A 64 -25.23 16.72 -41.00
CA ILE A 64 -26.42 16.69 -40.15
C ILE A 64 -27.43 15.67 -40.65
N ARG A 65 -27.43 15.40 -41.96
CA ARG A 65 -28.40 14.47 -42.52
C ARG A 65 -28.19 13.07 -41.95
N GLU A 66 -26.99 12.53 -42.07
CA GLU A 66 -26.73 11.19 -41.55
C GLU A 66 -26.79 11.15 -40.04
N PHE A 67 -26.44 12.26 -39.38
CA PHE A 67 -26.62 12.35 -37.94
C PHE A 67 -28.06 12.11 -37.55
N MET A 68 -28.99 12.87 -38.15
CA MET A 68 -30.40 12.69 -37.84
C MET A 68 -30.86 11.30 -38.26
N ASN A 69 -30.31 10.76 -39.35
CA ASN A 69 -30.66 9.41 -39.77
C ASN A 69 -30.34 8.41 -38.67
N TYR A 70 -29.10 8.43 -38.19
CA TYR A 70 -28.69 7.47 -37.18
C TYR A 70 -29.51 7.63 -35.92
N PHE A 71 -29.68 8.87 -35.45
CA PHE A 71 -30.35 9.01 -34.17
C PHE A 71 -31.84 8.72 -34.27
N HIS A 72 -32.44 8.90 -35.44
CA HIS A 72 -33.83 8.50 -35.59
C HIS A 72 -33.95 6.99 -35.61
N ALA A 73 -33.01 6.30 -36.26
CA ALA A 73 -33.01 4.85 -36.18
C ALA A 73 -32.84 4.38 -34.75
N LEU A 74 -31.98 5.07 -34.00
CA LEU A 74 -31.79 4.77 -32.59
C LEU A 74 -33.08 4.91 -31.81
N GLU A 75 -33.70 6.09 -31.87
CA GLU A 75 -34.90 6.33 -31.08
C GLU A 75 -36.05 5.44 -31.51
N ILE A 76 -36.07 5.02 -32.77
CA ILE A 76 -37.06 4.02 -33.17
C ILE A 76 -36.73 2.69 -32.52
N GLY A 77 -35.45 2.42 -32.29
CA GLY A 77 -35.06 1.13 -31.73
C GLY A 77 -35.44 0.98 -30.27
N TYR A 78 -35.52 2.08 -29.53
CA TYR A 78 -35.85 2.00 -28.11
C TYR A 78 -37.22 1.40 -27.92
N ARG A 79 -37.27 0.29 -27.18
CA ARG A 79 -38.55 -0.37 -26.94
C ARG A 79 -39.50 0.57 -26.22
N ASP A 80 -40.80 0.29 -26.32
CA ASP A 80 -41.82 1.15 -25.74
C ASP A 80 -42.27 0.55 -24.42
N ILE A 81 -41.42 0.70 -23.41
CA ILE A 81 -41.71 0.19 -22.07
C ILE A 81 -41.94 1.36 -21.14
N PRO A 82 -42.33 1.15 -19.88
CA PRO A 82 -42.72 2.30 -19.05
C PRO A 82 -41.55 3.16 -18.60
N TYR A 83 -40.37 2.59 -18.36
CA TYR A 83 -39.26 3.38 -17.86
C TYR A 83 -38.11 3.49 -18.84
N HIS A 84 -37.52 2.36 -19.26
CA HIS A 84 -36.32 2.39 -20.09
C HIS A 84 -36.72 2.61 -21.55
N ASN A 85 -37.18 3.83 -21.83
CA ASN A 85 -37.59 4.19 -23.18
C ASN A 85 -36.83 5.42 -23.65
N ARG A 86 -37.23 5.98 -24.79
CA ARG A 86 -36.46 7.06 -25.39
C ARG A 86 -36.48 8.32 -24.53
N ILE A 87 -37.51 8.48 -23.70
CA ILE A 87 -37.53 9.62 -22.79
C ILE A 87 -36.42 9.50 -21.77
N HIS A 88 -36.18 8.29 -21.25
CA HIS A 88 -35.09 8.09 -20.31
C HIS A 88 -33.75 8.41 -20.95
N ALA A 89 -33.55 7.97 -22.20
CA ALA A 89 -32.31 8.28 -22.88
C ALA A 89 -32.14 9.77 -23.08
N THR A 90 -33.20 10.48 -23.47
CA THR A 90 -33.10 11.92 -23.61
C THR A 90 -32.78 12.59 -22.28
N ASP A 91 -33.36 12.08 -21.20
CA ASP A 91 -33.09 12.63 -19.88
C ASP A 91 -31.63 12.46 -19.51
N VAL A 92 -31.07 11.29 -19.78
CA VAL A 92 -29.67 11.05 -19.45
C VAL A 92 -28.77 11.92 -20.32
N LEU A 93 -29.12 12.09 -21.59
CA LEU A 93 -28.34 12.95 -22.47
C LEU A 93 -28.34 14.38 -21.96
N HIS A 94 -29.51 14.89 -21.57
CA HIS A 94 -29.58 16.26 -21.07
C HIS A 94 -28.82 16.39 -19.76
N ALA A 95 -28.89 15.38 -18.89
CA ALA A 95 -28.19 15.45 -17.62
C ALA A 95 -26.68 15.48 -17.82
N VAL A 96 -26.17 14.68 -18.76
CA VAL A 96 -24.74 14.72 -19.03
C VAL A 96 -24.34 16.05 -19.65
N TRP A 97 -25.15 16.56 -20.58
CA TRP A 97 -24.83 17.85 -21.18
C TRP A 97 -24.85 18.96 -20.15
N TYR A 98 -25.71 18.85 -19.13
CA TYR A 98 -25.69 19.83 -18.06
C TYR A 98 -24.44 19.69 -17.21
N LEU A 99 -24.15 18.47 -16.76
CA LEU A 99 -23.06 18.27 -15.82
C LEU A 99 -21.71 18.61 -16.45
N THR A 100 -21.59 18.58 -17.77
CA THR A 100 -20.30 18.83 -18.39
C THR A 100 -20.16 20.19 -19.05
N THR A 101 -21.23 20.99 -19.10
CA THR A 101 -21.15 22.30 -19.74
C THR A 101 -21.86 23.35 -18.91
N GLN A 102 -21.61 23.36 -17.60
CA GLN A 102 -22.16 24.38 -16.73
C GLN A 102 -21.10 24.78 -15.72
N PRO A 103 -21.17 26.00 -15.19
CA PRO A 103 -20.10 26.49 -14.32
C PRO A 103 -19.97 25.65 -13.06
N ILE A 104 -18.74 25.36 -12.67
CA ILE A 104 -18.47 24.55 -11.50
C ILE A 104 -17.52 25.33 -10.61
N PRO A 105 -18.00 25.90 -9.51
CA PRO A 105 -17.17 26.81 -8.69
C PRO A 105 -15.96 26.10 -8.11
N GLY A 106 -14.79 26.65 -8.38
CA GLY A 106 -13.55 26.09 -7.88
C GLY A 106 -12.88 25.18 -8.88
N LEU A 107 -13.03 25.50 -10.17
CA LEU A 107 -12.44 24.72 -11.24
C LEU A 107 -11.30 25.49 -11.91
N SER A 108 -10.49 24.75 -12.65
CA SER A 108 -9.29 25.29 -13.29
C SER A 108 -9.28 24.86 -14.76
N THR A 109 -9.94 25.62 -15.62
CA THR A 109 -9.93 25.30 -17.04
C THR A 109 -8.53 25.48 -17.60
N VAL A 110 -8.20 24.66 -18.60
CA VAL A 110 -6.88 24.64 -19.19
C VAL A 110 -6.98 24.57 -20.71
N GLY A 132 -7.98 20.75 -29.05
CA GLY A 132 -9.16 21.34 -29.64
C GLY A 132 -10.40 21.19 -28.79
N TYR A 133 -10.39 21.82 -27.62
CA TYR A 133 -11.55 21.80 -26.74
C TYR A 133 -12.70 22.56 -27.37
N VAL A 134 -13.86 22.50 -26.73
CA VAL A 134 -15.03 23.23 -27.19
C VAL A 134 -15.95 23.48 -26.01
N PHE A 135 -16.41 24.72 -25.91
CA PHE A 135 -17.26 25.17 -24.81
C PHE A 135 -18.68 25.32 -25.31
N SER A 136 -19.60 25.50 -24.36
CA SER A 136 -21.01 25.59 -24.70
C SER A 136 -21.30 26.90 -25.44
N LYS A 137 -22.58 27.14 -25.71
CA LYS A 137 -22.97 28.25 -26.58
C LYS A 137 -22.54 29.60 -26.03
N THR A 138 -23.13 30.03 -24.92
CA THR A 138 -22.74 31.32 -24.33
C THR A 138 -21.72 31.10 -23.21
N TYR A 139 -22.15 30.48 -22.12
CA TYR A 139 -21.31 30.11 -20.97
C TYR A 139 -20.75 31.32 -20.21
N ASN A 140 -20.91 32.54 -20.76
CA ASN A 140 -20.46 33.82 -20.24
C ASN A 140 -19.16 33.75 -19.45
N VAL A 141 -18.16 33.08 -20.00
CA VAL A 141 -16.94 32.73 -19.26
C VAL A 141 -15.94 33.86 -19.43
N THR A 142 -15.79 34.67 -18.39
CA THR A 142 -14.72 35.66 -18.35
C THR A 142 -14.01 35.60 -17.02
N ASP A 143 -14.71 35.16 -15.98
CA ASP A 143 -14.17 35.15 -14.64
C ASP A 143 -13.17 34.01 -14.48
N ASP A 144 -12.56 33.94 -13.30
CA ASP A 144 -11.65 32.87 -12.94
C ASP A 144 -12.13 32.12 -11.70
N LYS A 145 -13.43 32.04 -11.52
CA LYS A 145 -14.00 31.32 -10.39
C LYS A 145 -14.76 30.07 -10.80
N TYR A 146 -15.39 30.08 -11.97
CA TYR A 146 -16.16 28.96 -12.46
C TYR A 146 -15.44 28.33 -13.63
N GLY A 147 -15.22 27.02 -13.55
CA GLY A 147 -14.80 26.27 -14.72
C GLY A 147 -15.91 25.33 -15.15
N CYS A 148 -15.87 24.89 -16.40
CA CYS A 148 -16.78 23.86 -16.88
C CYS A 148 -15.94 22.68 -17.33
N LEU A 149 -16.55 21.49 -17.29
CA LEU A 149 -15.81 20.30 -17.70
C LEU A 149 -15.56 20.26 -19.20
N SER A 150 -16.22 21.11 -19.98
CA SER A 150 -15.91 21.18 -21.41
C SER A 150 -14.59 21.89 -21.67
N GLY A 151 -13.90 22.35 -20.63
CA GLY A 151 -12.61 22.97 -20.79
C GLY A 151 -11.47 22.07 -20.34
N ASN A 152 -11.79 21.09 -19.51
CA ASN A 152 -10.80 20.12 -19.05
C ASN A 152 -10.84 18.83 -19.83
N ILE A 153 -11.77 18.70 -20.76
CA ILE A 153 -12.00 17.44 -21.49
C ILE A 153 -12.05 17.74 -22.98
N PRO A 154 -11.25 17.07 -23.79
CA PRO A 154 -11.24 17.38 -25.23
C PRO A 154 -12.59 17.13 -25.86
N ALA A 155 -12.77 17.68 -27.06
CA ALA A 155 -14.05 17.59 -27.74
C ALA A 155 -14.39 16.16 -28.13
N LEU A 156 -13.39 15.36 -28.49
CA LEU A 156 -13.66 13.99 -28.89
C LEU A 156 -14.26 13.19 -27.75
N GLU A 157 -13.67 13.29 -26.56
CA GLU A 157 -14.18 12.53 -25.43
C GLU A 157 -15.56 13.00 -25.02
N LEU A 158 -15.84 14.30 -25.14
CA LEU A 158 -17.17 14.78 -24.80
C LEU A 158 -18.20 14.29 -25.80
N MET A 159 -17.89 14.31 -27.09
CA MET A 159 -18.83 13.76 -28.06
C MET A 159 -19.04 12.27 -27.82
N ALA A 160 -17.97 11.57 -27.41
CA ALA A 160 -18.10 10.16 -27.08
C ALA A 160 -19.04 9.95 -25.90
N LEU A 161 -18.92 10.79 -24.89
CA LEU A 161 -19.81 10.69 -23.74
C LEU A 161 -21.25 10.98 -24.12
N TYR A 162 -21.47 11.97 -24.98
CA TYR A 162 -22.83 12.30 -25.38
C TYR A 162 -23.46 11.16 -26.17
N VAL A 163 -22.71 10.61 -27.13
CA VAL A 163 -23.25 9.53 -27.94
C VAL A 163 -23.47 8.29 -27.10
N ALA A 164 -22.58 8.03 -26.14
CA ALA A 164 -22.78 6.88 -25.26
C ALA A 164 -24.02 7.05 -24.40
N ALA A 165 -24.28 8.27 -23.92
CA ALA A 165 -25.48 8.50 -23.15
C ALA A 165 -26.72 8.36 -24.01
N ALA A 166 -26.65 8.74 -25.28
CA ALA A 166 -27.80 8.57 -26.16
C ALA A 166 -28.14 7.09 -26.33
N MET A 167 -27.16 6.27 -26.67
CA MET A 167 -27.37 4.85 -26.88
C MET A 167 -26.77 4.08 -25.71
N HIS A 168 -27.52 4.02 -24.62
CA HIS A 168 -27.07 3.28 -23.44
C HIS A 168 -28.13 2.36 -22.89
N ASP A 169 -29.40 2.56 -23.22
CA ASP A 169 -30.47 1.67 -22.84
C ASP A 169 -31.22 1.18 -24.07
N TYR A 170 -30.50 1.08 -25.18
CA TYR A 170 -31.09 0.69 -26.46
C TYR A 170 -31.65 -0.72 -26.38
N ASP A 171 -32.83 -0.92 -26.98
CA ASP A 171 -33.45 -2.23 -27.10
C ASP A 171 -33.60 -2.90 -25.75
N HIS A 172 -33.93 -2.13 -24.74
CA HIS A 172 -34.06 -2.68 -23.40
C HIS A 172 -35.23 -3.67 -23.35
N PRO A 173 -35.03 -4.87 -22.84
CA PRO A 173 -36.14 -5.83 -22.80
C PRO A 173 -37.18 -5.50 -21.75
N GLY A 174 -36.86 -4.65 -20.79
CA GLY A 174 -37.77 -4.36 -19.70
C GLY A 174 -37.56 -5.19 -18.45
N ARG A 175 -36.46 -5.89 -18.33
CA ARG A 175 -36.15 -6.70 -17.16
C ARG A 175 -34.82 -6.25 -16.57
N THR A 176 -34.44 -6.89 -15.46
CA THR A 176 -33.15 -6.63 -14.83
C THR A 176 -32.14 -7.69 -15.24
N ASN A 177 -30.87 -7.41 -14.95
CA ASN A 177 -29.84 -8.40 -15.20
C ASN A 177 -30.11 -9.67 -14.43
N ALA A 178 -30.53 -9.54 -13.16
CA ALA A 178 -30.76 -10.71 -12.33
C ALA A 178 -31.90 -11.56 -12.85
N PHE A 179 -32.90 -10.96 -13.46
CA PHE A 179 -34.01 -11.74 -14.00
C PHE A 179 -33.56 -12.58 -15.19
N LEU A 180 -32.92 -11.94 -16.18
CA LEU A 180 -32.42 -12.67 -17.33
C LEU A 180 -31.42 -13.73 -16.91
N VAL A 181 -30.63 -13.47 -15.87
CA VAL A 181 -29.67 -14.46 -15.42
C VAL A 181 -30.37 -15.62 -14.72
N ALA A 182 -31.45 -15.34 -13.99
CA ALA A 182 -32.11 -16.39 -13.23
C ALA A 182 -32.83 -17.37 -14.14
N THR A 183 -33.67 -16.86 -15.03
CA THR A 183 -34.39 -17.74 -15.94
C THR A 183 -33.53 -18.24 -17.09
N SER A 184 -32.25 -17.87 -17.13
CA SER A 184 -31.33 -18.33 -18.18
C SER A 184 -31.86 -17.97 -19.56
N ALA A 185 -32.17 -16.69 -19.75
CA ALA A 185 -32.64 -16.25 -21.04
C ALA A 185 -31.56 -16.47 -22.09
N PRO A 186 -31.93 -16.50 -23.36
CA PRO A 186 -30.90 -16.65 -24.40
C PRO A 186 -29.90 -15.52 -24.39
N GLN A 187 -30.36 -14.31 -24.15
CA GLN A 187 -29.45 -13.17 -24.13
C GLN A 187 -28.55 -13.17 -22.92
N ALA A 188 -28.87 -13.97 -21.90
CA ALA A 188 -28.00 -14.07 -20.73
C ALA A 188 -26.95 -15.15 -20.90
N VAL A 189 -27.27 -16.19 -21.68
CA VAL A 189 -26.27 -17.20 -22.01
C VAL A 189 -25.33 -16.69 -23.08
N LEU A 190 -25.82 -15.82 -23.97
CA LEU A 190 -24.96 -15.29 -25.02
C LEU A 190 -23.82 -14.45 -24.46
N TYR A 191 -23.97 -13.88 -23.26
CA TYR A 191 -22.94 -13.03 -22.68
C TYR A 191 -22.36 -13.58 -21.40
N ASN A 192 -22.73 -14.80 -21.01
CA ASN A 192 -22.09 -15.50 -19.91
C ASN A 192 -22.38 -14.86 -18.56
N ASP A 193 -23.51 -14.16 -18.44
CA ASP A 193 -23.97 -13.64 -17.16
C ASP A 193 -23.06 -12.55 -16.62
N ARG A 194 -22.43 -11.78 -17.49
CA ARG A 194 -21.53 -10.72 -17.07
C ARG A 194 -21.91 -9.45 -17.81
N SER A 195 -22.63 -8.56 -17.12
CA SER A 195 -23.17 -7.34 -17.71
C SER A 195 -23.96 -7.66 -18.97
N VAL A 196 -25.05 -8.42 -18.77
CA VAL A 196 -25.85 -8.89 -19.90
C VAL A 196 -26.46 -7.71 -20.64
N LEU A 197 -27.22 -6.89 -19.91
CA LEU A 197 -27.96 -5.83 -20.58
C LEU A 197 -27.04 -4.78 -21.17
N GLU A 198 -25.98 -4.41 -20.48
CA GLU A 198 -25.13 -3.33 -20.97
C GLU A 198 -24.38 -3.76 -22.22
N ASN A 199 -23.84 -4.97 -22.21
CA ASN A 199 -23.20 -5.50 -23.40
C ASN A 199 -24.19 -5.59 -24.56
N HIS A 200 -25.41 -6.02 -24.27
CA HIS A 200 -26.41 -6.11 -25.32
C HIS A 200 -26.71 -4.75 -25.92
N HIS A 201 -26.83 -3.72 -25.08
CA HIS A 201 -27.12 -2.38 -25.57
C HIS A 201 -25.99 -1.87 -26.46
N ALA A 202 -24.76 -1.96 -25.98
CA ALA A 202 -23.63 -1.47 -26.76
C ALA A 202 -23.51 -2.21 -28.09
N ALA A 203 -23.64 -3.53 -28.05
CA ALA A 203 -23.48 -4.32 -29.25
C ALA A 203 -24.56 -4.01 -30.27
N ALA A 204 -25.83 -3.98 -29.84
CA ALA A 204 -26.90 -3.74 -30.79
C ALA A 204 -26.84 -2.32 -31.36
N ALA A 205 -26.48 -1.34 -30.53
CA ALA A 205 -26.37 0.03 -31.03
C ALA A 205 -25.27 0.15 -32.06
N TRP A 206 -24.08 -0.37 -31.76
CA TRP A 206 -22.98 -0.27 -32.72
C TRP A 206 -23.26 -1.08 -33.96
N ASN A 207 -23.95 -2.22 -33.83
CA ASN A 207 -24.32 -3.01 -34.99
C ASN A 207 -25.25 -2.23 -35.91
N LEU A 208 -26.27 -1.60 -35.32
CA LEU A 208 -27.16 -0.76 -36.12
C LEU A 208 -26.41 0.38 -36.77
N PHE A 209 -25.41 0.94 -36.09
CA PHE A 209 -24.63 2.02 -36.68
C PHE A 209 -23.89 1.53 -37.90
N MET A 210 -23.14 0.44 -37.75
CA MET A 210 -22.34 -0.07 -38.85
C MET A 210 -23.16 -0.71 -39.96
N SER A 211 -24.46 -0.92 -39.73
CA SER A 211 -25.27 -1.64 -40.71
C SER A 211 -25.34 -0.91 -42.05
N ARG A 212 -25.78 0.34 -42.04
CA ARG A 212 -26.00 1.04 -43.28
C ARG A 212 -24.89 2.03 -43.56
N PRO A 213 -24.72 2.44 -44.83
CA PRO A 213 -23.71 3.45 -45.15
C PRO A 213 -24.19 4.87 -44.92
N GLU A 214 -25.49 5.09 -44.78
CA GLU A 214 -26.02 6.42 -44.56
C GLU A 214 -26.09 6.81 -43.09
N TYR A 215 -26.02 5.84 -42.17
CA TYR A 215 -25.92 6.16 -40.76
C TYR A 215 -24.55 6.69 -40.39
N ASN A 216 -23.55 6.57 -41.27
CA ASN A 216 -22.18 6.88 -40.92
C ASN A 216 -22.02 8.40 -40.85
N PHE A 217 -22.23 8.93 -39.64
CA PHE A 217 -22.04 10.34 -39.38
C PHE A 217 -20.65 10.65 -38.82
N LEU A 218 -19.77 9.66 -38.77
CA LEU A 218 -18.39 9.86 -38.35
C LEU A 218 -17.44 9.71 -39.53
N ILE A 219 -17.87 10.22 -40.69
CA ILE A 219 -17.13 9.99 -41.92
C ILE A 219 -15.84 10.79 -41.95
N ASN A 220 -15.79 11.93 -41.27
CA ASN A 220 -14.64 12.81 -41.28
C ASN A 220 -13.69 12.56 -40.12
N LEU A 221 -13.79 11.40 -39.48
CA LEU A 221 -12.88 11.02 -38.42
C LEU A 221 -11.74 10.19 -38.97
N ASP A 222 -10.59 10.27 -38.31
CA ASP A 222 -9.45 9.45 -38.68
C ASP A 222 -9.71 8.00 -38.26
N HIS A 223 -8.74 7.14 -38.59
CA HIS A 223 -8.86 5.74 -38.19
C HIS A 223 -8.61 5.57 -36.71
N VAL A 224 -7.52 6.15 -36.20
CA VAL A 224 -7.23 6.07 -34.77
C VAL A 224 -8.25 6.87 -33.99
N GLU A 225 -8.73 7.97 -34.56
CA GLU A 225 -9.81 8.72 -33.93
C GLU A 225 -11.05 7.84 -33.77
N PHE A 226 -11.43 7.13 -34.82
CA PHE A 226 -12.61 6.29 -34.72
C PHE A 226 -12.40 5.16 -33.73
N LYS A 227 -11.21 4.57 -33.70
CA LYS A 227 -10.97 3.47 -32.77
C LYS A 227 -11.05 3.95 -31.32
N HIS A 228 -10.43 5.09 -31.02
CA HIS A 228 -10.51 5.63 -29.67
C HIS A 228 -11.94 6.04 -29.33
N PHE A 229 -12.68 6.59 -30.29
CA PHE A 229 -14.06 6.97 -30.05
C PHE A 229 -14.90 5.75 -29.69
N ARG A 230 -14.75 4.68 -30.47
CA ARG A 230 -15.48 3.45 -30.19
C ARG A 230 -15.14 2.90 -28.81
N PHE A 231 -13.85 2.94 -28.46
CA PHE A 231 -13.44 2.47 -27.15
C PHE A 231 -14.11 3.27 -26.05
N LEU A 232 -14.08 4.60 -26.14
CA LEU A 232 -14.65 5.43 -25.10
C LEU A 232 -16.15 5.25 -25.00
N VAL A 233 -16.83 5.10 -26.13
CA VAL A 233 -18.27 4.95 -26.10
C VAL A 233 -18.65 3.62 -25.43
N ILE A 234 -17.96 2.54 -25.78
CA ILE A 234 -18.26 1.26 -25.15
C ILE A 234 -17.96 1.32 -23.65
N GLU A 235 -16.87 2.00 -23.27
CA GLU A 235 -16.55 2.12 -21.86
C GLU A 235 -17.64 2.86 -21.10
N ALA A 236 -18.09 3.98 -21.64
CA ALA A 236 -19.15 4.74 -20.98
C ALA A 236 -20.41 3.91 -20.84
N ILE A 237 -20.80 3.19 -21.90
CA ILE A 237 -22.03 2.41 -21.82
C ILE A 237 -21.90 1.31 -20.78
N LEU A 238 -20.78 0.61 -20.75
CA LEU A 238 -20.62 -0.46 -19.78
C LEU A 238 -20.49 0.04 -18.36
N ALA A 239 -20.10 1.30 -18.17
CA ALA A 239 -19.94 1.84 -16.83
C ALA A 239 -21.25 2.02 -16.08
N THR A 240 -22.40 1.96 -16.76
CA THR A 240 -23.69 2.20 -16.13
C THR A 240 -24.35 0.93 -15.62
N ASP A 241 -23.57 -0.06 -15.24
CA ASP A 241 -24.09 -1.29 -14.65
C ASP A 241 -24.01 -1.16 -13.14
N LEU A 242 -25.16 -1.28 -12.47
CA LEU A 242 -25.18 -1.00 -11.04
C LEU A 242 -24.46 -2.05 -10.21
N LYS A 243 -24.06 -3.16 -10.80
CA LYS A 243 -23.27 -4.12 -10.05
C LYS A 243 -21.85 -3.61 -9.82
N LYS A 244 -21.40 -2.67 -10.63
CA LYS A 244 -20.08 -2.08 -10.50
C LYS A 244 -20.11 -0.77 -9.71
N HIS A 245 -21.24 -0.47 -9.06
CA HIS A 245 -21.43 0.83 -8.45
C HIS A 245 -20.40 1.09 -7.37
N PHE A 246 -20.26 0.14 -6.44
CA PHE A 246 -19.36 0.37 -5.32
C PHE A 246 -17.91 0.35 -5.74
N ASP A 247 -17.57 -0.44 -6.76
CA ASP A 247 -16.21 -0.37 -7.30
C ASP A 247 -15.91 1.01 -7.84
N PHE A 248 -16.81 1.55 -8.66
CA PHE A 248 -16.56 2.87 -9.22
C PHE A 248 -16.51 3.94 -8.14
N VAL A 249 -17.40 3.85 -7.16
CA VAL A 249 -17.44 4.85 -6.09
C VAL A 249 -16.17 4.78 -5.25
N ALA A 250 -15.71 3.57 -4.93
CA ALA A 250 -14.49 3.43 -4.13
C ALA A 250 -13.27 3.86 -4.92
N LYS A 251 -13.23 3.60 -6.22
CA LYS A 251 -12.11 4.07 -7.03
C LYS A 251 -12.08 5.58 -7.11
N PHE A 252 -13.24 6.21 -7.25
CA PHE A 252 -13.25 7.67 -7.26
C PHE A 252 -12.91 8.25 -5.91
N ASN A 253 -13.26 7.56 -4.82
CA ASN A 253 -12.86 8.02 -3.49
C ASN A 253 -11.35 7.93 -3.32
N GLY A 254 -10.76 6.81 -3.71
CA GLY A 254 -9.33 6.63 -3.57
C GLY A 254 -8.49 7.44 -4.55
N LYS A 255 -9.11 8.28 -5.37
CA LYS A 255 -8.39 9.11 -6.31
C LYS A 255 -8.52 10.59 -6.03
N VAL A 256 -9.37 11.00 -5.09
CA VAL A 256 -9.51 12.41 -4.75
C VAL A 256 -9.45 12.55 -3.23
N ASN A 257 -9.08 11.49 -2.54
CA ASN A 257 -8.90 11.52 -1.10
C ASN A 257 -7.44 11.35 -0.70
N ASP A 258 -6.77 10.34 -1.24
CA ASP A 258 -5.37 10.10 -0.90
C ASP A 258 -4.40 10.58 -1.97
N ASP A 259 -4.86 10.78 -3.19
CA ASP A 259 -3.96 11.13 -4.28
C ASP A 259 -3.84 12.65 -4.37
N VAL A 260 -3.22 13.13 -5.45
CA VAL A 260 -3.22 14.57 -5.71
C VAL A 260 -4.59 15.04 -6.13
N GLY A 261 -5.46 14.12 -6.57
CA GLY A 261 -6.77 14.46 -7.05
C GLY A 261 -6.95 14.02 -8.49
N ILE A 262 -7.69 14.81 -9.27
CA ILE A 262 -7.98 14.47 -10.65
C ILE A 262 -6.99 15.25 -11.51
N ASP A 263 -5.92 14.59 -11.92
CA ASP A 263 -5.00 15.15 -12.88
C ASP A 263 -5.67 15.22 -14.24
N TRP A 264 -6.01 16.43 -14.69
CA TRP A 264 -6.71 16.56 -15.96
C TRP A 264 -5.82 16.30 -17.17
N THR A 265 -4.59 15.85 -16.96
CA THR A 265 -3.73 15.45 -18.07
C THR A 265 -3.76 13.95 -18.29
N ASN A 266 -3.70 13.17 -17.21
CA ASN A 266 -3.69 11.72 -17.32
C ASN A 266 -5.02 11.22 -17.83
N GLU A 267 -4.99 10.46 -18.93
CA GLU A 267 -6.21 10.12 -19.64
C GLU A 267 -7.08 9.15 -18.85
N ASN A 268 -6.49 8.32 -18.00
CA ASN A 268 -7.31 7.45 -17.16
C ASN A 268 -8.15 8.26 -16.19
N ASP A 269 -7.63 9.39 -15.72
CA ASP A 269 -8.42 10.26 -14.85
C ASP A 269 -9.62 10.83 -15.58
N ARG A 270 -9.41 11.33 -16.81
CA ARG A 270 -10.53 11.84 -17.59
C ARG A 270 -11.53 10.73 -17.91
N LEU A 271 -11.05 9.52 -18.16
CA LEU A 271 -11.96 8.42 -18.43
C LEU A 271 -12.81 8.12 -17.20
N LEU A 272 -12.18 8.09 -16.02
CA LEU A 272 -12.95 7.84 -14.80
C LEU A 272 -13.94 8.96 -14.54
N VAL A 273 -13.58 10.19 -14.91
CA VAL A 273 -14.49 11.31 -14.70
C VAL A 273 -15.71 11.19 -15.59
N CYS A 274 -15.51 10.86 -16.87
CA CYS A 274 -16.65 10.67 -17.74
C CYS A 274 -17.50 9.49 -17.31
N GLN A 275 -16.87 8.42 -16.82
CA GLN A 275 -17.64 7.26 -16.35
C GLN A 275 -18.51 7.63 -15.17
N MET A 276 -17.96 8.37 -14.19
CA MET A 276 -18.77 8.77 -13.05
C MET A 276 -19.83 9.78 -13.44
N CYS A 277 -19.51 10.66 -14.39
CA CYS A 277 -20.50 11.63 -14.84
C CYS A 277 -21.70 10.93 -15.46
N ILE A 278 -21.47 9.88 -16.23
CA ILE A 278 -22.62 9.18 -16.80
C ILE A 278 -23.29 8.31 -15.76
N LYS A 279 -22.54 7.78 -14.80
CA LYS A 279 -23.16 7.00 -13.74
C LYS A 279 -24.15 7.84 -12.96
N LEU A 280 -23.82 9.11 -12.74
CA LEU A 280 -24.74 9.98 -12.02
C LEU A 280 -25.82 10.56 -12.90
N ALA A 281 -25.53 10.82 -14.17
CA ALA A 281 -26.58 11.30 -15.06
C ALA A 281 -27.60 10.22 -15.37
N ASP A 282 -27.24 8.95 -15.21
CA ASP A 282 -28.19 7.87 -15.47
C ASP A 282 -29.29 7.86 -14.42
N ILE A 283 -28.92 7.87 -13.14
CA ILE A 283 -29.89 7.85 -12.05
C ILE A 283 -29.93 9.27 -11.49
N ASN A 284 -30.83 10.08 -12.02
CA ASN A 284 -30.98 11.46 -11.57
C ASN A 284 -32.43 11.81 -11.32
N GLY A 285 -33.28 10.82 -11.15
CA GLY A 285 -34.66 11.05 -10.80
C GLY A 285 -34.76 11.75 -9.47
N PRO A 286 -34.23 11.16 -8.41
CA PRO A 286 -34.26 11.81 -7.10
C PRO A 286 -33.20 12.90 -6.94
N ALA A 287 -33.01 13.71 -7.97
CA ALA A 287 -32.20 14.91 -7.86
C ALA A 287 -32.79 16.04 -8.69
N LYS A 288 -34.07 15.93 -9.02
CA LYS A 288 -34.82 16.97 -9.71
C LYS A 288 -35.97 17.40 -8.81
N CYS A 289 -36.85 18.25 -9.33
CA CYS A 289 -38.00 18.69 -8.55
C CYS A 289 -38.88 17.51 -8.18
N LYS A 290 -39.84 17.75 -7.30
CA LYS A 290 -40.66 16.64 -6.81
C LYS A 290 -41.54 16.05 -7.89
N GLU A 291 -41.98 16.87 -8.85
CA GLU A 291 -42.89 16.35 -9.86
C GLU A 291 -42.18 15.41 -10.83
N LEU A 292 -41.05 15.84 -11.39
CA LEU A 292 -40.27 14.98 -12.26
C LEU A 292 -39.87 13.70 -11.54
N HIS A 293 -39.43 13.83 -10.29
CA HIS A 293 -39.03 12.67 -9.52
C HIS A 293 -40.20 11.71 -9.34
N LEU A 294 -41.40 12.23 -9.07
CA LEU A 294 -42.55 11.37 -8.90
C LEU A 294 -42.89 10.65 -10.18
N GLN A 295 -42.79 11.33 -11.33
CA GLN A 295 -43.12 10.69 -12.60
C GLN A 295 -42.14 9.58 -12.93
N TRP A 296 -40.84 9.84 -12.80
CA TRP A 296 -39.85 8.81 -13.03
C TRP A 296 -40.06 7.62 -12.09
N THR A 297 -40.43 7.91 -10.84
CA THR A 297 -40.67 6.82 -9.90
C THR A 297 -41.86 5.97 -10.32
N ASP A 298 -42.93 6.61 -10.78
CA ASP A 298 -44.06 5.86 -11.32
C ASP A 298 -43.62 4.95 -12.45
N GLY A 299 -42.81 5.47 -13.37
CA GLY A 299 -42.36 4.66 -14.49
C GLY A 299 -41.57 3.44 -14.04
N ILE A 300 -40.55 3.65 -13.22
CA ILE A 300 -39.69 2.56 -12.80
C ILE A 300 -40.49 1.51 -12.02
N VAL A 301 -41.39 1.95 -11.15
CA VAL A 301 -42.11 0.97 -10.37
C VAL A 301 -43.11 0.21 -11.24
N ASN A 302 -43.67 0.86 -12.27
CA ASN A 302 -44.56 0.13 -13.18
C ASN A 302 -43.80 -0.94 -13.93
N GLU A 303 -42.58 -0.64 -14.36
CA GLU A 303 -41.77 -1.66 -15.03
C GLU A 303 -41.47 -2.81 -14.08
N PHE A 304 -41.18 -2.50 -12.82
CA PHE A 304 -40.94 -3.56 -11.85
C PHE A 304 -42.17 -4.44 -11.69
N TYR A 305 -43.36 -3.83 -11.66
CA TYR A 305 -44.59 -4.60 -11.53
C TYR A 305 -44.80 -5.51 -12.72
N GLU A 306 -44.53 -5.00 -13.93
CA GLU A 306 -44.62 -5.85 -15.12
C GLU A 306 -43.71 -7.06 -15.00
N GLN A 307 -42.46 -6.83 -14.59
CA GLN A 307 -41.54 -7.95 -14.42
C GLN A 307 -42.05 -8.93 -13.38
N GLY A 308 -42.67 -8.42 -12.32
CA GLY A 308 -43.20 -9.30 -11.30
C GLY A 308 -44.35 -10.14 -11.81
N ASP A 309 -45.20 -9.56 -12.66
CA ASP A 309 -46.23 -10.34 -13.32
C ASP A 309 -45.62 -11.48 -14.14
N GLU A 310 -44.68 -11.15 -15.02
CA GLU A 310 -44.07 -12.18 -15.86
C GLU A 310 -43.29 -13.20 -15.04
N GLU A 311 -42.85 -12.84 -13.84
CA GLU A 311 -42.04 -13.74 -13.04
C GLU A 311 -42.87 -14.59 -12.12
N ALA A 312 -44.10 -14.16 -11.81
CA ALA A 312 -45.05 -15.05 -11.15
C ALA A 312 -45.70 -15.98 -12.15
N SER A 313 -45.81 -15.55 -13.40
CA SER A 313 -46.37 -16.42 -14.44
C SER A 313 -45.52 -17.66 -14.65
N LEU A 314 -44.22 -17.58 -14.37
CA LEU A 314 -43.32 -18.72 -14.56
C LEU A 314 -43.23 -19.62 -13.34
N GLY A 315 -43.82 -19.23 -12.22
CA GLY A 315 -43.69 -19.99 -11.00
C GLY A 315 -42.50 -19.62 -10.15
N LEU A 316 -41.71 -18.63 -10.55
CA LEU A 316 -40.62 -18.17 -9.72
C LEU A 316 -41.17 -17.38 -8.54
N PRO A 317 -40.47 -17.38 -7.41
CA PRO A 317 -40.90 -16.54 -6.28
C PRO A 317 -40.82 -15.07 -6.66
N ILE A 318 -41.87 -14.33 -6.34
CA ILE A 318 -41.93 -12.93 -6.72
C ILE A 318 -40.83 -12.17 -5.99
N SER A 319 -40.04 -11.41 -6.75
CA SER A 319 -38.92 -10.69 -6.19
C SER A 319 -39.40 -9.59 -5.25
N PRO A 320 -38.49 -9.02 -4.47
CA PRO A 320 -38.87 -7.91 -3.59
C PRO A 320 -39.20 -6.67 -4.40
N PHE A 321 -40.17 -5.91 -3.91
CA PHE A 321 -40.60 -4.62 -4.48
C PHE A 321 -41.29 -4.75 -5.82
N MET A 322 -41.48 -5.96 -6.35
CA MET A 322 -42.05 -6.16 -7.68
C MET A 322 -43.37 -6.88 -7.59
N ASP A 323 -44.19 -6.51 -6.61
CA ASP A 323 -45.48 -7.13 -6.38
C ASP A 323 -46.55 -6.04 -6.44
N ARG A 324 -47.34 -6.03 -7.52
CA ARG A 324 -48.36 -5.01 -7.67
C ARG A 324 -49.54 -5.19 -6.72
N SER A 325 -49.58 -6.29 -5.96
CA SER A 325 -50.59 -6.45 -4.94
C SER A 325 -50.15 -5.90 -3.58
N ALA A 326 -48.85 -5.97 -3.27
CA ALA A 326 -48.33 -5.51 -1.99
C ALA A 326 -47.12 -4.61 -2.24
N PRO A 327 -47.36 -3.43 -2.80
CA PRO A 327 -46.22 -2.55 -3.10
C PRO A 327 -45.56 -2.01 -1.85
N GLN A 328 -44.28 -1.66 -2.00
CA GLN A 328 -43.49 -1.03 -0.96
C GLN A 328 -42.68 0.10 -1.56
N LEU A 329 -43.37 0.94 -2.34
CA LEU A 329 -42.73 1.95 -3.16
C LEU A 329 -41.84 2.89 -2.34
N ALA A 330 -42.36 3.37 -1.21
CA ALA A 330 -41.59 4.30 -0.41
C ALA A 330 -40.32 3.65 0.13
N ASN A 331 -40.42 2.39 0.55
CA ASN A 331 -39.24 1.66 1.00
C ASN A 331 -38.20 1.59 -0.12
N LEU A 332 -38.63 1.23 -1.32
CA LEU A 332 -37.72 1.15 -2.46
C LEU A 332 -37.02 2.47 -2.70
N GLN A 333 -37.80 3.56 -2.77
CA GLN A 333 -37.19 4.83 -3.18
C GLN A 333 -36.30 5.37 -2.08
N GLU A 334 -36.66 5.16 -0.81
CA GLU A 334 -35.82 5.63 0.28
C GLU A 334 -34.52 4.82 0.34
N SER A 335 -34.61 3.49 0.24
CA SER A 335 -33.41 2.67 0.24
C SER A 335 -32.51 3.03 -0.92
N PHE A 336 -33.09 3.28 -2.08
CA PHE A 336 -32.30 3.67 -3.25
C PHE A 336 -31.58 4.98 -2.99
N ILE A 337 -32.32 6.01 -2.57
CA ILE A 337 -31.71 7.32 -2.36
C ILE A 337 -30.64 7.26 -1.29
N SER A 338 -30.78 6.37 -0.31
CA SER A 338 -29.81 6.32 0.77
C SER A 338 -28.58 5.52 0.40
N HIS A 339 -28.73 4.44 -0.36
CA HIS A 339 -27.62 3.52 -0.62
C HIS A 339 -26.92 3.76 -1.93
N ILE A 340 -27.61 4.18 -2.99
CA ILE A 340 -26.99 4.31 -4.30
C ILE A 340 -26.74 5.76 -4.65
N VAL A 341 -27.80 6.56 -4.75
CA VAL A 341 -27.61 7.92 -5.23
C VAL A 341 -26.92 8.79 -4.19
N GLY A 342 -27.03 8.44 -2.91
CA GLY A 342 -26.45 9.24 -1.86
C GLY A 342 -24.95 9.24 -1.89
N PRO A 343 -24.34 8.09 -1.62
CA PRO A 343 -22.87 8.00 -1.66
C PRO A 343 -22.28 8.41 -2.99
N LEU A 344 -23.00 8.20 -4.09
CA LEU A 344 -22.46 8.62 -5.38
C LEU A 344 -22.38 10.14 -5.48
N CYS A 345 -23.43 10.84 -5.03
CA CYS A 345 -23.36 12.30 -5.03
C CYS A 345 -22.31 12.81 -4.07
N ASN A 346 -22.16 12.15 -2.91
CA ASN A 346 -21.14 12.59 -1.97
C ASN A 346 -19.74 12.41 -2.54
N SER A 347 -19.50 11.31 -3.26
CA SER A 347 -18.20 11.13 -3.88
C SER A 347 -17.97 12.12 -5.01
N TYR A 348 -18.99 12.34 -5.85
CA TYR A 348 -18.88 13.27 -6.95
C TYR A 348 -18.77 14.71 -6.49
N ASP A 349 -19.18 15.00 -5.25
CA ASP A 349 -19.11 16.36 -4.72
C ASP A 349 -17.86 16.61 -3.89
N SER A 350 -17.34 15.58 -3.21
CA SER A 350 -16.09 15.74 -2.49
C SER A 350 -14.93 16.05 -3.42
N ALA A 351 -15.02 15.66 -4.68
CA ALA A 351 -14.05 16.03 -5.69
C ALA A 351 -14.32 17.40 -6.27
N GLY A 352 -15.36 18.08 -5.80
CA GLY A 352 -15.65 19.42 -6.25
C GLY A 352 -15.99 19.50 -7.71
N LEU A 353 -16.95 18.69 -8.15
CA LEU A 353 -17.40 18.69 -9.52
C LEU A 353 -18.88 18.98 -9.69
N MET A 354 -19.64 19.00 -8.62
CA MET A 354 -21.07 19.28 -8.74
C MET A 354 -21.27 20.75 -9.09
N PRO A 355 -22.07 21.07 -10.11
CA PRO A 355 -22.19 22.47 -10.54
C PRO A 355 -23.04 23.27 -9.56
N GLY A 356 -22.53 24.43 -9.17
CA GLY A 356 -23.22 25.26 -8.22
C GLY A 356 -22.82 26.72 -8.37
N LYS A 357 -23.20 27.51 -7.37
CA LYS A 357 -22.93 28.94 -7.37
C LYS A 357 -22.53 29.40 -5.99
N TRP A 358 -21.80 30.51 -5.94
CA TRP A 358 -21.47 31.14 -4.68
C TRP A 358 -22.67 31.91 -4.14
N VAL A 359 -22.74 32.00 -2.81
CA VAL A 359 -23.76 32.78 -2.12
C VAL A 359 -23.04 33.81 -1.27
N GLU A 360 -23.61 35.01 -1.20
CA GLU A 360 -23.02 36.09 -0.41
C GLU A 360 -23.61 36.12 1.00
N LYS A 402 -21.92 28.87 1.55
CA LYS A 402 -21.10 29.73 0.70
C LYS A 402 -21.32 29.42 -0.77
N ILE A 403 -21.67 28.16 -1.05
CA ILE A 403 -21.94 27.69 -2.41
C ILE A 403 -23.18 26.81 -2.35
N TYR A 404 -24.15 27.11 -3.21
CA TYR A 404 -25.48 26.51 -3.18
C TYR A 404 -25.60 25.49 -4.31
N CYS A 405 -25.68 24.22 -3.96
CA CYS A 405 -25.79 23.13 -4.93
C CYS A 405 -27.24 22.69 -4.97
N GLN A 406 -27.89 22.93 -6.11
CA GLN A 406 -29.31 22.62 -6.24
C GLN A 406 -29.56 21.12 -6.21
N ILE A 407 -28.64 20.35 -6.76
CA ILE A 407 -28.84 18.91 -6.91
C ILE A 407 -28.90 18.23 -5.56
N THR A 408 -27.90 18.48 -4.72
CA THR A 408 -27.90 17.87 -3.38
C THR A 408 -29.09 18.33 -2.57
N GLN A 409 -29.54 19.58 -2.78
CA GLN A 409 -30.72 20.07 -2.10
C GLN A 409 -31.95 19.25 -2.48
N HIS A 410 -32.17 19.09 -3.79
CA HIS A 410 -33.29 18.29 -4.25
C HIS A 410 -33.21 16.86 -3.71
N LEU A 411 -32.01 16.32 -3.65
CA LEU A 411 -31.83 14.96 -3.16
C LEU A 411 -32.22 14.84 -1.70
N LEU A 412 -31.74 15.77 -0.87
CA LEU A 412 -32.09 15.75 0.55
C LEU A 412 -33.59 15.93 0.75
N GLN A 413 -34.20 16.86 0.02
CA GLN A 413 -35.63 17.10 0.20
C GLN A 413 -36.45 15.88 -0.17
N ASN A 414 -36.09 15.23 -1.29
CA ASN A 414 -36.84 14.04 -1.68
C ASN A 414 -36.67 12.92 -0.67
N HIS A 415 -35.46 12.77 -0.13
CA HIS A 415 -35.26 11.75 0.90
C HIS A 415 -36.10 12.03 2.14
N LYS A 416 -36.18 13.30 2.54
CA LYS A 416 -36.96 13.62 3.71
C LYS A 416 -38.44 13.37 3.48
N MET A 417 -38.93 13.65 2.27
CA MET A 417 -40.31 13.34 1.94
C MET A 417 -40.58 11.84 2.07
N TRP A 418 -39.67 11.03 1.52
CA TRP A 418 -39.88 9.59 1.59
C TRP A 418 -39.81 9.08 3.02
N LYS A 419 -38.98 9.69 3.86
CA LYS A 419 -38.91 9.24 5.24
C LYS A 419 -40.10 9.70 6.06
N LYS A 420 -40.75 10.83 5.68
CA LYS A 420 -42.10 11.16 6.19
C LYS A 420 -43.11 10.07 5.84
N VAL A 421 -43.17 9.69 4.57
CA VAL A 421 -44.17 8.70 4.16
C VAL A 421 -43.91 7.36 4.86
N ILE A 422 -42.63 6.99 4.97
CA ILE A 422 -42.28 5.74 5.64
C ILE A 422 -42.74 5.75 7.09
N GLU A 423 -42.40 6.81 7.82
CA GLU A 423 -42.77 6.88 9.23
C GLU A 423 -44.27 6.89 9.42
N GLU A 424 -44.99 7.63 8.57
CA GLU A 424 -46.43 7.71 8.69
C GLU A 424 -47.08 6.35 8.48
N GLU A 425 -46.73 5.68 7.39
CA GLU A 425 -47.30 4.36 7.12
C GLU A 425 -46.91 3.35 8.20
N GLN A 426 -45.65 3.38 8.62
CA GLN A 426 -45.17 2.45 9.64
C GLN A 426 -45.93 2.64 10.95
N ARG A 427 -46.11 3.89 11.37
CA ARG A 427 -46.82 4.18 12.61
C ARG A 427 -48.28 3.76 12.52
N LEU A 428 -48.94 4.08 11.41
CA LEU A 428 -50.34 3.71 11.27
C LEU A 428 -50.52 2.19 11.30
N ALA A 429 -49.62 1.47 10.62
CA ALA A 429 -49.69 0.02 10.65
C ALA A 429 -49.44 -0.52 12.05
N GLY A 430 -48.49 0.08 12.78
CA GLY A 430 -48.24 -0.36 14.14
C GLY A 430 -49.41 -0.10 15.06
N ILE A 431 -50.12 1.02 14.84
CA ILE A 431 -51.31 1.30 15.63
C ILE A 431 -52.40 0.28 15.35
N GLU A 432 -52.76 0.12 14.07
CA GLU A 432 -53.89 -0.75 13.74
C GLU A 432 -53.61 -2.20 14.09
N ASN A 433 -52.42 -2.69 13.73
CA ASN A 433 -52.06 -4.07 14.02
C ASN A 433 -52.04 -4.36 15.51
N GLN A 434 -51.83 -3.35 16.35
CA GLN A 434 -51.81 -3.53 17.80
C GLN A 434 -50.67 -4.45 18.24
N ASN B 1 6.96 -8.55 42.30
CA ASN B 1 6.53 -8.81 40.94
C ASN B 1 5.33 -7.99 40.58
N ILE B 2 4.68 -8.33 39.47
CA ILE B 2 3.53 -7.61 38.95
C ILE B 2 2.41 -8.59 38.76
N SER B 3 1.23 -8.26 39.26
CA SER B 3 0.10 -9.16 39.26
C SER B 3 -1.18 -8.40 38.96
N VAL B 4 -2.07 -9.03 38.20
CA VAL B 4 -3.32 -8.38 37.84
C VAL B 4 -4.18 -8.21 39.09
N ASP B 5 -4.85 -7.07 39.19
CA ASP B 5 -5.64 -6.75 40.37
C ASP B 5 -7.08 -7.21 40.14
N LEU B 6 -7.41 -8.38 40.68
CA LEU B 6 -8.70 -9.01 40.40
C LEU B 6 -9.84 -8.46 41.23
N GLU B 7 -9.56 -7.63 42.23
CA GLU B 7 -10.59 -7.13 43.15
C GLU B 7 -10.80 -5.64 43.01
N THR B 8 -10.85 -5.15 41.78
CA THR B 8 -11.16 -3.77 41.48
C THR B 8 -12.41 -3.71 40.62
N ASN B 9 -13.23 -2.68 40.83
CA ASN B 9 -14.46 -2.56 40.08
C ASN B 9 -14.27 -1.79 38.78
N TYR B 10 -13.06 -1.78 38.24
CA TYR B 10 -12.81 -1.20 36.93
C TYR B 10 -13.08 -2.24 35.86
N ALA B 11 -13.58 -1.76 34.72
CA ALA B 11 -13.75 -2.61 33.55
C ALA B 11 -12.49 -2.58 32.70
N GLU B 12 -11.39 -3.03 33.28
CA GLU B 12 -10.08 -2.87 32.65
C GLU B 12 -9.09 -3.82 33.29
N LEU B 13 -7.90 -3.87 32.70
CA LEU B 13 -6.76 -4.55 33.30
C LEU B 13 -6.11 -3.59 34.27
N VAL B 14 -6.01 -3.98 35.53
CA VAL B 14 -5.43 -3.13 36.55
C VAL B 14 -4.22 -3.84 37.12
N LEU B 15 -3.04 -3.41 36.73
CA LEU B 15 -1.79 -3.98 37.22
C LEU B 15 -1.42 -3.33 38.54
N ASP B 16 -0.88 -4.13 39.44
CA ASP B 16 -0.48 -3.69 40.77
C ASP B 16 1.02 -3.79 40.87
N VAL B 17 1.70 -2.64 40.99
CA VAL B 17 3.15 -2.61 40.97
C VAL B 17 3.74 -2.45 42.37
N GLY B 18 2.93 -2.56 43.41
CA GLY B 18 3.45 -2.45 44.75
C GLY B 18 3.63 -1.01 45.20
N ARG B 19 4.57 -0.82 46.12
CA ARG B 19 4.83 0.50 46.68
C ARG B 19 5.82 1.26 45.82
N VAL B 20 5.60 2.57 45.67
CA VAL B 20 6.45 3.39 44.81
C VAL B 20 6.51 4.81 45.32
N THR B 21 7.71 5.30 45.61
CA THR B 21 7.88 6.70 45.96
C THR B 21 7.48 7.58 44.79
N LEU B 22 7.07 8.80 45.10
CA LEU B 22 6.67 9.72 44.05
C LEU B 22 7.06 11.13 44.46
N GLY B 23 6.91 12.05 43.52
CA GLY B 23 7.36 13.41 43.74
C GLY B 23 8.78 13.55 43.26
N GLU B 24 9.11 14.68 42.63
CA GLU B 24 10.46 14.80 42.06
C GLU B 24 11.49 14.97 43.16
N ASN B 25 11.20 15.80 44.16
CA ASN B 25 12.15 16.01 45.24
C ASN B 25 12.38 14.74 46.05
N SER B 26 11.35 13.92 46.21
CA SER B 26 11.53 12.72 47.02
C SER B 26 12.13 11.58 46.21
N ARG B 27 11.84 11.50 44.91
CA ARG B 27 12.55 10.53 44.09
C ARG B 27 14.01 10.87 44.00
N LYS B 28 14.34 12.16 43.98
CA LYS B 28 15.74 12.57 44.02
C LYS B 28 16.36 12.23 45.37
N LYS B 29 15.75 12.70 46.45
CA LYS B 29 16.26 12.56 47.81
C LYS B 29 16.26 11.13 48.32
N MET B 30 15.68 10.19 47.57
CA MET B 30 15.60 8.81 48.04
C MET B 30 17.01 8.24 48.19
N LYS B 31 17.38 7.88 49.41
CA LYS B 31 18.74 7.42 49.69
C LYS B 31 18.91 5.94 49.43
N ASP B 32 18.51 5.49 48.24
CA ASP B 32 18.73 4.10 47.85
C ASP B 32 18.55 4.04 46.35
N CYS B 33 19.67 4.07 45.61
CA CYS B 33 19.57 4.09 44.16
C CYS B 33 19.10 2.74 43.62
N LYS B 34 19.45 1.65 44.29
CA LYS B 34 19.04 0.34 43.80
C LYS B 34 17.53 0.18 43.85
N LEU B 35 16.92 0.54 44.98
CA LEU B 35 15.47 0.42 45.08
C LEU B 35 14.77 1.36 44.10
N ARG B 36 15.33 2.54 43.90
CA ARG B 36 14.75 3.48 42.94
C ARG B 36 14.75 2.88 41.54
N LYS B 37 15.88 2.31 41.12
CA LYS B 37 15.94 1.72 39.78
C LYS B 37 15.01 0.51 39.68
N LYS B 38 14.89 -0.25 40.78
CA LYS B 38 13.98 -1.39 40.75
C LYS B 38 12.53 -0.93 40.56
N GLN B 39 12.12 0.10 41.30
CA GLN B 39 10.77 0.64 41.14
C GLN B 39 10.54 1.15 39.74
N ASN B 40 11.53 1.85 39.18
CA ASN B 40 11.37 2.40 37.83
C ASN B 40 11.20 1.28 36.81
N GLU B 41 12.04 0.26 36.88
CA GLU B 41 11.91 -0.83 35.91
C GLU B 41 10.59 -1.57 36.09
N SER B 42 10.09 -1.65 37.33
CA SER B 42 8.81 -2.30 37.55
C SER B 42 7.67 -1.52 36.89
N VAL B 43 7.63 -0.21 37.12
CA VAL B 43 6.60 0.62 36.50
C VAL B 43 6.70 0.55 34.98
N SER B 44 7.93 0.50 34.45
CA SER B 44 8.08 0.49 33.01
C SER B 44 7.64 -0.84 32.42
N ARG B 45 7.92 -1.95 33.11
CA ARG B 45 7.39 -3.24 32.67
C ARG B 45 5.88 -3.21 32.63
N ALA B 46 5.24 -2.68 33.68
CA ALA B 46 3.79 -2.61 33.70
C ALA B 46 3.26 -1.77 32.55
N MET B 47 3.89 -0.64 32.29
CA MET B 47 3.41 0.24 31.23
C MET B 47 3.56 -0.39 29.86
N CYS B 48 4.70 -1.03 29.59
CA CYS B 48 4.86 -1.71 28.31
C CYS B 48 3.85 -2.83 28.17
N ALA B 49 3.60 -3.57 29.24
CA ALA B 49 2.65 -4.68 29.17
C ALA B 49 1.24 -4.18 28.87
N LEU B 50 0.85 -3.08 29.48
CA LEU B 50 -0.47 -2.54 29.18
C LEU B 50 -0.54 -1.94 27.80
N LEU B 51 0.57 -1.40 27.29
CA LEU B 51 0.54 -0.85 25.94
C LEU B 51 0.39 -1.96 24.91
N ASN B 52 1.04 -3.10 25.14
CA ASN B 52 1.03 -4.16 24.14
C ASN B 52 -0.28 -4.91 24.10
N SER B 53 -1.10 -4.86 25.15
CA SER B 53 -2.32 -5.67 25.23
C SER B 53 -3.51 -4.78 25.59
N GLY B 54 -4.12 -4.17 24.59
CA GLY B 54 -5.26 -3.31 24.86
C GLY B 54 -4.86 -2.14 25.72
N GLY B 55 -5.78 -1.70 26.55
CA GLY B 55 -5.50 -0.65 27.50
C GLY B 55 -5.17 -1.20 28.87
N GLY B 56 -5.39 -0.39 29.89
CA GLY B 56 -5.14 -0.83 31.24
C GLY B 56 -5.10 0.35 32.19
N VAL B 57 -4.65 0.07 33.40
CA VAL B 57 -4.42 1.09 34.42
C VAL B 57 -3.40 0.55 35.38
N ILE B 58 -2.38 1.35 35.68
CA ILE B 58 -1.31 0.96 36.59
C ILE B 58 -1.61 1.54 37.95
N LYS B 59 -1.61 0.69 38.96
CA LYS B 59 -1.97 1.08 40.32
C LYS B 59 -0.78 0.85 41.22
N ALA B 60 -0.28 1.93 41.82
CA ALA B 60 0.87 1.86 42.72
C ALA B 60 0.53 2.57 44.01
N GLU B 61 0.88 1.96 45.13
CA GLU B 61 0.59 2.54 46.43
C GLU B 61 1.65 3.58 46.78
N ILE B 62 1.22 4.77 47.17
CA ILE B 62 2.16 5.84 47.48
C ILE B 62 2.97 5.44 48.69
N GLU B 63 4.28 5.30 48.49
CA GLU B 63 5.13 4.80 49.57
C GLU B 63 5.37 5.85 50.64
N ASN B 64 5.86 7.02 50.25
CA ASN B 64 6.09 8.07 51.24
C ASN B 64 4.77 8.54 51.82
N GLU B 65 4.84 9.02 53.06
CA GLU B 65 3.62 9.31 53.82
C GLU B 65 2.91 10.56 53.31
N ASP B 66 3.66 11.52 52.77
CA ASP B 66 3.11 12.81 52.38
C ASP B 66 3.34 12.96 50.88
N TYR B 67 2.26 12.93 50.12
CA TYR B 67 2.32 13.17 48.70
C TYR B 67 1.10 13.98 48.30
N SER B 68 1.28 14.88 47.33
CA SER B 68 0.16 15.69 46.85
C SER B 68 -0.07 15.57 45.36
N TYR B 69 1.00 15.55 44.56
CA TYR B 69 0.95 15.50 43.10
C TYR B 69 0.50 16.84 42.51
N THR B 70 0.00 17.74 43.32
CA THR B 70 -0.21 19.09 42.84
C THR B 70 0.93 20.00 43.26
N LYS B 71 1.82 19.52 44.12
CA LYS B 71 3.02 20.27 44.47
C LYS B 71 4.25 19.38 44.52
N ASP B 72 4.20 18.20 43.94
CA ASP B 72 5.34 17.29 43.94
C ASP B 72 5.64 16.67 42.59
N GLY B 73 4.75 16.76 41.62
CA GLY B 73 5.03 16.13 40.35
C GLY B 73 5.07 14.62 40.47
N ILE B 74 5.77 14.00 39.54
CA ILE B 74 5.97 12.55 39.52
C ILE B 74 7.42 12.19 39.82
N GLY B 75 8.35 12.72 39.04
CA GLY B 75 9.74 12.35 39.18
C GLY B 75 10.49 12.81 37.95
N LEU B 76 11.70 12.28 37.77
CA LEU B 76 12.45 12.65 36.58
C LEU B 76 13.03 11.42 35.91
N ASP B 77 13.13 10.31 36.64
CA ASP B 77 13.46 9.05 36.00
C ASP B 77 12.21 8.39 35.43
N LEU B 78 11.10 8.50 36.13
CA LEU B 78 9.84 7.97 35.62
C LEU B 78 9.44 8.69 34.34
N GLU B 79 9.56 10.01 34.31
CA GLU B 79 9.24 10.75 33.09
C GLU B 79 10.17 10.35 31.95
N ASN B 80 11.44 10.12 32.26
CA ASN B 80 12.36 9.70 31.22
C ASN B 80 11.96 8.36 30.63
N SER B 81 11.59 7.41 31.47
CA SER B 81 11.16 6.11 30.95
C SER B 81 9.90 6.24 30.10
N PHE B 82 8.91 6.99 30.60
CA PHE B 82 7.68 7.20 29.85
C PHE B 82 7.96 7.79 28.48
N SER B 83 8.73 8.88 28.44
CA SER B 83 9.07 9.48 27.17
C SER B 83 9.90 8.58 26.29
N ASN B 84 10.68 7.66 26.86
CA ASN B 84 11.47 6.77 26.03
C ASN B 84 10.59 5.77 25.30
N ILE B 85 9.58 5.22 25.98
CA ILE B 85 8.73 4.23 25.32
C ILE B 85 7.82 4.89 24.29
N LEU B 86 7.18 5.97 24.67
CA LEU B 86 6.17 6.63 23.86
C LEU B 86 6.75 7.83 23.13
N LEU B 87 6.25 8.05 21.92
CA LEU B 87 6.62 9.27 21.21
C LEU B 87 5.99 10.50 21.86
N PHE B 88 4.66 10.55 21.87
CA PHE B 88 3.92 11.63 22.49
C PHE B 88 3.25 11.11 23.74
N VAL B 89 3.59 11.69 24.88
CA VAL B 89 3.14 11.19 26.18
C VAL B 89 1.69 11.56 26.44
N PRO B 90 1.28 12.83 26.36
CA PRO B 90 -0.11 13.17 26.71
C PRO B 90 -1.16 12.53 25.85
N GLU B 91 -0.78 11.86 24.78
CA GLU B 91 -1.68 11.11 23.92
C GLU B 91 -1.91 9.69 24.42
N TYR B 92 -1.11 9.21 25.36
CA TYR B 92 -1.20 7.82 25.79
C TYR B 92 -1.39 7.67 27.28
N LEU B 93 -1.03 8.67 28.07
CA LEU B 93 -1.06 8.53 29.51
C LEU B 93 -1.92 9.59 30.16
N ASP B 94 -2.43 9.26 31.34
CA ASP B 94 -3.14 10.21 32.19
C ASP B 94 -2.86 9.83 33.62
N PHE B 95 -2.47 10.80 34.43
CA PHE B 95 -2.10 10.54 35.81
C PHE B 95 -3.19 11.02 36.74
N MET B 96 -3.43 10.26 37.80
CA MET B 96 -4.51 10.55 38.72
C MET B 96 -4.16 9.97 40.08
N GLN B 97 -4.12 10.82 41.09
CA GLN B 97 -3.93 10.36 42.45
C GLN B 97 -5.29 10.22 43.12
N ASN B 98 -5.57 9.03 43.65
CA ASN B 98 -6.86 8.76 44.28
C ASN B 98 -6.58 8.34 45.72
N GLY B 99 -6.47 9.31 46.61
CA GLY B 99 -6.25 9.00 48.00
C GLY B 99 -4.86 8.46 48.27
N ASN B 100 -4.78 7.16 48.53
CA ASN B 100 -3.52 6.50 48.85
C ASN B 100 -2.99 5.68 47.69
N TYR B 101 -3.36 6.04 46.47
CA TYR B 101 -2.90 5.32 45.29
C TYR B 101 -2.60 6.31 44.20
N PHE B 102 -1.70 5.94 43.29
CA PHE B 102 -1.36 6.73 42.12
C PHE B 102 -1.68 5.92 40.89
N LEU B 103 -2.66 6.34 40.12
CA LEU B 103 -3.13 5.59 38.96
C LEU B 103 -2.62 6.21 37.68
N ILE B 104 -2.29 5.35 36.71
CA ILE B 104 -1.82 5.77 35.39
C ILE B 104 -2.67 5.05 34.37
N PHE B 105 -3.47 5.79 33.61
CA PHE B 105 -4.37 5.20 32.63
C PHE B 105 -3.66 5.15 31.29
N VAL B 106 -3.48 3.95 30.75
CA VAL B 106 -2.66 3.72 29.58
C VAL B 106 -3.54 3.35 28.40
N LYS B 107 -3.48 4.16 27.35
CA LYS B 107 -4.14 3.83 26.09
C LYS B 107 -3.44 2.63 25.46
N SER B 108 -4.06 2.07 24.44
CA SER B 108 -3.50 0.92 23.73
C SER B 108 -2.62 1.38 22.60
N TRP B 109 -1.54 0.65 22.35
CA TRP B 109 -0.62 1.04 21.30
C TRP B 109 -1.28 0.87 19.94
N SER B 110 -1.27 1.93 19.14
CA SER B 110 -1.98 1.97 17.87
C SER B 110 -0.99 2.10 16.72
N LEU B 111 -1.27 1.40 15.64
CA LEU B 111 -0.42 1.46 14.45
C LEU B 111 -0.32 2.88 13.93
N ASN B 112 0.90 3.37 13.77
CA ASN B 112 1.12 4.72 13.28
C ASN B 112 2.00 4.68 12.05
N THR B 113 2.48 5.84 11.62
CA THR B 113 3.29 5.91 10.42
C THR B 113 4.61 5.16 10.56
N SER B 114 5.11 5.01 11.79
CA SER B 114 6.42 4.37 11.97
C SER B 114 6.40 2.91 11.52
N GLY B 115 5.23 2.28 11.54
CA GLY B 115 5.12 0.89 11.16
C GLY B 115 5.29 -0.08 12.30
N LEU B 116 5.53 0.39 13.51
CA LEU B 116 5.67 -0.49 14.66
C LEU B 116 4.34 -1.14 14.99
N ARG B 117 4.41 -2.37 15.50
CA ARG B 117 3.23 -3.07 15.95
C ARG B 117 3.20 -3.31 17.45
N ILE B 118 4.34 -3.21 18.14
CA ILE B 118 4.41 -3.35 19.58
C ILE B 118 5.39 -2.33 20.12
N THR B 119 5.49 -2.26 21.44
CA THR B 119 6.45 -1.41 22.11
C THR B 119 7.40 -2.27 22.93
N THR B 120 8.68 -1.95 22.85
CA THR B 120 9.69 -2.73 23.56
C THR B 120 10.53 -1.82 24.42
N LEU B 121 10.81 -2.26 25.64
CA LEU B 121 11.67 -1.48 26.51
C LEU B 121 13.09 -1.41 25.97
N SER B 122 13.55 -2.46 25.32
CA SER B 122 14.88 -2.49 24.73
C SER B 122 15.01 -3.68 23.82
N SER B 123 15.40 -3.47 22.57
CA SER B 123 15.45 -4.58 21.64
C SER B 123 16.57 -5.55 21.98
N ASN B 124 17.62 -5.08 22.64
CA ASN B 124 18.80 -5.86 22.97
C ASN B 124 19.57 -6.34 21.76
N LEU B 125 19.27 -5.82 20.58
CA LEU B 125 20.10 -6.02 19.40
C LEU B 125 21.09 -4.87 19.37
N TYR B 126 22.36 -5.16 19.56
CA TYR B 126 23.37 -4.12 19.51
C TYR B 126 23.92 -3.99 18.10
N LYS B 127 24.20 -2.75 17.71
CA LYS B 127 24.85 -2.46 16.44
C LYS B 127 26.14 -1.73 16.74
N ARG B 128 27.07 -1.82 15.83
CA ARG B 128 28.39 -1.23 16.01
C ARG B 128 28.45 0.08 15.24
N ASP B 129 28.49 1.18 15.98
CA ASP B 129 28.71 2.49 15.37
C ASP B 129 30.20 2.59 15.04
N ILE B 130 30.67 3.79 14.76
CA ILE B 130 32.05 3.94 14.31
C ILE B 130 33.03 3.45 15.36
N THR B 131 32.75 3.72 16.63
CA THR B 131 33.66 3.29 17.67
C THR B 131 32.94 2.69 18.88
N SER B 132 31.67 3.02 19.04
CA SER B 132 30.89 2.60 20.20
C SER B 132 29.84 1.58 19.80
N ALA B 133 29.56 0.65 20.71
CA ALA B 133 28.53 -0.35 20.52
C ALA B 133 27.25 0.13 21.19
N LYS B 134 26.24 0.45 20.38
CA LYS B 134 24.99 0.98 20.88
C LYS B 134 23.86 0.02 20.56
N VAL B 135 22.82 0.07 21.36
CA VAL B 135 21.66 -0.80 21.21
C VAL B 135 20.72 -0.20 20.20
N MET B 136 20.15 -1.03 19.33
CA MET B 136 19.22 -0.53 18.34
C MET B 136 17.93 -0.10 19.00
N ASN B 137 17.44 1.08 18.63
CA ASN B 137 16.15 1.53 19.12
C ASN B 137 15.06 0.84 18.30
N ALA B 138 13.82 1.29 18.44
CA ALA B 138 12.71 0.57 17.85
C ALA B 138 12.76 0.59 16.34
N THR B 139 12.98 1.77 15.75
CA THR B 139 12.93 1.88 14.30
C THR B 139 14.18 1.29 13.65
N ALA B 140 15.32 1.42 14.31
CA ALA B 140 16.53 0.78 13.80
C ALA B 140 16.36 -0.73 13.77
N ALA B 141 15.89 -1.32 14.87
CA ALA B 141 15.69 -2.76 14.90
C ALA B 141 14.63 -3.17 13.91
N LEU B 142 13.59 -2.36 13.73
CA LEU B 142 12.56 -2.68 12.75
C LEU B 142 13.14 -2.78 11.36
N GLU B 143 13.89 -1.76 10.93
CA GLU B 143 14.45 -1.79 9.59
C GLU B 143 15.48 -2.91 9.44
N PHE B 144 16.29 -3.13 10.46
CA PHE B 144 17.28 -4.20 10.42
C PHE B 144 16.62 -5.55 10.22
N LEU B 145 15.62 -5.87 11.03
CA LEU B 145 14.99 -7.18 10.92
C LEU B 145 14.20 -7.31 9.63
N LYS B 146 13.52 -6.26 9.18
CA LYS B 146 12.79 -6.36 7.93
C LYS B 146 13.74 -6.58 6.76
N ASP B 147 14.89 -5.90 6.77
CA ASP B 147 15.87 -6.09 5.72
C ASP B 147 16.41 -7.52 5.72
N MET B 148 16.72 -8.05 6.90
CA MET B 148 17.24 -9.42 6.93
C MET B 148 16.18 -10.42 6.49
N LYS B 149 14.93 -10.18 6.84
CA LYS B 149 13.89 -11.13 6.46
C LYS B 149 13.57 -11.03 4.97
N LYS B 150 13.79 -9.87 4.36
CA LYS B 150 13.48 -9.74 2.95
C LYS B 150 14.36 -10.65 2.10
N THR B 151 15.64 -10.75 2.44
CA THR B 151 16.59 -11.52 1.66
C THR B 151 16.75 -12.95 2.16
N ARG B 152 15.90 -13.40 3.08
CA ARG B 152 15.96 -14.75 3.64
C ARG B 152 17.32 -15.04 4.25
N GLY B 153 17.97 -14.01 4.74
CA GLY B 153 19.35 -14.04 5.18
C GLY B 153 19.93 -12.65 5.06
N ARG B 154 21.25 -12.56 5.20
CA ARG B 154 21.92 -11.27 5.18
C ARG B 154 23.06 -11.34 4.18
N LEU B 155 23.07 -10.40 3.23
CA LEU B 155 23.98 -10.46 2.11
C LEU B 155 25.40 -10.13 2.52
N TYR B 156 26.36 -10.79 1.89
CA TYR B 156 27.77 -10.43 2.00
C TYR B 156 28.39 -10.48 0.61
N LEU B 157 29.61 -9.96 0.52
CA LEU B 157 30.35 -9.88 -0.73
C LEU B 157 31.70 -10.58 -0.58
N ARG B 158 31.66 -11.84 -0.12
CA ARG B 158 32.79 -12.66 0.32
C ARG B 158 33.98 -12.53 -0.62
N PRO B 159 35.21 -12.69 -0.12
CA PRO B 159 36.38 -12.22 -0.86
C PRO B 159 36.64 -13.00 -2.14
N GLU B 160 35.82 -12.73 -3.15
CA GLU B 160 36.03 -13.29 -4.48
C GLU B 160 37.13 -12.54 -5.23
N LEU B 161 37.33 -11.27 -4.92
CA LEU B 161 38.31 -10.45 -5.61
C LEU B 161 38.51 -9.16 -4.83
N LEU B 162 39.72 -8.64 -4.86
CA LEU B 162 40.02 -7.29 -4.40
C LEU B 162 39.92 -6.35 -5.59
N ALA B 163 39.30 -5.20 -5.36
CA ALA B 163 39.05 -4.27 -6.46
C ALA B 163 40.36 -3.73 -7.02
N LYS B 164 40.51 -3.82 -8.33
CA LYS B 164 41.72 -3.37 -9.00
C LYS B 164 41.73 -1.84 -8.98
N ARG B 165 42.43 -1.27 -8.02
CA ARG B 165 42.49 0.17 -7.85
C ARG B 165 43.84 0.71 -8.28
N PRO B 166 43.97 2.04 -8.40
CA PRO B 166 45.26 2.64 -8.71
C PRO B 166 46.26 2.43 -7.58
N CYS B 167 47.44 3.01 -7.77
CA CYS B 167 48.50 2.95 -6.77
C CYS B 167 48.57 4.29 -6.05
N VAL B 168 48.38 4.28 -4.74
CA VAL B 168 48.45 5.50 -3.95
C VAL B 168 48.49 5.18 -2.47
N ASP B 169 49.13 6.03 -1.67
CA ASP B 169 49.20 5.82 -0.22
C ASP B 169 47.91 6.27 0.44
N ILE B 170 46.97 5.35 0.56
CA ILE B 170 45.62 5.65 1.02
C ILE B 170 45.47 4.97 2.37
N GLN B 171 44.63 5.56 3.23
CA GLN B 171 44.44 5.02 4.57
C GLN B 171 42.95 4.86 4.83
N GLU B 172 42.55 3.67 5.28
CA GLU B 172 41.14 3.34 5.43
C GLU B 172 40.98 2.42 6.63
N GLU B 173 39.73 2.04 6.90
CA GLU B 173 39.46 1.15 8.02
C GLU B 173 40.02 -0.24 7.79
N ASN B 174 40.12 -0.67 6.53
CA ASN B 174 40.69 -1.97 6.25
C ASN B 174 42.13 -2.06 6.74
N ASN B 175 42.84 -0.94 6.77
CA ASN B 175 44.18 -0.95 7.35
C ASN B 175 44.15 -1.34 8.82
N MET B 176 43.26 -0.73 9.60
CA MET B 176 43.16 -1.08 11.01
C MET B 176 42.73 -2.52 11.20
N LYS B 177 41.78 -2.99 10.38
CA LYS B 177 41.37 -4.38 10.50
C LYS B 177 42.52 -5.33 10.20
N ALA B 178 43.30 -5.05 9.16
CA ALA B 178 44.41 -5.93 8.80
C ALA B 178 45.50 -5.90 9.86
N LEU B 179 45.82 -4.72 10.40
CA LEU B 179 46.81 -4.64 11.45
C LEU B 179 46.37 -5.41 12.69
N ALA B 180 45.10 -5.26 13.07
CA ALA B 180 44.60 -6.04 14.20
C ALA B 180 44.62 -7.52 13.89
N GLY B 181 44.43 -7.89 12.62
CA GLY B 181 44.52 -9.29 12.25
C GLY B 181 45.91 -9.85 12.45
N VAL B 182 46.92 -9.10 12.01
CA VAL B 182 48.28 -9.58 12.22
C VAL B 182 48.63 -9.57 13.69
N PHE B 183 48.04 -8.66 14.46
CA PHE B 183 48.19 -8.68 15.91
C PHE B 183 47.60 -9.95 16.50
N PHE B 184 46.47 -10.40 15.95
CA PHE B 184 45.79 -11.56 16.51
C PHE B 184 46.59 -12.84 16.34
N ASP B 185 47.35 -12.94 15.26
CA ASP B 185 48.18 -14.12 15.01
C ASP B 185 49.56 -14.00 15.60
N ARG B 186 49.91 -12.86 16.19
CA ARG B 186 51.19 -12.72 16.87
C ARG B 186 51.28 -13.73 18.00
N THR B 187 52.52 -14.14 18.32
CA THR B 187 52.71 -15.22 19.28
C THR B 187 53.11 -14.75 20.66
N GLU B 188 53.76 -13.59 20.77
CA GLU B 188 54.17 -13.07 22.06
C GLU B 188 54.22 -11.56 21.99
N LEU B 189 53.90 -10.92 23.11
CA LEU B 189 53.82 -9.47 23.18
C LEU B 189 54.91 -8.94 24.10
N ASP B 190 55.64 -7.94 23.62
CA ASP B 190 56.57 -7.22 24.49
C ASP B 190 55.75 -6.34 25.41
N ARG B 191 55.95 -6.51 26.71
CA ARG B 191 55.29 -5.66 27.68
C ARG B 191 55.71 -4.21 27.47
N LYS B 192 54.72 -3.32 27.51
CA LYS B 192 54.95 -1.89 27.28
C LYS B 192 55.50 -1.65 25.87
N GLU B 193 54.73 -2.07 24.87
CA GLU B 193 54.99 -1.68 23.49
C GLU B 193 53.78 -0.95 22.95
N LYS B 194 54.00 -0.15 21.91
CA LYS B 194 52.96 0.70 21.35
C LYS B 194 52.20 -0.03 20.24
N LEU B 195 50.95 0.36 20.06
CA LEU B 195 50.12 -0.16 18.98
C LEU B 195 50.20 0.76 17.78
N THR B 196 50.09 0.17 16.60
CA THR B 196 50.04 0.93 15.37
C THR B 196 48.64 1.17 14.87
N PHE B 197 47.62 0.62 15.52
CA PHE B 197 46.24 0.85 15.14
C PHE B 197 45.44 1.31 16.34
N THR B 198 44.31 1.92 16.07
CA THR B 198 43.39 2.37 17.10
C THR B 198 42.07 1.62 16.90
N GLU B 199 41.06 2.03 17.66
CA GLU B 199 39.77 1.33 17.62
C GLU B 199 38.88 1.94 16.55
N SER B 200 38.14 1.07 15.86
CA SER B 200 37.31 1.47 14.74
C SER B 200 36.11 0.56 14.73
N THR B 201 35.40 0.50 13.60
CA THR B 201 34.22 -0.34 13.52
C THR B 201 34.54 -1.82 13.51
N HIS B 202 35.82 -2.21 13.50
CA HIS B 202 36.22 -3.61 13.60
C HIS B 202 37.15 -3.88 14.77
N VAL B 203 37.43 -2.90 15.62
CA VAL B 203 38.44 -3.05 16.66
C VAL B 203 38.00 -2.30 17.91
N GLU B 204 37.85 -3.03 19.01
CA GLU B 204 37.52 -2.45 20.30
C GLU B 204 38.55 -2.87 21.32
N ILE B 205 38.94 -1.96 22.20
CA ILE B 205 40.01 -2.18 23.16
C ILE B 205 39.49 -1.86 24.55
N LYS B 206 39.79 -2.73 25.50
CA LYS B 206 39.30 -2.59 26.86
C LYS B 206 40.42 -2.79 27.86
N ASN B 207 40.43 -1.95 28.91
CA ASN B 207 41.49 -2.00 29.91
C ASN B 207 41.22 -3.07 30.96
N PHE B 208 40.16 -2.87 31.76
CA PHE B 208 39.71 -3.83 32.77
C PHE B 208 40.83 -4.25 33.72
N SER B 209 41.33 -3.27 34.47
CA SER B 209 42.33 -3.53 35.52
C SER B 209 41.62 -3.94 36.82
N THR B 210 40.85 -5.02 36.72
CA THR B 210 40.03 -5.52 37.81
C THR B 210 40.64 -6.78 38.40
N GLU B 211 40.41 -6.97 39.69
CA GLU B 211 40.93 -8.16 40.35
C GLU B 211 40.14 -9.39 39.95
N ARG B 212 38.83 -9.25 39.76
CA ARG B 212 38.02 -10.40 39.39
C ARG B 212 38.15 -10.71 37.91
N LEU B 213 37.68 -9.81 37.05
CA LEU B 213 37.73 -9.89 35.59
C LEU B 213 36.83 -10.99 35.03
N LEU B 214 36.20 -11.80 35.89
CA LEU B 214 35.28 -12.81 35.40
C LEU B 214 33.86 -12.26 35.32
N GLN B 215 33.39 -11.63 36.39
CA GLN B 215 32.05 -11.05 36.36
C GLN B 215 31.96 -9.92 35.33
N ARG B 216 32.99 -9.09 35.26
CA ARG B 216 32.99 -7.99 34.30
C ARG B 216 32.90 -8.51 32.87
N ILE B 217 33.69 -9.53 32.54
CA ILE B 217 33.63 -10.11 31.21
C ILE B 217 32.26 -10.74 30.97
N LYS B 218 31.78 -11.54 31.91
CA LYS B 218 30.50 -12.21 31.76
C LYS B 218 29.35 -11.22 31.57
N GLU B 219 29.48 -10.01 32.11
CA GLU B 219 28.39 -9.05 32.01
C GLU B 219 28.55 -8.05 30.87
N ILE B 220 29.76 -7.87 30.32
CA ILE B 220 29.93 -6.90 29.25
C ILE B 220 30.20 -7.53 27.90
N LEU B 221 30.71 -8.74 27.84
CA LEU B 221 31.09 -9.38 26.60
C LEU B 221 29.94 -9.59 25.62
N PRO B 222 28.74 -10.01 26.07
CA PRO B 222 27.69 -10.28 25.09
C PRO B 222 27.28 -9.07 24.27
N GLN B 223 27.36 -7.88 24.82
CA GLN B 223 26.95 -6.73 24.03
C GLN B 223 27.96 -6.39 22.96
N TYR B 224 29.26 -6.58 23.24
CA TYR B 224 30.25 -6.35 22.18
C TYR B 224 30.22 -7.47 21.15
N VAL B 225 29.98 -8.70 21.58
CA VAL B 225 29.85 -9.81 20.64
C VAL B 225 28.65 -9.58 19.73
N SER B 226 27.55 -9.07 20.29
CA SER B 226 26.38 -8.80 19.46
C SER B 226 26.59 -7.58 18.58
N ALA B 227 27.41 -6.63 19.01
CA ALA B 227 27.73 -5.51 18.15
C ALA B 227 28.53 -5.95 16.95
N PHE B 228 29.54 -6.80 17.17
CA PHE B 228 30.38 -7.24 16.07
C PHE B 228 29.64 -8.17 15.14
N ALA B 229 28.87 -9.10 15.70
CA ALA B 229 28.20 -10.08 14.86
C ALA B 229 27.11 -9.46 14.01
N ASN B 230 26.71 -8.23 14.28
CA ASN B 230 25.66 -7.58 13.52
C ASN B 230 26.17 -6.60 12.48
N THR B 231 27.45 -6.23 12.52
CA THR B 231 28.03 -5.36 11.50
C THR B 231 29.49 -5.74 11.30
N ASP B 232 29.76 -6.62 10.33
CA ASP B 232 31.07 -6.85 9.77
C ASP B 232 32.06 -7.60 10.66
N GLY B 233 31.68 -7.99 11.87
CA GLY B 233 32.60 -8.72 12.71
C GLY B 233 33.79 -7.88 13.12
N GLY B 234 34.72 -8.45 13.88
CA GLY B 234 35.88 -7.68 14.28
C GLY B 234 36.59 -8.35 15.45
N TYR B 235 37.50 -7.59 16.05
CA TYR B 235 38.36 -8.09 17.11
C TYR B 235 38.13 -7.30 18.40
N LEU B 236 38.27 -8.00 19.52
CA LEU B 236 38.16 -7.39 20.85
C LEU B 236 39.39 -7.78 21.65
N PHE B 237 40.16 -6.77 22.06
CA PHE B 237 41.38 -7.00 22.82
C PHE B 237 41.19 -6.49 24.23
N ILE B 238 41.55 -7.31 25.21
CA ILE B 238 41.41 -6.99 26.63
C ILE B 238 42.78 -7.11 27.26
N GLY B 239 43.30 -5.99 27.78
CA GLY B 239 44.61 -6.02 28.39
C GLY B 239 45.47 -4.81 28.03
N LEU B 240 44.89 -3.86 27.32
CA LEU B 240 45.58 -2.61 26.99
C LEU B 240 45.14 -1.51 27.93
N ASN B 241 45.75 -0.35 27.78
CA ASN B 241 45.35 0.85 28.51
C ASN B 241 44.85 1.89 27.52
N GLU B 242 44.45 3.04 28.05
CA GLU B 242 43.89 4.08 27.20
C GLU B 242 44.93 4.75 26.31
N ASP B 243 46.22 4.48 26.53
CA ASP B 243 47.27 5.02 25.68
C ASP B 243 47.87 3.96 24.76
N LYS B 244 47.21 2.82 24.60
CA LYS B 244 47.60 1.78 23.65
C LYS B 244 48.91 1.11 24.03
N GLU B 245 49.41 1.31 25.24
CA GLU B 245 50.62 0.64 25.71
C GLU B 245 50.20 -0.72 26.27
N ILE B 246 50.81 -1.78 25.76
CA ILE B 246 50.42 -3.13 26.13
C ILE B 246 50.78 -3.37 27.59
N ILE B 247 49.79 -3.75 28.38
CA ILE B 247 49.96 -4.01 29.81
C ILE B 247 49.48 -5.40 30.18
N GLY B 248 48.31 -5.79 29.67
CA GLY B 248 47.77 -7.10 29.98
C GLY B 248 47.27 -7.20 31.41
N PHE B 249 46.47 -8.22 31.69
CA PHE B 249 45.99 -8.45 33.04
C PHE B 249 46.85 -9.51 33.71
N LYS B 250 47.12 -9.32 35.00
CA LYS B 250 48.02 -10.18 35.76
C LYS B 250 47.26 -11.41 36.20
N ALA B 251 47.22 -12.41 35.34
CA ALA B 251 46.55 -13.67 35.61
C ALA B 251 47.53 -14.81 35.39
N GLU B 252 47.30 -15.93 36.06
CA GLU B 252 48.18 -17.07 35.96
C GLU B 252 47.44 -18.27 35.40
N MET B 253 48.21 -19.21 34.85
CA MET B 253 47.65 -20.41 34.26
C MET B 253 46.80 -21.17 35.28
N SER B 254 45.88 -21.97 34.78
CA SER B 254 44.77 -22.61 35.48
C SER B 254 43.66 -21.61 35.77
N ASP B 255 43.88 -20.31 35.56
CA ASP B 255 42.82 -19.34 35.48
C ASP B 255 42.41 -19.04 34.05
N LEU B 256 43.36 -19.11 33.13
CA LEU B 256 43.05 -18.89 31.72
C LEU B 256 42.04 -19.91 31.23
N ASP B 257 42.09 -21.14 31.74
CA ASP B 257 41.16 -22.15 31.27
C ASP B 257 39.74 -21.87 31.75
N ASP B 258 39.58 -21.55 33.04
CA ASP B 258 38.25 -21.25 33.54
C ASP B 258 37.71 -20.00 32.90
N LEU B 259 38.57 -19.01 32.63
CA LEU B 259 38.13 -17.79 31.98
C LEU B 259 37.69 -18.07 30.55
N GLU B 260 38.43 -18.92 29.83
CA GLU B 260 38.00 -19.28 28.49
C GLU B 260 36.68 -20.03 28.51
N ARG B 261 36.50 -20.91 29.49
CA ARG B 261 35.24 -21.64 29.56
C ARG B 261 34.08 -20.71 29.89
N GLU B 262 34.33 -19.71 30.74
CA GLU B 262 33.29 -18.73 31.04
C GLU B 262 32.94 -17.91 29.81
N ILE B 263 33.96 -17.52 29.03
CA ILE B 263 33.69 -16.83 27.76
C ILE B 263 32.86 -17.71 26.84
N GLU B 264 33.18 -19.00 26.79
CA GLU B 264 32.46 -19.92 25.92
C GLU B 264 30.98 -19.99 26.31
N LYS B 265 30.71 -20.17 27.60
CA LYS B 265 29.32 -20.23 28.04
C LYS B 265 28.61 -18.90 27.82
N SER B 266 29.30 -17.79 28.08
CA SER B 266 28.68 -16.48 27.95
C SER B 266 28.37 -16.16 26.51
N ILE B 267 29.09 -16.77 25.57
CA ILE B 267 28.73 -16.57 24.16
C ILE B 267 27.67 -17.56 23.73
N ARG B 268 27.67 -18.78 24.26
CA ARG B 268 26.70 -19.77 23.84
C ARG B 268 25.32 -19.55 24.46
N LYS B 269 25.25 -18.74 25.51
CA LYS B 269 23.96 -18.38 26.08
C LYS B 269 23.29 -17.23 25.35
N MET B 270 23.98 -16.60 24.41
CA MET B 270 23.39 -15.47 23.69
C MET B 270 22.38 -15.98 22.68
N PRO B 271 21.17 -15.42 22.63
CA PRO B 271 20.18 -15.86 21.65
C PRO B 271 20.61 -15.57 20.24
N VAL B 272 19.81 -16.04 19.29
CA VAL B 272 20.07 -15.81 17.88
C VAL B 272 18.84 -16.23 17.10
N HIS B 273 18.57 -15.58 15.97
CA HIS B 273 17.40 -15.90 15.18
C HIS B 273 17.77 -15.92 13.70
N HIS B 274 17.58 -17.06 13.06
CA HIS B 274 17.97 -17.25 11.68
C HIS B 274 16.77 -17.10 10.75
N PHE B 275 16.95 -16.33 9.68
CA PHE B 275 16.01 -16.30 8.58
C PHE B 275 16.48 -17.15 7.41
N CYS B 276 17.64 -17.77 7.52
CA CYS B 276 18.26 -18.50 6.43
C CYS B 276 17.89 -19.98 6.48
N MET B 277 18.23 -20.69 5.41
CA MET B 277 17.88 -22.10 5.30
C MET B 277 18.62 -22.93 6.35
N GLU B 278 19.94 -22.90 6.34
CA GLU B 278 20.70 -23.58 7.37
C GLU B 278 20.69 -22.77 8.66
N LYS B 279 21.26 -23.35 9.71
CA LYS B 279 21.27 -22.72 11.03
C LYS B 279 22.67 -22.89 11.63
N LYS B 280 23.54 -21.94 11.33
CA LYS B 280 24.91 -21.98 11.82
C LYS B 280 24.92 -21.50 13.27
N LYS B 281 26.11 -21.25 13.81
CA LYS B 281 26.25 -20.67 15.14
C LYS B 281 27.33 -19.58 15.08
N ILE B 282 27.50 -18.89 16.20
CA ILE B 282 28.35 -17.71 16.22
C ILE B 282 29.80 -18.15 16.11
N ASN B 283 30.37 -18.05 14.91
CA ASN B 283 31.73 -18.48 14.68
C ASN B 283 32.69 -17.42 15.21
N TYR B 284 33.60 -17.83 16.10
CA TYR B 284 34.58 -16.94 16.68
C TYR B 284 35.82 -17.74 17.03
N SER B 285 36.73 -17.13 17.77
CA SER B 285 37.90 -17.86 18.25
C SER B 285 38.60 -17.06 19.34
N CYS B 286 38.72 -17.64 20.52
CA CYS B 286 39.45 -17.01 21.61
C CYS B 286 40.92 -17.35 21.53
N LYS B 287 41.74 -16.62 22.28
CA LYS B 287 43.17 -16.82 22.23
C LYS B 287 43.81 -15.95 23.30
N PHE B 288 44.88 -16.46 23.90
CA PHE B 288 45.56 -15.78 24.98
C PHE B 288 47.04 -15.62 24.64
N LEU B 289 47.53 -14.39 24.78
CA LEU B 289 48.89 -14.05 24.40
C LEU B 289 49.67 -13.57 25.61
N GLY B 290 50.94 -13.98 25.68
CA GLY B 290 51.80 -13.53 26.76
C GLY B 290 52.35 -12.13 26.50
N VAL B 291 52.74 -11.46 27.58
CA VAL B 291 53.10 -10.06 27.54
C VAL B 291 54.52 -9.90 28.09
N TYR B 292 55.39 -10.84 27.74
CA TYR B 292 56.78 -10.92 28.20
C TYR B 292 57.47 -9.56 28.26
N ASP B 293 57.97 -9.20 29.44
CA ASP B 293 58.60 -7.91 29.62
C ASP B 293 60.06 -7.93 29.15
N LYS B 294 60.90 -8.69 29.83
CA LYS B 294 62.30 -8.84 29.44
C LYS B 294 62.65 -10.29 29.15
N GLY B 295 62.40 -11.19 30.09
CA GLY B 295 62.44 -12.61 29.83
C GLY B 295 61.34 -13.26 30.64
N SER B 296 60.62 -12.43 31.38
CA SER B 296 59.57 -12.85 32.29
C SER B 296 58.21 -12.52 31.68
N LEU B 297 57.18 -13.13 32.25
CA LEU B 297 55.81 -12.94 31.78
C LEU B 297 55.11 -11.98 32.73
N CYS B 298 54.85 -10.76 32.26
CA CYS B 298 54.25 -9.71 33.07
C CYS B 298 52.73 -9.85 33.17
N GLY B 299 52.14 -10.86 32.55
CA GLY B 299 50.70 -11.03 32.58
C GLY B 299 50.22 -11.75 31.33
N TYR B 300 48.99 -11.44 30.94
CA TYR B 300 48.43 -12.00 29.72
C TYR B 300 47.52 -10.96 29.08
N VAL B 301 47.22 -11.17 27.80
CA VAL B 301 46.29 -10.33 27.06
C VAL B 301 45.33 -11.24 26.31
N CYS B 302 44.04 -10.97 26.43
CA CYS B 302 43.01 -11.81 25.83
C CYS B 302 42.56 -11.19 24.52
N ALA B 303 42.72 -11.92 23.43
CA ALA B 303 42.30 -11.47 22.11
C ALA B 303 41.12 -12.33 21.67
N LEU B 304 40.06 -11.68 21.22
CA LEU B 304 38.84 -12.36 20.81
C LEU B 304 38.39 -11.82 19.47
N ARG B 305 38.02 -12.72 18.55
CA ARG B 305 37.61 -12.32 17.22
C ARG B 305 36.24 -12.90 16.93
N VAL B 306 35.33 -12.07 16.46
CA VAL B 306 33.98 -12.48 16.12
C VAL B 306 33.78 -12.27 14.63
N GLU B 307 33.17 -13.23 13.98
CA GLU B 307 32.92 -13.15 12.54
C GLU B 307 31.54 -12.60 12.27
N ARG B 308 31.39 -12.01 11.09
CA ARG B 308 30.08 -11.51 10.68
C ARG B 308 29.09 -12.66 10.58
N PHE B 309 27.85 -12.39 10.94
CA PHE B 309 26.82 -13.40 11.07
C PHE B 309 25.84 -13.32 9.91
N CYS B 310 25.02 -14.36 9.79
CA CYS B 310 24.03 -14.41 8.73
C CYS B 310 22.71 -13.75 9.10
N CYS B 311 22.39 -13.64 10.38
CA CYS B 311 21.12 -13.09 10.83
C CYS B 311 21.33 -12.42 12.18
N ALA B 312 20.24 -12.13 12.87
CA ALA B 312 20.29 -11.36 14.10
C ALA B 312 21.05 -12.10 15.19
N VAL B 313 21.56 -11.33 16.16
CA VAL B 313 22.22 -11.89 17.33
C VAL B 313 21.89 -10.99 18.51
N PHE B 314 21.05 -11.46 19.42
CA PHE B 314 20.65 -10.68 20.58
C PHE B 314 21.68 -10.82 21.69
N ALA B 315 21.76 -9.80 22.54
CA ALA B 315 22.55 -9.93 23.76
C ALA B 315 21.75 -10.54 24.89
N LYS B 316 20.45 -10.34 24.88
CA LYS B 316 19.51 -11.02 25.76
C LYS B 316 18.19 -11.12 25.01
N GLU B 317 17.20 -11.74 25.63
CA GLU B 317 15.88 -11.73 25.02
C GLU B 317 15.36 -10.31 24.97
N PRO B 318 14.54 -9.98 23.98
CA PRO B 318 14.02 -8.61 23.86
C PRO B 318 13.10 -8.28 25.01
N ASP B 319 13.24 -7.07 25.55
CA ASP B 319 12.37 -6.60 26.63
C ASP B 319 11.05 -6.13 26.04
N SER B 320 10.15 -7.08 25.86
CA SER B 320 8.79 -6.76 25.42
C SER B 320 7.81 -7.63 26.16
N TRP B 321 6.82 -7.00 26.78
CA TRP B 321 5.94 -7.68 27.71
C TRP B 321 4.50 -7.60 27.22
N HIS B 322 3.65 -8.37 27.89
CA HIS B 322 2.21 -8.33 27.68
C HIS B 322 1.58 -9.21 28.73
N VAL B 323 0.33 -8.90 29.08
CA VAL B 323 -0.42 -9.67 30.06
C VAL B 323 -1.24 -10.71 29.30
N LYS B 324 -0.87 -11.98 29.45
CA LYS B 324 -1.48 -13.01 28.62
C LYS B 324 -2.87 -13.39 29.12
N ASP B 325 -2.94 -13.99 30.30
CA ASP B 325 -4.20 -14.21 30.98
C ASP B 325 -4.23 -13.51 32.33
N ASN B 326 -3.26 -13.80 33.18
CA ASN B 326 -2.87 -12.99 34.32
C ASN B 326 -1.38 -13.22 34.48
N ARG B 327 -0.79 -12.55 35.46
CA ARG B 327 0.64 -12.70 35.72
C ARG B 327 1.45 -12.31 34.48
N VAL B 328 1.46 -11.00 34.22
CA VAL B 328 2.08 -10.38 33.06
C VAL B 328 3.42 -10.99 32.72
N MET B 329 3.57 -11.43 31.47
CA MET B 329 4.71 -12.21 31.02
C MET B 329 5.44 -11.49 29.90
N GLN B 330 6.70 -11.87 29.72
CA GLN B 330 7.57 -11.27 28.71
C GLN B 330 7.37 -11.98 27.38
N LEU B 331 7.40 -11.22 26.30
CA LEU B 331 7.22 -11.80 24.98
C LEU B 331 8.37 -12.74 24.66
N THR B 332 8.06 -13.82 23.95
CA THR B 332 9.10 -14.74 23.53
C THR B 332 9.77 -14.24 22.26
N ARG B 333 10.96 -14.78 22.00
CA ARG B 333 11.76 -14.29 20.88
C ARG B 333 11.03 -14.50 19.56
N LYS B 334 10.42 -15.68 19.37
CA LYS B 334 9.67 -15.90 18.13
C LYS B 334 8.50 -14.95 18.01
N GLU B 335 7.75 -14.75 19.09
CA GLU B 335 6.61 -13.85 19.04
C GLU B 335 7.04 -12.40 18.82
N TRP B 336 8.13 -11.99 19.47
CA TRP B 336 8.63 -10.64 19.28
C TRP B 336 9.00 -10.41 17.83
N ILE B 337 9.81 -11.31 17.26
CA ILE B 337 10.23 -11.11 15.89
C ILE B 337 9.07 -11.24 14.93
N GLN B 338 8.05 -12.01 15.30
CA GLN B 338 6.87 -12.10 14.46
C GLN B 338 6.11 -10.79 14.44
N PHE B 339 5.96 -10.15 15.60
CA PHE B 339 5.32 -8.85 15.62
C PHE B 339 6.13 -7.82 14.85
N MET B 340 7.45 -7.88 14.95
CA MET B 340 8.26 -6.87 14.29
C MET B 340 8.27 -7.05 12.77
N VAL B 341 8.44 -8.27 12.28
CA VAL B 341 8.74 -8.52 10.88
C VAL B 341 7.48 -8.63 10.03
N GLU B 342 6.52 -9.44 10.47
CA GLU B 342 5.37 -9.74 9.62
C GLU B 342 4.47 -8.53 9.48
N ALA B 343 3.83 -8.42 8.32
CA ALA B 343 3.02 -7.26 8.01
C ALA B 343 1.80 -7.18 8.89
N GLU B 344 0.96 -6.13 8.70
CA GLU B 344 -0.46 -6.13 9.20
C GLU B 344 -1.38 -6.76 8.17
N PRO B 345 -2.29 -7.64 8.57
CA PRO B 345 -3.19 -8.29 7.61
C PRO B 345 -4.47 -7.52 7.37
N LYS B 346 -4.88 -7.37 6.12
CA LYS B 346 -6.16 -6.72 5.83
C LYS B 346 -6.55 -7.00 4.38
N PHE B 347 -7.84 -7.20 4.16
CA PHE B 347 -8.39 -7.38 2.82
C PHE B 347 -9.09 -6.13 2.30
N SER B 348 -10.12 -5.65 3.01
CA SER B 348 -10.80 -4.39 2.70
C SER B 348 -11.41 -4.41 1.28
N SER B 349 -12.43 -5.25 1.12
CA SER B 349 -13.20 -5.25 -0.11
C SER B 349 -13.83 -3.88 -0.36
N ALA B 350 -14.26 -3.65 -1.60
CA ALA B 350 -14.70 -2.33 -2.01
C ALA B 350 -15.98 -1.90 -1.32
N TYR B 351 -16.88 -2.87 -1.05
CA TYR B 351 -18.08 -2.55 -0.31
C TYR B 351 -17.76 -2.07 1.09
N GLU B 352 -17.00 -2.85 1.84
CA GLU B 352 -16.55 -2.39 3.15
C GLU B 352 -15.69 -1.15 3.04
N GLU B 353 -14.95 -1.00 1.95
CA GLU B 353 -14.13 0.19 1.76
C GLU B 353 -15.01 1.43 1.72
N VAL B 354 -16.13 1.39 1.00
CA VAL B 354 -17.03 2.54 0.96
C VAL B 354 -17.78 2.69 2.28
N ILE B 355 -18.13 1.58 2.91
CA ILE B 355 -18.82 1.64 4.21
C ILE B 355 -17.91 2.24 5.27
N SER B 356 -16.60 2.20 5.07
CA SER B 356 -15.67 2.87 5.96
C SER B 356 -15.38 4.31 5.54
N GLN B 357 -15.06 4.54 4.26
CA GLN B 357 -14.82 5.88 3.75
C GLN B 357 -16.07 6.73 3.66
N ILE B 358 -17.22 6.23 4.12
CA ILE B 358 -18.36 7.10 4.41
C ILE B 358 -18.11 7.99 5.62
N ASN B 359 -16.94 7.87 6.25
CA ASN B 359 -16.57 8.61 7.45
C ASN B 359 -15.58 9.73 7.14
N THR B 360 -15.77 10.43 6.02
CA THR B 360 -14.86 11.52 5.67
C THR B 360 -15.02 12.69 6.63
N SER B 361 -16.21 13.28 6.66
CA SER B 361 -16.52 14.42 7.53
C SER B 361 -15.56 15.58 7.29
N LEU B 362 -15.53 16.02 6.04
CA LEU B 362 -14.83 17.26 5.68
C LEU B 362 -15.66 18.43 6.18
N PRO B 363 -15.22 19.68 6.01
CA PRO B 363 -16.02 20.81 6.52
C PRO B 363 -17.33 20.97 5.75
N ALA B 364 -18.26 20.05 5.97
CA ALA B 364 -19.55 20.00 5.31
C ALA B 364 -20.39 18.87 5.89
N PRO B 365 -21.71 18.87 5.66
CA PRO B 365 -22.56 17.82 6.23
C PRO B 365 -22.19 16.41 5.81
N HIS B 366 -22.16 16.13 4.51
CA HIS B 366 -21.81 14.82 3.98
C HIS B 366 -22.77 13.74 4.53
N SER B 367 -24.02 13.86 4.14
CA SER B 367 -25.09 13.04 4.69
C SER B 367 -24.97 11.60 4.18
N TRP B 368 -25.96 10.78 4.51
CA TRP B 368 -26.06 9.41 4.05
C TRP B 368 -24.92 8.54 4.55
N PRO B 369 -24.86 8.27 5.85
CA PRO B 369 -23.93 7.25 6.36
C PRO B 369 -24.58 5.88 6.34
N LEU B 370 -23.83 4.89 5.85
CA LEU B 370 -24.39 3.59 5.58
C LEU B 370 -24.34 2.63 6.77
N LEU B 371 -23.73 3.04 7.89
CA LEU B 371 -23.58 2.15 9.03
C LEU B 371 -24.70 2.28 10.06
N GLU B 372 -25.47 3.36 10.01
CA GLU B 372 -26.53 3.61 10.97
C GLU B 372 -27.90 3.57 10.33
N TRP B 373 -28.05 2.76 9.29
CA TRP B 373 -29.30 2.60 8.57
C TRP B 373 -30.11 1.49 9.21
N GLN B 374 -31.43 1.64 9.16
CA GLN B 374 -32.33 0.63 9.71
C GLN B 374 -33.67 0.72 8.99
N ARG B 375 -34.28 -0.44 8.75
CA ARG B 375 -35.54 -0.47 8.01
C ARG B 375 -36.72 -0.10 8.90
N GLN B 376 -36.88 -0.80 10.02
CA GLN B 376 -37.95 -0.49 10.97
C GLN B 376 -37.60 0.83 11.65
N ARG B 377 -38.21 1.92 11.20
CA ARG B 377 -37.92 3.24 11.72
C ARG B 377 -38.88 3.65 12.82
N HIS B 378 -39.55 2.69 13.46
CA HIS B 378 -40.57 3.02 14.46
C HIS B 378 -40.43 2.07 15.65
N HIS B 379 -39.63 2.48 16.62
CA HIS B 379 -39.65 1.91 17.96
C HIS B 379 -39.90 3.03 18.96
N CYS B 380 -40.28 2.63 20.17
CA CYS B 380 -40.32 3.50 21.32
C CYS B 380 -41.17 4.74 21.05
N PRO B 381 -42.52 4.61 21.07
CA PRO B 381 -43.43 5.58 20.46
C PRO B 381 -43.14 7.06 20.68
N GLY B 382 -42.92 7.52 21.90
CA GLY B 382 -42.72 8.95 22.04
C GLY B 382 -41.27 9.34 21.84
N LEU B 383 -40.92 9.66 20.58
CA LEU B 383 -39.56 10.00 20.20
C LEU B 383 -39.48 10.29 18.70
N SER B 384 -38.34 10.77 18.22
CA SER B 384 -38.06 10.89 16.80
C SER B 384 -37.20 9.71 16.34
N GLY B 385 -36.75 9.77 15.10
CA GLY B 385 -35.93 8.72 14.51
C GLY B 385 -34.44 8.90 14.73
N ARG B 386 -33.96 8.62 15.95
CA ARG B 386 -32.57 8.91 16.27
C ARG B 386 -31.88 7.83 17.10
N ILE B 387 -32.41 6.62 17.13
CA ILE B 387 -31.78 5.52 17.87
C ILE B 387 -32.00 4.25 17.07
N THR B 388 -30.95 3.78 16.40
CA THR B 388 -31.08 2.65 15.49
C THR B 388 -30.97 1.35 16.29
N TYR B 389 -32.12 0.76 16.62
CA TYR B 389 -32.16 -0.54 17.27
C TYR B 389 -31.73 -1.57 16.24
N THR B 390 -30.48 -2.01 16.32
CA THR B 390 -29.79 -2.49 15.11
C THR B 390 -30.33 -3.81 14.58
N PRO B 391 -30.35 -4.90 15.37
CA PRO B 391 -30.60 -6.22 14.75
C PRO B 391 -31.96 -6.34 14.08
N GLU B 392 -32.99 -5.68 14.60
CA GLU B 392 -34.26 -5.51 13.91
C GLU B 392 -35.11 -6.77 13.84
N ASN B 393 -34.54 -7.89 14.21
CA ASN B 393 -35.23 -9.15 14.30
C ASN B 393 -35.01 -9.81 15.65
N LEU B 394 -33.87 -9.57 16.27
CA LEU B 394 -33.70 -9.94 17.67
C LEU B 394 -34.35 -8.92 18.58
N CYS B 395 -34.35 -7.65 18.18
CA CYS B 395 -34.95 -6.62 19.01
C CYS B 395 -36.47 -6.76 19.04
N ARG B 396 -37.09 -7.00 17.88
CA ARG B 396 -38.55 -7.16 17.87
C ARG B 396 -38.97 -8.40 18.63
N LYS B 397 -38.24 -9.51 18.44
CA LYS B 397 -38.53 -10.72 19.20
C LYS B 397 -38.41 -10.48 20.70
N LEU B 398 -37.32 -9.84 21.12
CA LEU B 398 -37.12 -9.61 22.54
C LEU B 398 -38.14 -8.63 23.11
N PHE B 399 -38.65 -7.71 22.29
CA PHE B 399 -39.62 -6.75 22.80
C PHE B 399 -41.04 -7.28 22.80
N LEU B 400 -41.34 -8.28 21.97
CA LEU B 400 -42.69 -8.84 21.99
C LEU B 400 -43.01 -9.46 23.34
N GLN B 401 -42.24 -10.46 23.74
CA GLN B 401 -42.32 -10.91 25.11
C GLN B 401 -41.44 -10.00 25.98
N HIS B 402 -41.36 -10.29 27.27
CA HIS B 402 -40.59 -9.48 28.21
C HIS B 402 -41.12 -8.04 28.22
N GLU B 403 -42.35 -7.93 28.73
CA GLU B 403 -43.13 -6.70 28.61
C GLU B 403 -42.42 -5.50 29.20
N GLY B 404 -41.69 -5.67 30.30
CA GLY B 404 -41.04 -4.52 30.87
C GLY B 404 -39.88 -3.98 30.07
N LEU B 405 -39.37 -4.77 29.14
CA LEU B 405 -38.12 -4.46 28.44
C LEU B 405 -38.26 -3.26 27.52
N LYS B 406 -39.35 -3.17 26.76
CA LYS B 406 -39.51 -2.03 25.86
C LYS B 406 -39.66 -0.73 26.64
N GLN B 407 -40.41 -0.76 27.73
CA GLN B 407 -40.57 0.45 28.54
C GLN B 407 -39.25 0.82 29.21
N LEU B 408 -38.46 -0.19 29.60
CA LEU B 408 -37.16 0.10 30.16
C LEU B 408 -36.25 0.77 29.15
N ILE B 409 -36.20 0.23 27.94
CA ILE B 409 -35.35 0.79 26.89
C ILE B 409 -35.79 2.21 26.55
N CYS B 410 -37.10 2.46 26.52
CA CYS B 410 -37.59 3.81 26.28
C CYS B 410 -37.19 4.75 27.41
N GLU B 411 -37.29 4.30 28.65
CA GLU B 411 -36.84 5.13 29.76
C GLU B 411 -35.35 5.41 29.64
N GLU B 412 -34.59 4.48 29.07
CA GLU B 412 -33.15 4.61 29.11
C GLU B 412 -32.63 5.49 27.98
N MET B 413 -33.19 5.38 26.78
CA MET B 413 -32.73 6.13 25.63
C MET B 413 -33.38 7.49 25.51
N SER B 414 -34.02 7.97 26.57
CA SER B 414 -34.68 9.28 26.49
C SER B 414 -33.65 10.39 26.40
N SER B 415 -32.61 10.35 27.22
CA SER B 415 -31.62 11.40 27.28
C SER B 415 -30.39 11.05 26.45
N VAL B 416 -30.60 10.96 25.14
CA VAL B 416 -29.54 10.61 24.19
C VAL B 416 -29.80 11.39 22.91
N ARG B 417 -28.92 12.34 22.58
CA ARG B 417 -29.12 13.13 21.37
C ARG B 417 -29.13 12.25 20.13
N LYS B 418 -28.22 11.28 20.06
CA LYS B 418 -28.19 10.36 18.93
C LYS B 418 -27.29 9.20 19.27
N GLY B 419 -27.79 7.99 19.12
CA GLY B 419 -27.02 6.81 19.45
C GLY B 419 -27.45 5.63 18.62
N SER B 420 -26.99 4.43 18.98
CA SER B 420 -27.46 3.23 18.29
C SER B 420 -27.09 2.04 19.17
N LEU B 421 -28.09 1.39 19.73
CA LEU B 421 -27.83 0.26 20.62
C LEU B 421 -28.08 -1.05 19.88
N ILE B 422 -27.27 -2.05 20.21
CA ILE B 422 -27.16 -3.27 19.43
C ILE B 422 -27.37 -4.44 20.37
N PHE B 423 -28.47 -5.16 20.20
CA PHE B 423 -28.81 -6.26 21.09
C PHE B 423 -28.07 -7.52 20.70
N SER B 424 -28.18 -8.53 21.56
CA SER B 424 -27.55 -9.82 21.32
C SER B 424 -28.02 -10.81 22.36
N ARG B 425 -28.02 -12.08 21.98
CA ARG B 425 -28.33 -13.12 22.95
C ARG B 425 -27.27 -13.16 24.03
N SER B 426 -26.02 -12.95 23.67
CA SER B 426 -24.94 -12.85 24.64
C SER B 426 -23.74 -12.22 23.95
N TRP B 427 -23.34 -11.04 24.41
CA TRP B 427 -22.14 -10.43 23.85
C TRP B 427 -20.89 -11.21 24.19
N SER B 428 -20.89 -11.96 25.29
CA SER B 428 -19.71 -12.71 25.68
C SER B 428 -19.33 -13.73 24.62
N VAL B 429 -20.32 -14.42 24.06
CA VAL B 429 -20.01 -15.38 23.02
C VAL B 429 -19.58 -14.69 21.74
N ASP B 430 -20.22 -13.56 21.41
CA ASP B 430 -19.84 -12.80 20.22
C ASP B 430 -18.42 -12.28 20.31
N LEU B 431 -17.92 -12.02 21.52
CA LEU B 431 -16.55 -11.59 21.71
C LEU B 431 -15.61 -12.75 22.02
N GLY B 432 -16.04 -13.97 21.74
CA GLY B 432 -15.19 -15.12 22.00
C GLY B 432 -14.93 -15.33 23.47
N LEU B 433 -15.97 -15.61 24.24
CA LEU B 433 -15.82 -15.82 25.66
C LEU B 433 -16.80 -16.90 26.12
N GLN B 434 -16.54 -17.42 27.30
CA GLN B 434 -17.45 -18.37 27.93
C GLN B 434 -18.79 -17.69 28.19
N GLU B 435 -19.88 -18.39 27.92
CA GLU B 435 -21.21 -17.87 28.14
C GLU B 435 -21.74 -18.34 29.48
N ASN B 436 -22.74 -17.64 30.01
CA ASN B 436 -23.56 -18.14 31.10
C ASN B 436 -25.02 -17.93 30.73
N HIS B 437 -25.84 -18.95 31.02
CA HIS B 437 -27.19 -19.02 30.47
C HIS B 437 -28.21 -18.19 31.24
N LYS B 438 -27.87 -17.72 32.44
CA LYS B 438 -28.82 -16.99 33.25
C LYS B 438 -29.11 -15.59 32.71
N VAL B 439 -28.32 -15.10 31.78
CA VAL B 439 -28.49 -13.75 31.25
C VAL B 439 -29.49 -13.79 30.10
N LEU B 440 -30.47 -12.90 30.13
CA LEU B 440 -31.48 -12.88 29.09
C LEU B 440 -30.89 -12.39 27.77
N CYS B 441 -30.36 -11.17 27.75
CA CYS B 441 -29.77 -10.59 26.56
C CYS B 441 -28.68 -9.62 26.99
N ASP B 442 -28.28 -8.74 26.08
CA ASP B 442 -27.32 -7.69 26.38
C ASP B 442 -27.63 -6.51 25.48
N ALA B 443 -26.71 -5.56 25.39
CA ALA B 443 -26.90 -4.42 24.53
C ALA B 443 -25.61 -3.62 24.51
N LEU B 444 -25.54 -2.64 23.62
CA LEU B 444 -24.34 -1.81 23.49
C LEU B 444 -24.78 -0.48 22.92
N LEU B 445 -24.92 0.51 23.79
CA LEU B 445 -25.34 1.85 23.39
C LEU B 445 -24.12 2.69 23.07
N ILE B 446 -24.06 3.23 21.87
CA ILE B 446 -22.89 3.97 21.40
C ILE B 446 -23.36 5.36 20.99
N SER B 447 -23.34 6.31 21.92
CA SER B 447 -23.84 7.64 21.65
C SER B 447 -22.68 8.62 21.43
N GLN B 448 -23.02 9.89 21.23
CA GLN B 448 -22.02 10.91 20.99
C GLN B 448 -21.16 11.14 22.22
N ASP B 449 -21.77 11.63 23.29
CA ASP B 449 -21.16 11.67 24.60
C ASP B 449 -21.40 10.32 25.26
N SER B 450 -21.15 10.23 26.57
CA SER B 450 -21.54 9.03 27.30
C SER B 450 -20.90 7.77 26.73
N PRO B 451 -19.66 7.47 27.10
CA PRO B 451 -18.93 6.32 26.52
C PRO B 451 -19.76 5.05 26.53
N PRO B 452 -19.39 4.08 25.69
CA PRO B 452 -20.30 2.96 25.41
C PRO B 452 -20.65 2.15 26.65
N VAL B 453 -21.94 1.89 26.82
CA VAL B 453 -22.46 1.15 27.95
C VAL B 453 -22.76 -0.26 27.49
N LEU B 454 -22.87 -1.17 28.46
CA LEU B 454 -23.14 -2.58 28.17
C LEU B 454 -24.26 -3.06 29.09
N TYR B 455 -25.51 -2.87 28.67
CA TYR B 455 -26.64 -3.30 29.46
C TYR B 455 -26.71 -4.81 29.50
N THR B 456 -26.80 -5.38 30.70
CA THR B 456 -26.95 -6.82 30.88
C THR B 456 -28.27 -7.06 31.61
N PHE B 457 -29.22 -7.68 30.93
CA PHE B 457 -30.51 -7.97 31.52
C PHE B 457 -30.60 -9.43 31.93
N HIS B 458 -31.43 -9.70 32.93
CA HIS B 458 -31.60 -11.05 33.42
C HIS B 458 -32.77 -11.07 34.37
N MET B 459 -33.36 -12.27 34.54
CA MET B 459 -34.44 -12.48 35.50
C MET B 459 -34.02 -13.60 36.44
N VAL B 460 -33.21 -13.27 37.43
CA VAL B 460 -32.88 -14.15 38.53
C VAL B 460 -32.61 -13.29 39.74
N GLN B 461 -33.43 -13.40 40.78
CA GLN B 461 -33.21 -12.57 41.96
C GLN B 461 -32.32 -13.27 42.98
N ASP B 462 -31.22 -13.84 42.51
CA ASP B 462 -30.28 -14.49 43.41
C ASP B 462 -28.84 -14.06 43.19
N GLU B 463 -28.41 -13.90 41.95
CA GLU B 463 -27.02 -13.64 41.62
C GLU B 463 -26.82 -12.18 41.24
N GLU B 464 -25.57 -11.84 40.93
CA GLU B 464 -25.19 -10.46 40.66
C GLU B 464 -24.71 -10.23 39.23
N PHE B 465 -23.95 -11.15 38.66
CA PHE B 465 -23.43 -11.00 37.31
C PHE B 465 -22.45 -9.83 37.18
N LYS B 466 -21.90 -9.35 38.29
CA LYS B 466 -20.89 -8.30 38.17
C LYS B 466 -19.66 -8.81 37.45
N GLY B 467 -19.22 -10.03 37.78
CA GLY B 467 -18.07 -10.59 37.08
C GLY B 467 -18.32 -10.73 35.60
N TYR B 468 -19.50 -11.20 35.22
CA TYR B 468 -19.82 -11.36 33.81
C TYR B 468 -19.77 -10.04 33.07
N SER B 469 -20.46 -9.03 33.60
CA SER B 469 -20.52 -7.75 32.92
C SER B 469 -19.14 -7.09 32.86
N THR B 470 -18.35 -7.19 33.94
CA THR B 470 -17.03 -6.57 33.91
C THR B 470 -16.12 -7.26 32.92
N GLN B 471 -16.13 -8.61 32.89
CA GLN B 471 -15.31 -9.31 31.90
C GLN B 471 -15.73 -8.96 30.48
N THR B 472 -17.03 -8.85 30.24
CA THR B 472 -17.48 -8.54 28.89
C THR B 472 -17.07 -7.12 28.50
N ALA B 473 -17.22 -6.16 29.40
CA ALA B 473 -16.81 -4.80 29.07
C ALA B 473 -15.32 -4.70 28.85
N LEU B 474 -14.54 -5.41 29.66
CA LEU B 474 -13.09 -5.43 29.50
C LEU B 474 -12.71 -5.96 28.13
N THR B 475 -13.24 -7.12 27.77
CA THR B 475 -12.89 -7.70 26.48
C THR B 475 -13.38 -6.84 25.33
N LEU B 476 -14.51 -6.16 25.48
CA LEU B 476 -14.96 -5.28 24.41
C LEU B 476 -14.01 -4.11 24.24
N LYS B 477 -13.53 -3.54 25.33
CA LYS B 477 -12.55 -2.45 25.24
C LYS B 477 -11.30 -2.92 24.51
N GLN B 478 -10.75 -4.05 24.93
CA GLN B 478 -9.51 -4.53 24.32
C GLN B 478 -9.72 -4.86 22.86
N LYS B 479 -10.85 -5.50 22.52
CA LYS B 479 -11.09 -5.85 21.12
C LYS B 479 -11.22 -4.60 20.27
N LEU B 480 -11.98 -3.61 20.73
CA LEU B 480 -12.09 -2.35 19.99
C LEU B 480 -10.71 -1.79 19.68
N ALA B 481 -9.92 -1.55 20.73
CA ALA B 481 -8.64 -0.89 20.53
C ALA B 481 -7.68 -1.70 19.66
N LYS B 482 -7.58 -3.01 19.90
CA LYS B 482 -6.60 -3.80 19.17
C LYS B 482 -7.07 -4.20 17.77
N ILE B 483 -8.19 -4.89 17.67
CA ILE B 483 -8.66 -5.43 16.41
C ILE B 483 -9.48 -4.40 15.64
N GLY B 484 -10.35 -3.65 16.31
CA GLY B 484 -11.17 -2.71 15.59
C GLY B 484 -10.41 -1.53 15.06
N GLY B 485 -9.23 -1.25 15.61
CA GLY B 485 -8.45 -0.13 15.15
C GLY B 485 -8.96 1.20 15.61
N TYR B 486 -9.56 1.27 16.79
CA TYR B 486 -9.92 2.55 17.38
C TYR B 486 -8.70 3.18 18.00
N THR B 487 -8.42 4.42 17.63
CA THR B 487 -7.16 5.08 17.98
C THR B 487 -7.35 6.22 18.96
N LYS B 488 -8.24 6.06 19.93
CA LYS B 488 -8.42 7.07 20.97
C LYS B 488 -8.65 6.36 22.29
N LYS B 489 -9.08 7.13 23.28
CA LYS B 489 -9.27 6.61 24.63
C LYS B 489 -10.70 6.17 24.84
N VAL B 490 -10.89 4.91 25.22
CA VAL B 490 -12.22 4.33 25.40
C VAL B 490 -12.33 3.71 26.77
N CYS B 491 -13.57 3.61 27.24
CA CYS B 491 -13.89 2.89 28.46
C CYS B 491 -15.32 2.41 28.35
N VAL B 492 -15.53 1.11 28.47
CA VAL B 492 -16.85 0.52 28.32
C VAL B 492 -17.47 0.46 29.71
N MET B 493 -18.45 1.32 29.97
CA MET B 493 -19.15 1.30 31.24
C MET B 493 -20.10 0.09 31.29
N THR B 494 -20.90 0.01 32.34
CA THR B 494 -21.76 -1.16 32.52
C THR B 494 -23.02 -0.76 33.26
N LYS B 495 -24.04 -1.59 33.13
CA LYS B 495 -25.29 -1.50 33.86
C LYS B 495 -25.92 -2.87 33.90
N ILE B 496 -26.53 -3.21 35.02
CA ILE B 496 -27.23 -4.48 35.16
C ILE B 496 -28.64 -4.20 35.64
N PHE B 497 -29.61 -4.81 34.99
CA PHE B 497 -31.01 -4.62 35.33
C PHE B 497 -31.62 -5.96 35.74
N TYR B 498 -32.80 -5.89 36.34
CA TYR B 498 -33.54 -7.08 36.74
C TYR B 498 -34.96 -6.99 36.19
N LEU B 499 -35.30 -7.92 35.32
CA LEU B 499 -36.64 -7.97 34.72
C LEU B 499 -37.39 -9.12 35.36
N SER B 500 -38.21 -8.81 36.34
CA SER B 500 -38.98 -9.82 37.05
C SER B 500 -40.27 -10.09 36.29
N PRO B 501 -41.12 -10.98 36.81
CA PRO B 501 -42.44 -11.17 36.19
C PRO B 501 -43.34 -9.96 36.41
N GLU B 502 -43.24 -9.00 35.49
CA GLU B 502 -43.85 -7.65 35.50
C GLU B 502 -43.15 -6.71 36.48
N GLY B 503 -41.83 -6.81 36.56
CA GLY B 503 -41.05 -5.79 37.23
C GLY B 503 -39.91 -5.34 36.35
N MET B 504 -39.93 -4.06 35.94
CA MET B 504 -39.05 -3.56 34.89
C MET B 504 -38.00 -2.59 35.44
N THR B 505 -37.61 -2.78 36.69
CA THR B 505 -36.77 -1.79 37.37
C THR B 505 -35.76 -2.56 38.21
N SER B 506 -35.21 -1.91 39.22
CA SER B 506 -34.16 -2.47 40.04
C SER B 506 -32.89 -2.70 39.23
N CYS B 507 -32.30 -1.62 38.74
CA CYS B 507 -30.94 -1.65 38.23
C CYS B 507 -30.02 -2.08 39.36
N GLN B 508 -29.54 -3.32 39.30
CA GLN B 508 -28.72 -3.87 40.36
C GLN B 508 -27.29 -3.39 40.34
N TYR B 509 -26.90 -2.59 39.35
CA TYR B 509 -25.52 -2.15 39.25
C TYR B 509 -25.36 -1.05 38.22
N ASP B 510 -24.66 0.01 38.56
CA ASP B 510 -24.45 1.14 37.66
C ASP B 510 -22.98 1.53 37.75
N LEU B 511 -22.18 1.03 36.80
CA LEU B 511 -20.74 1.18 36.89
C LEU B 511 -20.28 2.62 36.81
N ARG B 512 -21.11 3.52 36.29
CA ARG B 512 -20.66 4.89 36.16
C ARG B 512 -20.54 5.57 37.52
N SER B 513 -21.44 5.26 38.44
CA SER B 513 -21.31 5.79 39.81
C SER B 513 -20.59 4.81 40.72
N GLN B 514 -19.47 4.27 40.25
CA GLN B 514 -18.59 3.48 41.09
C GLN B 514 -17.12 3.74 40.83
N VAL B 515 -16.75 4.26 39.67
CA VAL B 515 -15.37 4.41 39.27
C VAL B 515 -15.19 5.76 38.61
N ILE B 516 -14.03 6.36 38.83
CA ILE B 516 -13.71 7.68 38.31
C ILE B 516 -12.59 7.51 37.28
N TYR B 517 -12.78 8.11 36.11
CA TYR B 517 -11.83 8.11 35.02
C TYR B 517 -11.31 9.52 34.78
N PRO B 518 -10.25 9.67 34.00
CA PRO B 518 -9.81 11.01 33.61
C PRO B 518 -10.85 11.71 32.77
N GLU B 519 -10.58 12.99 32.51
CA GLU B 519 -11.58 13.83 31.87
C GLU B 519 -11.78 13.50 30.40
N SER B 520 -10.78 12.94 29.74
CA SER B 520 -10.85 12.70 28.32
C SER B 520 -11.40 11.33 27.97
N TYR B 521 -11.68 10.50 28.96
CA TYR B 521 -12.26 9.19 28.70
C TYR B 521 -13.76 9.23 28.52
N TYR B 522 -14.38 10.41 28.53
CA TYR B 522 -15.82 10.55 28.52
C TYR B 522 -16.38 11.09 27.21
N PHE B 523 -15.54 11.42 26.24
CA PHE B 523 -15.99 12.05 25.01
C PHE B 523 -15.51 11.22 23.83
N THR B 524 -16.25 10.17 23.48
CA THR B 524 -15.92 9.34 22.35
C THR B 524 -16.45 9.99 21.08
N ARG B 525 -16.45 9.26 19.96
CA ARG B 525 -16.70 9.87 18.66
C ARG B 525 -17.88 9.29 17.90
N ARG B 526 -18.31 8.06 18.20
CA ARG B 526 -19.60 7.53 17.77
C ARG B 526 -19.65 7.15 16.30
N LYS B 527 -18.66 7.53 15.52
CA LYS B 527 -18.54 7.07 14.14
C LYS B 527 -17.34 6.18 13.95
N TYR B 528 -16.19 6.56 14.50
CA TYR B 528 -15.07 5.65 14.52
C TYR B 528 -15.31 4.50 15.48
N LEU B 529 -16.17 4.69 16.48
CA LEU B 529 -16.59 3.55 17.29
C LEU B 529 -17.40 2.57 16.47
N LEU B 530 -18.24 3.07 15.57
CA LEU B 530 -19.01 2.16 14.73
C LEU B 530 -18.12 1.43 13.74
N LYS B 531 -17.18 2.13 13.12
CA LYS B 531 -16.23 1.46 12.23
C LYS B 531 -15.42 0.42 12.99
N ALA B 532 -14.97 0.77 14.21
CA ALA B 532 -14.20 -0.18 15.01
C ALA B 532 -15.04 -1.40 15.35
N LEU B 533 -16.33 -1.19 15.67
CA LEU B 533 -17.19 -2.32 15.98
C LEU B 533 -17.38 -3.21 14.77
N PHE B 534 -17.59 -2.59 13.60
CA PHE B 534 -17.69 -3.35 12.36
C PHE B 534 -16.47 -4.22 12.15
N LYS B 535 -15.28 -3.61 12.20
CA LYS B 535 -14.06 -4.35 11.91
C LYS B 535 -13.80 -5.43 12.97
N ALA B 536 -14.10 -5.14 14.23
CA ALA B 536 -13.88 -6.13 15.28
C ALA B 536 -14.80 -7.32 15.10
N LEU B 537 -16.07 -7.07 14.78
CA LEU B 537 -16.99 -8.17 14.54
C LEU B 537 -16.57 -8.97 13.33
N LYS B 538 -16.08 -8.30 12.29
CA LYS B 538 -15.64 -9.01 11.10
C LYS B 538 -14.45 -9.90 11.40
N ARG B 539 -13.42 -9.35 12.03
CA ARG B 539 -12.23 -10.14 12.35
C ARG B 539 -12.55 -11.25 13.35
N LEU B 540 -13.57 -11.06 14.19
CA LEU B 540 -13.97 -12.09 15.13
C LEU B 540 -14.87 -13.14 14.50
N LYS B 541 -15.27 -12.94 13.25
CA LYS B 541 -16.15 -13.90 12.56
C LYS B 541 -17.50 -14.00 13.24
N SER B 542 -18.06 -12.85 13.66
CA SER B 542 -19.40 -12.82 14.22
C SER B 542 -20.17 -11.58 13.77
N LEU B 543 -19.90 -11.08 12.56
CA LEU B 543 -20.66 -9.96 12.03
C LEU B 543 -21.83 -10.51 11.23
N ARG B 544 -23.00 -10.61 11.85
CA ARG B 544 -24.13 -11.29 11.24
C ARG B 544 -25.23 -10.32 10.83
N ASP B 545 -25.81 -9.59 11.77
CA ASP B 545 -27.04 -8.88 11.49
C ASP B 545 -26.94 -7.43 11.94
N GLN B 546 -26.03 -7.15 12.87
CA GLN B 546 -25.76 -5.78 13.25
C GLN B 546 -25.36 -4.98 12.02
N PHE B 547 -25.63 -3.67 12.05
CA PHE B 547 -25.37 -2.83 10.88
C PHE B 547 -26.16 -3.36 9.68
N SER B 548 -27.47 -3.15 9.75
CA SER B 548 -28.41 -3.82 8.85
C SER B 548 -28.07 -3.63 7.37
N PHE B 549 -28.16 -2.39 6.88
CA PHE B 549 -28.09 -2.02 5.46
C PHE B 549 -28.79 -3.03 4.56
N ALA B 550 -30.11 -3.12 4.68
CA ALA B 550 -30.95 -4.14 4.05
C ALA B 550 -30.60 -4.37 2.59
N GLU B 551 -30.73 -5.63 2.17
CA GLU B 551 -30.26 -6.10 0.88
C GLU B 551 -31.38 -6.49 -0.06
N ASN B 552 -32.62 -6.07 0.20
CA ASN B 552 -33.65 -6.26 -0.80
C ASN B 552 -33.37 -5.42 -2.04
N LEU B 553 -32.61 -4.34 -1.87
CA LEU B 553 -32.21 -3.54 -3.02
C LEU B 553 -31.04 -4.18 -3.76
N TYR B 554 -30.09 -4.72 -3.01
CA TYR B 554 -28.94 -5.35 -3.66
C TYR B 554 -29.35 -6.59 -4.43
N GLN B 555 -30.19 -7.44 -3.81
CA GLN B 555 -30.61 -8.67 -4.48
C GLN B 555 -31.33 -8.39 -5.78
N ILE B 556 -32.00 -7.25 -5.88
CA ILE B 556 -32.60 -6.83 -7.14
C ILE B 556 -31.53 -6.33 -8.11
N ILE B 557 -30.66 -5.44 -7.63
CA ILE B 557 -29.62 -4.88 -8.48
C ILE B 557 -28.68 -5.97 -8.96
N GLY B 558 -28.32 -6.88 -8.06
CA GLY B 558 -27.40 -7.95 -8.37
C GLY B 558 -26.11 -7.91 -7.60
N ILE B 559 -25.91 -6.92 -6.74
CA ILE B 559 -24.69 -6.83 -5.95
C ILE B 559 -24.64 -8.00 -4.96
N ASP B 560 -23.43 -8.44 -4.66
CA ASP B 560 -23.20 -9.68 -3.93
C ASP B 560 -23.27 -9.45 -2.43
N CYS B 561 -22.79 -10.43 -1.67
CA CYS B 561 -22.62 -10.28 -0.23
C CYS B 561 -21.43 -9.36 0.04
N PHE B 562 -21.07 -9.21 1.32
CA PHE B 562 -20.02 -8.28 1.69
C PHE B 562 -19.09 -8.81 2.77
N GLN B 563 -19.22 -10.04 3.21
CA GLN B 563 -18.44 -10.50 4.35
C GLN B 563 -18.39 -12.03 4.32
N LYS B 564 -17.96 -12.64 5.43
CA LYS B 564 -17.67 -14.06 5.49
C LYS B 564 -16.58 -14.42 4.48
N ASN B 565 -15.38 -13.91 4.76
CA ASN B 565 -14.32 -13.90 3.77
C ASN B 565 -13.76 -15.29 3.50
N ASP B 566 -14.52 -16.07 2.74
CA ASP B 566 -14.08 -17.36 2.22
C ASP B 566 -14.59 -17.56 0.80
N LYS B 567 -15.08 -16.50 0.18
CA LYS B 567 -15.64 -16.57 -1.17
C LYS B 567 -15.20 -15.39 -2.03
N LYS C 1 -31.90 -36.58 -34.52
CA LYS C 1 -31.51 -35.27 -35.02
C LYS C 1 -30.25 -34.73 -34.32
N PRO C 2 -30.26 -34.61 -33.00
CA PRO C 2 -29.05 -34.18 -32.30
C PRO C 2 -27.97 -35.24 -32.39
N ILE C 3 -26.73 -34.79 -32.32
CA ILE C 3 -25.60 -35.72 -32.26
C ILE C 3 -25.69 -36.44 -30.92
N LEU C 4 -25.91 -37.74 -30.94
CA LEU C 4 -26.05 -38.47 -29.67
C LEU C 4 -24.71 -39.04 -29.22
N ALA C 5 -24.21 -40.04 -29.94
CA ALA C 5 -22.95 -40.68 -29.61
C ALA C 5 -22.67 -41.81 -30.59
N PRO C 6 -21.45 -42.36 -30.59
CA PRO C 6 -21.22 -43.61 -31.30
C PRO C 6 -21.95 -44.75 -30.61
N GLU C 7 -22.12 -45.85 -31.35
CA GLU C 7 -22.92 -46.96 -30.85
C GLU C 7 -22.34 -47.57 -29.60
N PRO C 8 -21.08 -48.01 -29.57
CA PRO C 8 -20.48 -48.45 -28.31
C PRO C 8 -19.92 -47.25 -27.56
N LEU C 9 -20.12 -47.24 -26.24
CA LEU C 9 -19.74 -46.07 -25.46
C LEU C 9 -18.23 -45.92 -25.39
N VAL C 10 -17.55 -46.88 -24.78
CA VAL C 10 -16.11 -46.81 -24.56
C VAL C 10 -15.45 -47.88 -25.43
N MET C 11 -14.56 -47.44 -26.31
CA MET C 11 -13.90 -48.37 -27.21
C MET C 11 -12.72 -49.02 -26.51
N ASP C 12 -12.39 -50.21 -26.99
CA ASP C 12 -11.42 -51.09 -26.35
C ASP C 12 -10.09 -51.15 -27.09
N ASN C 13 -10.10 -50.94 -28.41
CA ASN C 13 -8.89 -51.08 -29.19
C ASN C 13 -7.83 -50.04 -28.86
N LEU C 14 -8.21 -48.94 -28.19
CA LEU C 14 -7.24 -47.92 -27.84
C LEU C 14 -6.70 -48.13 -26.43
N ASP C 15 -6.31 -49.36 -26.14
CA ASP C 15 -5.79 -49.67 -24.82
C ASP C 15 -4.27 -49.82 -24.90
N SER C 16 -3.65 -49.94 -23.73
CA SER C 16 -2.20 -50.02 -23.57
C SER C 16 -1.51 -48.68 -23.82
N ILE C 17 -2.25 -47.67 -24.26
CA ILE C 17 -1.74 -46.32 -24.39
C ILE C 17 -2.40 -45.39 -23.40
N MET C 18 -3.69 -45.58 -23.15
CA MET C 18 -4.39 -44.82 -22.11
C MET C 18 -3.82 -45.11 -20.73
N GLU C 19 -3.18 -46.26 -20.54
CA GLU C 19 -2.57 -46.56 -19.24
C GLU C 19 -1.27 -45.79 -19.06
N GLN C 20 -0.54 -45.54 -20.14
CA GLN C 20 0.62 -44.67 -20.07
C GLN C 20 0.21 -43.21 -20.31
N LEU C 21 -0.79 -42.78 -19.55
CA LEU C 21 -1.36 -41.44 -19.67
C LEU C 21 -0.95 -40.52 -18.53
N ASN C 22 -0.17 -41.03 -17.57
CA ASN C 22 0.34 -40.22 -16.48
C ASN C 22 1.74 -39.70 -16.73
N THR C 23 2.19 -39.73 -17.98
CA THR C 23 3.49 -39.20 -18.35
C THR C 23 3.31 -37.85 -19.02
N TRP C 24 4.17 -36.90 -18.66
CA TRP C 24 4.04 -35.54 -19.20
C TRP C 24 4.18 -35.53 -20.71
N ASN C 25 4.98 -36.41 -21.28
CA ASN C 25 5.15 -36.48 -22.73
C ASN C 25 4.22 -37.55 -23.30
N PHE C 26 2.93 -37.31 -23.17
CA PHE C 26 1.93 -38.28 -23.62
C PHE C 26 1.97 -38.42 -25.13
N PRO C 27 1.93 -39.63 -25.67
CA PRO C 27 1.97 -39.80 -27.13
C PRO C 27 0.61 -39.54 -27.76
N ILE C 28 0.22 -38.28 -27.83
CA ILE C 28 -1.15 -37.94 -28.21
C ILE C 28 -1.41 -38.29 -29.68
N PHE C 29 -0.44 -38.00 -30.56
CA PHE C 29 -0.67 -38.22 -31.98
C PHE C 29 -0.69 -39.71 -32.31
N ASP C 30 0.04 -40.53 -31.56
CA ASP C 30 -0.08 -41.97 -31.72
C ASP C 30 -1.49 -42.43 -31.38
N LEU C 31 -2.13 -41.76 -30.42
CA LEU C 31 -3.51 -42.08 -30.09
C LEU C 31 -4.45 -41.63 -31.19
N VAL C 32 -4.22 -40.44 -31.76
CA VAL C 32 -5.03 -39.98 -32.89
C VAL C 32 -4.94 -40.96 -34.05
N GLU C 33 -3.74 -41.52 -34.28
CA GLU C 33 -3.64 -42.56 -35.30
C GLU C 33 -4.26 -43.86 -34.82
N ASN C 34 -4.34 -44.05 -33.51
CA ASN C 34 -4.99 -45.24 -32.97
C ASN C 34 -6.50 -45.16 -33.13
N ILE C 35 -7.12 -44.11 -32.60
CA ILE C 35 -8.54 -43.88 -32.82
C ILE C 35 -8.79 -43.56 -34.28
N GLY C 36 -9.98 -43.92 -34.76
CA GLY C 36 -10.39 -43.56 -36.10
C GLY C 36 -10.34 -42.06 -36.34
N ARG C 37 -9.40 -41.62 -37.16
CA ARG C 37 -9.19 -40.20 -37.41
C ARG C 37 -10.23 -39.60 -38.34
N LYS C 38 -11.13 -40.41 -38.90
CA LYS C 38 -12.13 -39.86 -39.81
C LYS C 38 -13.19 -39.07 -39.06
N CYS C 39 -13.91 -39.71 -38.16
CA CYS C 39 -14.92 -39.04 -37.36
C CYS C 39 -14.28 -38.13 -36.32
N GLY C 40 -13.47 -38.70 -35.44
CA GLY C 40 -12.85 -37.96 -34.36
C GLY C 40 -13.54 -38.21 -33.04
N ARG C 41 -12.93 -39.04 -32.19
CA ARG C 41 -13.46 -39.33 -30.87
C ARG C 41 -12.39 -39.30 -29.81
N ILE C 42 -11.35 -38.49 -30.01
CA ILE C 42 -10.25 -38.48 -29.05
C ILE C 42 -10.65 -37.79 -27.76
N LEU C 43 -11.28 -36.62 -27.85
CA LEU C 43 -11.59 -35.84 -26.65
C LEU C 43 -12.58 -36.55 -25.76
N SER C 44 -13.60 -37.17 -26.34
CA SER C 44 -14.60 -37.87 -25.53
C SER C 44 -13.98 -39.07 -24.83
N GLN C 45 -13.16 -39.85 -25.54
CA GLN C 45 -12.55 -41.02 -24.92
C GLN C 45 -11.60 -40.62 -23.80
N VAL C 46 -10.74 -39.63 -24.07
CA VAL C 46 -9.79 -39.18 -23.06
C VAL C 46 -10.54 -38.63 -21.85
N SER C 47 -11.64 -37.91 -22.08
CA SER C 47 -12.41 -37.36 -20.98
C SER C 47 -13.04 -38.46 -20.15
N TYR C 48 -13.61 -39.47 -20.80
CA TYR C 48 -14.17 -40.58 -20.04
C TYR C 48 -13.12 -41.26 -19.20
N ARG C 49 -11.96 -41.54 -19.79
CA ARG C 49 -10.92 -42.25 -19.05
C ARG C 49 -10.45 -41.41 -17.85
N LEU C 50 -10.25 -40.12 -18.04
CA LEU C 50 -9.77 -39.29 -16.95
C LEU C 50 -10.79 -39.16 -15.84
N PHE C 51 -12.08 -39.00 -16.19
CA PHE C 51 -13.10 -38.89 -15.16
C PHE C 51 -13.26 -40.21 -14.41
N GLU C 52 -13.25 -41.33 -15.12
CA GLU C 52 -13.32 -42.62 -14.44
C GLU C 52 -12.11 -42.84 -13.56
N ASP C 53 -10.94 -42.35 -13.95
CA ASP C 53 -9.77 -42.38 -13.09
C ASP C 53 -10.01 -41.61 -11.81
N MET C 54 -10.52 -40.38 -11.93
CA MET C 54 -10.76 -39.59 -10.74
C MET C 54 -11.98 -40.05 -9.95
N GLY C 55 -12.75 -41.01 -10.48
CA GLY C 55 -13.94 -41.45 -9.78
C GLY C 55 -15.04 -40.43 -9.72
N LEU C 56 -14.97 -39.37 -10.52
CA LEU C 56 -15.98 -38.32 -10.47
C LEU C 56 -17.34 -38.79 -10.93
N PHE C 57 -17.42 -39.91 -11.65
CA PHE C 57 -18.71 -40.47 -12.01
C PHE C 57 -19.48 -40.97 -10.80
N GLU C 58 -18.79 -41.22 -9.68
CA GLU C 58 -19.43 -41.61 -8.44
C GLU C 58 -19.58 -40.46 -7.46
N ALA C 59 -18.56 -39.62 -7.34
CA ALA C 59 -18.61 -38.52 -6.39
C ALA C 59 -19.68 -37.49 -6.73
N PHE C 60 -20.22 -37.51 -7.95
CA PHE C 60 -21.29 -36.60 -8.33
C PHE C 60 -22.47 -37.33 -8.95
N LYS C 61 -22.37 -38.64 -9.13
CA LYS C 61 -23.47 -39.46 -9.65
C LYS C 61 -23.92 -38.98 -11.03
N ILE C 62 -23.02 -39.09 -11.97
CA ILE C 62 -23.22 -38.62 -13.35
C ILE C 62 -23.55 -39.81 -14.23
N PRO C 63 -24.53 -39.71 -15.12
CA PRO C 63 -24.78 -40.80 -16.07
C PRO C 63 -23.78 -40.76 -17.21
N ILE C 64 -23.15 -41.90 -17.49
CA ILE C 64 -22.09 -41.93 -18.49
C ILE C 64 -22.64 -41.74 -19.89
N ARG C 65 -23.90 -42.12 -20.11
CA ARG C 65 -24.50 -41.99 -21.44
C ARG C 65 -24.58 -40.54 -21.86
N GLU C 66 -25.22 -39.70 -21.05
CA GLU C 66 -25.34 -38.29 -21.40
C GLU C 66 -24.00 -37.58 -21.37
N PHE C 67 -23.09 -38.03 -20.50
CA PHE C 67 -21.73 -37.51 -20.51
C PHE C 67 -21.09 -37.69 -21.88
N MET C 68 -21.09 -38.93 -22.38
CA MET C 68 -20.51 -39.18 -23.70
C MET C 68 -21.27 -38.43 -24.77
N ASN C 69 -22.59 -38.30 -24.62
CA ASN C 69 -23.38 -37.53 -25.58
C ASN C 69 -22.88 -36.10 -25.68
N TYR C 70 -22.78 -35.43 -24.54
CA TYR C 70 -22.36 -34.04 -24.55
C TYR C 70 -20.96 -33.90 -25.11
N PHE C 71 -20.03 -34.73 -24.66
CA PHE C 71 -18.66 -34.52 -25.09
C PHE C 71 -18.47 -34.90 -26.55
N HIS C 72 -19.27 -35.82 -27.07
CA HIS C 72 -19.19 -36.09 -28.50
C HIS C 72 -19.75 -34.94 -29.30
N ALA C 73 -20.84 -34.33 -28.84
CA ALA C 73 -21.33 -33.12 -29.52
C ALA C 73 -20.27 -32.03 -29.47
N LEU C 74 -19.58 -31.90 -28.34
CA LEU C 74 -18.50 -30.94 -28.20
C LEU C 74 -17.40 -31.18 -29.24
N GLU C 75 -16.85 -32.39 -29.24
CA GLU C 75 -15.73 -32.69 -30.14
C GLU C 75 -16.15 -32.61 -31.60
N ILE C 76 -17.42 -32.86 -31.91
CA ILE C 76 -17.88 -32.61 -33.26
C ILE C 76 -17.90 -31.12 -33.54
N GLY C 77 -18.15 -30.31 -32.51
CA GLY C 77 -18.24 -28.88 -32.72
C GLY C 77 -16.91 -28.22 -33.03
N TYR C 78 -15.81 -28.80 -32.55
CA TYR C 78 -14.50 -28.20 -32.76
C TYR C 78 -14.19 -28.15 -34.24
N ARG C 79 -13.94 -26.96 -34.75
CA ARG C 79 -13.64 -26.80 -36.16
C ARG C 79 -12.39 -27.58 -36.52
N ASP C 80 -12.24 -27.89 -37.81
CA ASP C 80 -11.12 -28.70 -38.27
C ASP C 80 -10.06 -27.79 -38.86
N ILE C 81 -9.35 -27.12 -37.98
CA ILE C 81 -8.28 -26.20 -38.36
C ILE C 81 -6.94 -26.81 -37.95
N PRO C 82 -5.80 -26.21 -38.32
CA PRO C 82 -4.53 -26.88 -38.07
C PRO C 82 -4.11 -26.92 -36.62
N TYR C 83 -4.43 -25.91 -35.82
CA TYR C 83 -3.99 -25.89 -34.43
C TYR C 83 -5.14 -25.99 -33.43
N HIS C 84 -6.09 -25.06 -33.46
CA HIS C 84 -7.13 -25.01 -32.44
C HIS C 84 -8.24 -26.00 -32.80
N ASN C 85 -7.89 -27.28 -32.66
CA ASN C 85 -8.85 -28.35 -32.95
C ASN C 85 -9.00 -29.26 -31.75
N ARG C 86 -9.68 -30.39 -31.93
CA ARG C 86 -10.00 -31.24 -30.79
C ARG C 86 -8.75 -31.86 -30.16
N ILE C 87 -7.69 -32.00 -30.94
CA ILE C 87 -6.44 -32.50 -30.37
C ILE C 87 -5.88 -31.51 -29.37
N HIS C 88 -5.95 -30.22 -29.69
CA HIS C 88 -5.48 -29.21 -28.75
C HIS C 88 -6.29 -29.24 -27.46
N ALA C 89 -7.61 -29.39 -27.57
CA ALA C 89 -8.43 -29.47 -26.37
C ALA C 89 -8.08 -30.70 -25.54
N THR C 90 -7.87 -31.85 -26.19
CA THR C 90 -7.48 -33.04 -25.44
C THR C 90 -6.14 -32.84 -24.77
N ASP C 91 -5.21 -32.16 -25.44
CA ASP C 91 -3.91 -31.89 -24.85
C ASP C 91 -4.05 -31.02 -23.61
N VAL C 92 -4.88 -29.99 -23.68
CA VAL C 92 -5.05 -29.12 -22.52
C VAL C 92 -5.73 -29.87 -21.38
N LEU C 93 -6.69 -30.73 -21.71
CA LEU C 93 -7.35 -31.53 -20.68
C LEU C 93 -6.36 -32.44 -19.99
N HIS C 94 -5.51 -33.12 -20.76
CA HIS C 94 -4.52 -34.00 -20.15
C HIS C 94 -3.51 -33.21 -19.33
N ALA C 95 -3.10 -32.04 -19.81
CA ALA C 95 -2.14 -31.24 -19.05
C ALA C 95 -2.72 -30.78 -17.72
N VAL C 96 -3.98 -30.38 -17.71
CA VAL C 96 -4.60 -29.99 -16.44
C VAL C 96 -4.74 -31.19 -15.52
N TRP C 97 -5.16 -32.33 -16.06
CA TRP C 97 -5.29 -33.53 -15.24
C TRP C 97 -3.94 -33.95 -14.66
N TYR C 98 -2.86 -33.72 -15.40
CA TYR C 98 -1.53 -34.01 -14.86
C TYR C 98 -1.18 -33.01 -13.77
N LEU C 99 -1.32 -31.72 -14.05
CA LEU C 99 -0.86 -30.72 -13.09
C LEU C 99 -1.63 -30.76 -11.79
N THR C 100 -2.86 -31.30 -11.79
CA THR C 100 -3.67 -31.29 -10.58
C THR C 100 -3.76 -32.64 -9.88
N THR C 101 -3.22 -33.71 -10.45
CA THR C 101 -3.31 -35.03 -9.83
C THR C 101 -1.97 -35.76 -9.91
N GLN C 102 -0.89 -35.07 -9.60
CA GLN C 102 0.42 -35.69 -9.55
C GLN C 102 1.19 -35.14 -8.35
N PRO C 103 2.14 -35.90 -7.82
CA PRO C 103 2.81 -35.49 -6.58
C PRO C 103 3.57 -34.19 -6.78
N ILE C 104 3.47 -33.31 -5.79
CA ILE C 104 4.12 -32.01 -5.84
C ILE C 104 4.96 -31.87 -4.57
N PRO C 105 6.28 -32.01 -4.66
CA PRO C 105 7.11 -32.04 -3.45
C PRO C 105 7.04 -30.74 -2.66
N GLY C 106 6.71 -30.86 -1.39
CA GLY C 106 6.60 -29.70 -0.53
C GLY C 106 5.18 -29.19 -0.41
N LEU C 107 4.21 -30.09 -0.50
CA LEU C 107 2.81 -29.72 -0.40
C LEU C 107 2.20 -30.23 0.90
N SER C 108 1.05 -29.66 1.24
CA SER C 108 0.37 -29.94 2.50
C SER C 108 -1.10 -30.26 2.21
N THR C 109 -1.40 -31.52 1.92
CA THR C 109 -2.78 -31.91 1.68
C THR C 109 -3.59 -31.78 2.97
N VAL C 110 -4.86 -31.46 2.80
CA VAL C 110 -5.75 -31.21 3.92
C VAL C 110 -7.09 -31.90 3.70
N GLY C 132 -15.66 -33.06 0.47
CA GLY C 132 -15.64 -34.25 -0.35
C GLY C 132 -14.62 -34.22 -1.45
N TYR C 133 -13.34 -34.17 -1.08
CA TYR C 133 -12.26 -34.19 -2.05
C TYR C 133 -12.22 -35.53 -2.76
N VAL C 134 -11.37 -35.62 -3.77
CA VAL C 134 -11.19 -36.86 -4.50
C VAL C 134 -9.81 -36.89 -5.12
N PHE C 135 -9.11 -38.00 -4.94
CA PHE C 135 -7.75 -38.18 -5.41
C PHE C 135 -7.74 -39.07 -6.65
N SER C 136 -6.59 -39.13 -7.30
CA SER C 136 -6.48 -39.90 -8.53
C SER C 136 -6.56 -41.39 -8.23
N LYS C 137 -6.36 -42.20 -9.27
CA LYS C 137 -6.60 -43.64 -9.18
C LYS C 137 -5.71 -44.30 -8.14
N THR C 138 -4.41 -44.35 -8.39
CA THR C 138 -3.50 -44.96 -7.40
C THR C 138 -2.87 -43.90 -6.52
N TYR C 139 -2.02 -43.06 -7.12
CA TYR C 139 -1.38 -41.92 -6.46
C TYR C 139 -0.40 -42.33 -5.34
N ASN C 140 -0.37 -43.61 -4.98
CA ASN C 140 0.47 -44.23 -3.94
C ASN C 140 0.79 -43.32 -2.77
N VAL C 141 -0.23 -42.65 -2.23
CA VAL C 141 -0.04 -41.57 -1.26
C VAL C 141 -0.02 -42.17 0.14
N THR C 142 1.18 -42.28 0.71
CA THR C 142 1.29 -42.66 2.11
C THR C 142 2.26 -41.71 2.80
N ASP C 143 3.19 -41.15 2.05
CA ASP C 143 4.24 -40.32 2.62
C ASP C 143 3.67 -38.95 3.00
N ASP C 144 4.53 -38.12 3.59
CA ASP C 144 4.18 -36.75 3.93
C ASP C 144 5.12 -35.76 3.25
N LYS C 145 5.62 -36.11 2.07
CA LYS C 145 6.49 -35.23 1.32
C LYS C 145 5.85 -34.71 0.04
N TYR C 146 4.99 -35.49 -0.59
CA TYR C 146 4.34 -35.11 -1.84
C TYR C 146 2.87 -34.87 -1.58
N GLY C 147 2.37 -33.70 -1.97
CA GLY C 147 0.95 -33.48 -2.03
C GLY C 147 0.50 -33.35 -3.47
N CYS C 148 -0.77 -33.55 -3.73
CA CYS C 148 -1.36 -33.30 -5.03
C CYS C 148 -2.42 -32.23 -4.88
N LEU C 149 -2.68 -31.49 -5.95
CA LEU C 149 -3.70 -30.45 -5.88
C LEU C 149 -5.10 -31.01 -5.78
N SER C 150 -5.30 -32.30 -6.03
CA SER C 150 -6.61 -32.90 -5.81
C SER C 150 -6.93 -33.09 -4.34
N GLY C 151 -6.01 -32.71 -3.45
CA GLY C 151 -6.27 -32.79 -2.02
C GLY C 151 -6.51 -31.43 -1.41
N ASN C 152 -6.07 -30.38 -2.08
CA ASN C 152 -6.29 -29.01 -1.63
C ASN C 152 -7.47 -28.36 -2.30
N ILE C 153 -8.09 -29.04 -3.25
CA ILE C 153 -9.15 -28.45 -4.09
C ILE C 153 -10.34 -29.40 -4.10
N PRO C 154 -11.53 -28.93 -3.75
CA PRO C 154 -12.69 -29.84 -3.70
C PRO C 154 -12.99 -30.44 -5.06
N ALA C 155 -13.79 -31.51 -5.04
CA ALA C 155 -14.08 -32.23 -6.27
C ALA C 155 -14.87 -31.39 -7.26
N LEU C 156 -15.77 -30.54 -6.76
CA LEU C 156 -16.57 -29.72 -7.67
C LEU C 156 -15.71 -28.79 -8.48
N GLU C 157 -14.77 -28.10 -7.83
CA GLU C 157 -13.93 -27.16 -8.55
C GLU C 157 -13.01 -27.88 -9.53
N LEU C 158 -12.56 -29.08 -9.18
CA LEU C 158 -11.71 -29.81 -10.12
C LEU C 158 -12.49 -30.27 -11.33
N MET C 159 -13.72 -30.76 -11.13
CA MET C 159 -14.54 -31.12 -12.29
C MET C 159 -14.84 -29.89 -13.14
N ALA C 160 -15.03 -28.75 -12.49
CA ALA C 160 -15.24 -27.52 -13.24
C ALA C 160 -14.02 -27.16 -14.07
N LEU C 161 -12.84 -27.32 -13.51
CA LEU C 161 -11.62 -27.04 -14.27
C LEU C 161 -11.46 -28.01 -15.43
N TYR C 162 -11.78 -29.28 -15.23
CA TYR C 162 -11.66 -30.24 -16.32
C TYR C 162 -12.62 -29.94 -17.44
N VAL C 163 -13.88 -29.65 -17.10
CA VAL C 163 -14.86 -29.36 -18.13
C VAL C 163 -14.53 -28.07 -18.84
N ALA C 164 -14.02 -27.07 -18.11
CA ALA C 164 -13.62 -25.83 -18.76
C ALA C 164 -12.46 -26.05 -19.71
N ALA C 165 -11.51 -26.90 -19.34
CA ALA C 165 -10.41 -27.18 -20.25
C ALA C 165 -10.89 -27.93 -21.48
N ALA C 166 -11.90 -28.79 -21.32
CA ALA C 166 -12.43 -29.51 -22.47
C ALA C 166 -13.05 -28.54 -23.47
N MET C 167 -13.92 -27.66 -23.01
CA MET C 167 -14.60 -26.70 -23.87
C MET C 167 -14.02 -25.31 -23.61
N HIS C 168 -12.88 -25.04 -24.22
CA HIS C 168 -12.24 -23.75 -24.09
C HIS C 168 -11.82 -23.15 -25.40
N ASP C 169 -11.69 -23.95 -26.45
CA ASP C 169 -11.40 -23.47 -27.80
C ASP C 169 -12.48 -23.92 -28.76
N TYR C 170 -13.70 -24.07 -28.25
CA TYR C 170 -14.82 -24.58 -29.05
C TYR C 170 -15.13 -23.63 -30.18
N ASP C 171 -15.42 -24.20 -31.35
CA ASP C 171 -15.86 -23.44 -32.52
C ASP C 171 -14.88 -22.32 -32.87
N HIS C 172 -13.60 -22.61 -32.74
CA HIS C 172 -12.60 -21.59 -33.01
C HIS C 172 -12.61 -21.24 -34.49
N PRO C 173 -12.69 -19.95 -34.84
CA PRO C 173 -12.71 -19.59 -36.26
C PRO C 173 -11.38 -19.77 -36.96
N GLY C 174 -10.29 -19.88 -36.21
CA GLY C 174 -8.97 -19.97 -36.81
C GLY C 174 -8.23 -18.65 -36.92
N ARG C 175 -8.70 -17.61 -36.25
CA ARG C 175 -8.06 -16.31 -36.27
C ARG C 175 -7.70 -15.89 -34.85
N THR C 176 -7.07 -14.72 -34.73
CA THR C 176 -6.77 -14.14 -33.43
C THR C 176 -7.80 -13.10 -33.05
N ASN C 177 -7.78 -12.71 -31.77
CA ASN C 177 -8.65 -11.63 -31.33
C ASN C 177 -8.37 -10.36 -32.10
N ALA C 178 -7.09 -10.04 -32.33
CA ALA C 178 -6.74 -8.81 -33.01
C ALA C 178 -7.22 -8.79 -34.45
N PHE C 179 -7.27 -9.95 -35.11
CA PHE C 179 -7.75 -9.99 -36.48
C PHE C 179 -9.24 -9.70 -36.55
N LEU C 180 -10.04 -10.42 -35.76
CA LEU C 180 -11.47 -10.17 -35.73
C LEU C 180 -11.77 -8.74 -35.31
N VAL C 181 -10.96 -8.18 -34.42
CA VAL C 181 -11.20 -6.80 -33.99
C VAL C 181 -10.84 -5.83 -35.10
N ALA C 182 -9.79 -6.12 -35.87
CA ALA C 182 -9.34 -5.17 -36.89
C ALA C 182 -10.32 -5.09 -38.04
N THR C 183 -10.69 -6.23 -38.61
CA THR C 183 -11.64 -6.22 -39.71
C THR C 183 -13.08 -6.01 -39.26
N SER C 184 -13.32 -5.84 -37.97
CA SER C 184 -14.66 -5.61 -37.44
C SER C 184 -15.61 -6.74 -37.83
N ALA C 185 -15.21 -7.96 -37.53
CA ALA C 185 -16.05 -9.10 -37.83
C ALA C 185 -17.36 -8.99 -37.05
N PRO C 186 -18.40 -9.70 -37.49
CA PRO C 186 -19.65 -9.66 -36.73
C PRO C 186 -19.48 -10.17 -35.30
N GLN C 187 -18.68 -11.22 -35.14
CA GLN C 187 -18.48 -11.77 -33.81
C GLN C 187 -17.64 -10.86 -32.93
N ALA C 188 -16.96 -9.87 -33.51
CA ALA C 188 -16.19 -8.94 -32.70
C ALA C 188 -17.05 -7.75 -32.29
N VAL C 189 -18.04 -7.39 -33.10
CA VAL C 189 -18.98 -6.35 -32.70
C VAL C 189 -19.98 -6.90 -31.72
N LEU C 190 -20.32 -8.19 -31.80
CA LEU C 190 -21.27 -8.78 -30.87
C LEU C 190 -20.76 -8.76 -29.44
N TYR C 191 -19.45 -8.70 -29.22
CA TYR C 191 -18.88 -8.75 -27.88
C TYR C 191 -18.12 -7.49 -27.54
N ASN C 192 -18.14 -6.48 -28.40
CA ASN C 192 -17.60 -5.16 -28.08
C ASN C 192 -16.08 -5.16 -27.94
N ASP C 193 -15.41 -6.09 -28.62
CA ASP C 193 -13.96 -6.10 -28.69
C ASP C 193 -13.30 -6.37 -27.36
N ARG C 194 -13.95 -7.15 -26.50
CA ARG C 194 -13.41 -7.47 -25.18
C ARG C 194 -13.48 -8.97 -24.98
N SER C 195 -12.35 -9.64 -25.16
CA SER C 195 -12.25 -11.10 -25.12
C SER C 195 -13.28 -11.73 -26.06
N VAL C 196 -13.10 -11.43 -27.35
CA VAL C 196 -14.06 -11.88 -28.36
C VAL C 196 -14.10 -13.40 -28.41
N LEU C 197 -12.95 -14.02 -28.66
CA LEU C 197 -12.93 -15.45 -28.86
C LEU C 197 -13.31 -16.21 -27.61
N GLU C 198 -12.83 -15.79 -26.45
CA GLU C 198 -13.09 -16.57 -25.24
C GLU C 198 -14.56 -16.50 -24.86
N ASN C 199 -15.16 -15.32 -24.93
CA ASN C 199 -16.58 -15.21 -24.69
C ASN C 199 -17.37 -16.04 -25.69
N HIS C 200 -16.95 -16.04 -26.95
CA HIS C 200 -17.65 -16.83 -27.95
C HIS C 200 -17.58 -18.31 -27.63
N HIS C 201 -16.42 -18.78 -27.21
CA HIS C 201 -16.27 -20.20 -26.88
C HIS C 201 -17.16 -20.58 -25.71
N ALA C 202 -17.10 -19.82 -24.63
CA ALA C 202 -17.91 -20.15 -23.45
C ALA C 202 -19.39 -20.12 -23.78
N ALA C 203 -19.83 -19.08 -24.51
CA ALA C 203 -21.24 -18.94 -24.81
C ALA C 203 -21.73 -20.07 -25.70
N ALA C 204 -20.99 -20.39 -26.77
CA ALA C 204 -21.45 -21.44 -27.68
C ALA C 204 -21.44 -22.80 -27.01
N ALA C 205 -20.42 -23.08 -26.18
CA ALA C 205 -20.38 -24.35 -25.49
C ALA C 205 -21.54 -24.51 -24.53
N TRP C 206 -21.79 -23.49 -23.70
CA TRP C 206 -22.89 -23.60 -22.75
C TRP C 206 -24.24 -23.63 -23.45
N ASN C 207 -24.36 -22.93 -24.57
CA ASN C 207 -25.58 -22.96 -25.35
C ASN C 207 -25.86 -24.36 -25.88
N LEU C 208 -24.82 -25.00 -26.45
CA LEU C 208 -24.97 -26.37 -26.91
C LEU C 208 -25.32 -27.30 -25.75
N PHE C 209 -24.76 -27.05 -24.57
CA PHE C 209 -25.08 -27.89 -23.43
C PHE C 209 -26.56 -27.78 -23.07
N MET C 210 -27.04 -26.56 -22.90
CA MET C 210 -28.42 -26.35 -22.50
C MET C 210 -29.42 -26.65 -23.62
N SER C 211 -28.96 -26.87 -24.84
CA SER C 211 -29.88 -27.05 -25.96
C SER C 211 -30.75 -28.28 -25.78
N ARG C 212 -30.15 -29.44 -25.59
CA ARG C 212 -30.93 -30.68 -25.55
C ARG C 212 -31.10 -31.18 -24.13
N PRO C 213 -32.12 -32.01 -23.89
CA PRO C 213 -32.28 -32.59 -22.55
C PRO C 213 -31.42 -33.81 -22.30
N GLU C 214 -30.85 -34.42 -23.34
CA GLU C 214 -30.01 -35.59 -23.18
C GLU C 214 -28.54 -35.24 -22.97
N TYR C 215 -28.12 -34.01 -23.29
CA TYR C 215 -26.78 -33.59 -22.94
C TYR C 215 -26.61 -33.32 -21.45
N ASN C 216 -27.70 -33.25 -20.69
CA ASN C 216 -27.65 -32.82 -19.31
C ASN C 216 -27.04 -33.94 -18.47
N PHE C 217 -25.72 -33.89 -18.33
CA PHE C 217 -25.00 -34.83 -17.49
C PHE C 217 -24.75 -34.28 -16.08
N LEU C 218 -25.32 -33.13 -15.75
CA LEU C 218 -25.25 -32.56 -14.40
C LEU C 218 -26.61 -32.64 -13.73
N ILE C 219 -27.32 -33.74 -13.95
CA ILE C 219 -28.70 -33.84 -13.49
C ILE C 219 -28.76 -34.00 -11.97
N ASN C 220 -27.74 -34.59 -11.36
CA ASN C 220 -27.72 -34.86 -9.93
C ASN C 220 -27.05 -33.75 -9.14
N LEU C 221 -26.90 -32.57 -9.71
CA LEU C 221 -26.34 -31.44 -9.01
C LEU C 221 -27.46 -30.58 -8.42
N ASP C 222 -27.15 -29.91 -7.31
CA ASP C 222 -28.09 -28.99 -6.71
C ASP C 222 -28.21 -27.73 -7.57
N HIS C 223 -29.08 -26.83 -7.14
CA HIS C 223 -29.24 -25.56 -7.87
C HIS C 223 -28.05 -24.65 -7.62
N VAL C 224 -27.68 -24.47 -6.35
CA VAL C 224 -26.52 -23.64 -6.04
C VAL C 224 -25.25 -24.31 -6.52
N GLU C 225 -25.20 -25.64 -6.47
CA GLU C 225 -24.08 -26.36 -7.04
C GLU C 225 -23.93 -26.05 -8.52
N PHE C 226 -25.03 -26.11 -9.27
CA PHE C 226 -24.95 -25.84 -10.69
C PHE C 226 -24.54 -24.39 -10.96
N LYS C 227 -25.07 -23.45 -10.17
CA LYS C 227 -24.73 -22.05 -10.40
C LYS C 227 -23.25 -21.80 -10.15
N HIS C 228 -22.72 -22.35 -9.05
CA HIS C 228 -21.30 -22.19 -8.78
C HIS C 228 -20.44 -22.90 -9.82
N PHE C 229 -20.89 -24.06 -10.29
CA PHE C 229 -20.16 -24.78 -11.33
C PHE C 229 -20.09 -23.96 -12.61
N ARG C 230 -21.23 -23.40 -13.03
CA ARG C 230 -21.25 -22.56 -14.22
C ARG C 230 -20.33 -21.37 -14.07
N PHE C 231 -20.35 -20.75 -12.89
CA PHE C 231 -19.47 -19.61 -12.66
C PHE C 231 -18.01 -19.99 -12.81
N LEU C 232 -17.61 -21.09 -12.16
CA LEU C 232 -16.21 -21.50 -12.22
C LEU C 232 -15.79 -21.87 -13.62
N VAL C 233 -16.67 -22.54 -14.37
CA VAL C 233 -16.31 -22.94 -15.72
C VAL C 233 -16.12 -21.72 -16.61
N ILE C 234 -17.03 -20.76 -16.52
CA ILE C 234 -16.88 -19.55 -17.33
C ILE C 234 -15.61 -18.79 -16.94
N GLU C 235 -15.30 -18.75 -15.64
CA GLU C 235 -14.10 -18.07 -15.19
C GLU C 235 -12.85 -18.72 -15.76
N ALA C 236 -12.79 -20.05 -15.69
CA ALA C 236 -11.63 -20.76 -16.23
C ALA C 236 -11.48 -20.51 -17.72
N ILE C 237 -12.59 -20.56 -18.46
CA ILE C 237 -12.49 -20.36 -19.91
C ILE C 237 -12.02 -18.97 -20.23
N LEU C 238 -12.56 -17.96 -19.55
CA LEU C 238 -12.15 -16.59 -19.85
C LEU C 238 -10.73 -16.30 -19.40
N ALA C 239 -10.20 -17.07 -18.45
CA ALA C 239 -8.85 -16.82 -17.97
C ALA C 239 -7.76 -17.13 -18.99
N THR C 240 -8.08 -17.82 -20.08
CA THR C 240 -7.09 -18.22 -21.07
C THR C 240 -6.95 -17.22 -22.21
N ASP C 241 -7.19 -15.94 -21.94
CA ASP C 241 -7.00 -14.89 -22.94
C ASP C 241 -5.62 -14.26 -22.70
N LEU C 242 -4.77 -14.29 -23.72
CA LEU C 242 -3.40 -13.88 -23.51
C LEU C 242 -3.25 -12.38 -23.31
N LYS C 243 -4.31 -11.60 -23.50
CA LYS C 243 -4.22 -10.19 -23.18
C LYS C 243 -4.21 -9.95 -21.68
N LYS C 244 -4.69 -10.90 -20.90
CA LYS C 244 -4.70 -10.82 -19.45
C LYS C 244 -3.50 -11.52 -18.82
N HIS C 245 -2.51 -11.89 -19.64
CA HIS C 245 -1.41 -12.73 -19.16
C HIS C 245 -0.64 -12.03 -18.07
N PHE C 246 -0.22 -10.80 -18.30
CA PHE C 246 0.63 -10.12 -17.34
C PHE C 246 -0.15 -9.75 -16.09
N ASP C 247 -1.44 -9.46 -16.21
CA ASP C 247 -2.26 -9.23 -15.03
C ASP C 247 -2.30 -10.48 -14.16
N PHE C 248 -2.57 -11.64 -14.77
CA PHE C 248 -2.63 -12.86 -13.97
C PHE C 248 -1.27 -13.19 -13.36
N VAL C 249 -0.20 -13.01 -14.12
CA VAL C 249 1.13 -13.34 -13.62
C VAL C 249 1.51 -12.41 -12.47
N ALA C 250 1.21 -11.12 -12.61
CA ALA C 250 1.53 -10.17 -11.54
C ALA C 250 0.67 -10.42 -10.30
N LYS C 251 -0.60 -10.80 -10.48
CA LYS C 251 -1.43 -11.11 -9.33
C LYS C 251 -0.92 -12.35 -8.62
N PHE C 252 -0.49 -13.36 -9.36
CA PHE C 252 0.05 -14.54 -8.71
C PHE C 252 1.38 -14.25 -8.03
N ASN C 253 2.16 -13.33 -8.58
CA ASN C 253 3.41 -12.95 -7.93
C ASN C 253 3.13 -12.21 -6.62
N GLY C 254 2.20 -11.27 -6.65
CA GLY C 254 1.86 -10.51 -5.45
C GLY C 254 1.09 -11.29 -4.40
N LYS C 255 0.85 -12.58 -4.63
CA LYS C 255 0.13 -13.41 -3.66
C LYS C 255 0.99 -14.52 -3.08
N VAL C 256 2.20 -14.73 -3.58
CA VAL C 256 3.08 -15.76 -3.04
C VAL C 256 4.45 -15.15 -2.80
N ASN C 257 4.56 -13.84 -2.91
CA ASN C 257 5.80 -13.13 -2.66
C ASN C 257 5.69 -12.25 -1.41
N ASP C 258 4.65 -11.44 -1.32
CA ASP C 258 4.49 -10.56 -0.17
C ASP C 258 3.47 -11.06 0.84
N ASP C 259 2.59 -11.97 0.44
CA ASP C 259 1.52 -12.40 1.32
C ASP C 259 1.98 -13.62 2.12
N VAL C 260 1.05 -14.27 2.82
CA VAL C 260 1.34 -15.53 3.46
C VAL C 260 1.54 -16.63 2.43
N GLY C 261 1.03 -16.43 1.22
CA GLY C 261 1.09 -17.42 0.18
C GLY C 261 -0.31 -17.81 -0.28
N ILE C 262 -0.50 -19.07 -0.63
CA ILE C 262 -1.77 -19.55 -1.14
C ILE C 262 -2.50 -20.19 0.03
N ASP C 263 -3.40 -19.44 0.64
CA ASP C 263 -4.29 -19.98 1.66
C ASP C 263 -5.28 -20.92 1.00
N TRP C 264 -5.13 -22.22 1.22
CA TRP C 264 -6.02 -23.18 0.58
C TRP C 264 -7.43 -23.19 1.16
N THR C 265 -7.75 -22.27 2.06
CA THR C 265 -9.10 -22.13 2.56
C THR C 265 -9.86 -21.04 1.82
N ASN C 266 -9.22 -19.90 1.59
CA ASN C 266 -9.87 -18.78 0.93
C ASN C 266 -10.16 -19.11 -0.53
N GLU C 267 -11.43 -19.01 -0.91
CA GLU C 267 -11.85 -19.52 -2.21
C GLU C 267 -11.30 -18.72 -3.36
N ASN C 268 -11.02 -17.43 -3.17
CA ASN C 268 -10.39 -16.67 -4.23
C ASN C 268 -8.99 -17.18 -4.54
N ASP C 269 -8.28 -17.68 -3.53
CA ASP C 269 -6.97 -18.27 -3.75
C ASP C 269 -7.09 -19.53 -4.61
N ARG C 270 -8.03 -20.42 -4.28
CA ARG C 270 -8.24 -21.61 -5.09
C ARG C 270 -8.66 -21.24 -6.51
N LEU C 271 -9.49 -20.21 -6.66
CA LEU C 271 -9.89 -19.80 -7.99
C LEU C 271 -8.69 -19.31 -8.80
N LEU C 272 -7.83 -18.51 -8.18
CA LEU C 272 -6.64 -18.03 -8.88
C LEU C 272 -5.72 -19.19 -9.22
N VAL C 273 -5.67 -20.21 -8.36
CA VAL C 273 -4.81 -21.36 -8.64
C VAL C 273 -5.32 -22.14 -9.83
N CYS C 274 -6.63 -22.38 -9.90
CA CYS C 274 -7.17 -23.08 -11.06
C CYS C 274 -7.00 -22.24 -12.33
N GLN C 275 -7.15 -20.92 -12.23
CA GLN C 275 -6.97 -20.07 -13.40
C GLN C 275 -5.55 -20.16 -13.92
N MET C 276 -4.56 -20.10 -13.03
CA MET C 276 -3.18 -20.18 -13.48
C MET C 276 -2.85 -21.59 -13.98
N CYS C 277 -3.44 -22.61 -13.37
CA CYS C 277 -3.21 -23.97 -13.82
C CYS C 277 -3.69 -24.15 -15.24
N ILE C 278 -4.85 -23.58 -15.58
CA ILE C 278 -5.31 -23.71 -16.95
C ILE C 278 -4.54 -22.79 -17.88
N LYS C 279 -4.09 -21.63 -17.39
CA LYS C 279 -3.28 -20.75 -18.24
C LYS C 279 -2.01 -21.45 -18.66
N LEU C 280 -1.41 -22.24 -17.78
CA LEU C 280 -0.20 -22.94 -18.14
C LEU C 280 -0.48 -24.24 -18.89
N ALA C 281 -1.58 -24.93 -18.60
CA ALA C 281 -1.90 -26.11 -19.37
C ALA C 281 -2.32 -25.78 -20.79
N ASP C 282 -2.75 -24.56 -21.05
CA ASP C 282 -3.13 -24.18 -22.40
C ASP C 282 -1.91 -24.10 -23.31
N ILE C 283 -0.89 -23.37 -22.89
CA ILE C 283 0.34 -23.23 -23.68
C ILE C 283 1.39 -24.12 -23.03
N ASN C 284 1.46 -25.37 -23.48
CA ASN C 284 2.43 -26.32 -22.94
C ASN C 284 3.18 -27.04 -24.05
N GLY C 285 3.17 -26.48 -25.25
CA GLY C 285 3.94 -27.03 -26.34
C GLY C 285 5.42 -27.03 -26.01
N PRO C 286 5.98 -25.85 -25.74
CA PRO C 286 7.40 -25.80 -25.38
C PRO C 286 7.67 -26.18 -23.93
N ALA C 287 7.02 -27.24 -23.46
CA ALA C 287 7.35 -27.84 -22.17
C ALA C 287 7.21 -29.35 -22.24
N LYS C 288 7.22 -29.91 -23.44
CA LYS C 288 7.21 -31.34 -23.68
C LYS C 288 8.48 -31.71 -24.43
N CYS C 289 8.58 -32.97 -24.86
CA CYS C 289 9.74 -33.40 -25.61
C CYS C 289 9.85 -32.61 -26.91
N LYS C 290 10.98 -32.77 -27.59
CA LYS C 290 11.22 -31.97 -28.78
C LYS C 290 10.27 -32.33 -29.91
N GLU C 291 9.84 -33.59 -30.00
CA GLU C 291 9.00 -34.00 -31.11
C GLU C 291 7.60 -33.40 -30.99
N LEU C 292 6.96 -33.58 -29.83
CA LEU C 292 5.65 -32.99 -29.60
C LEU C 292 5.70 -31.49 -29.78
N HIS C 293 6.74 -30.85 -29.23
CA HIS C 293 6.87 -29.41 -29.37
C HIS C 293 6.97 -29.01 -30.83
N LEU C 294 7.73 -29.76 -31.63
CA LEU C 294 7.87 -29.43 -33.03
C LEU C 294 6.54 -29.56 -33.76
N GLN C 295 5.76 -30.60 -33.43
CA GLN C 295 4.48 -30.80 -34.11
C GLN C 295 3.50 -29.68 -33.78
N TRP C 296 3.38 -29.35 -32.50
CA TRP C 296 2.51 -28.24 -32.12
C TRP C 296 2.95 -26.94 -32.78
N THR C 297 4.26 -26.72 -32.89
CA THR C 297 4.74 -25.52 -33.54
C THR C 297 4.36 -25.48 -35.02
N ASP C 298 4.49 -26.62 -35.70
CA ASP C 298 4.03 -26.69 -37.08
C ASP C 298 2.56 -26.31 -37.19
N GLY C 299 1.73 -26.86 -36.29
CA GLY C 299 0.31 -26.54 -36.35
C GLY C 299 0.03 -25.05 -36.18
N ILE C 300 0.56 -24.47 -35.11
CA ILE C 300 0.29 -23.06 -34.84
C ILE C 300 0.79 -22.18 -35.97
N VAL C 301 1.97 -22.46 -36.51
CA VAL C 301 2.49 -21.60 -37.55
C VAL C 301 1.69 -21.76 -38.84
N ASN C 302 1.18 -22.97 -39.11
CA ASN C 302 0.34 -23.15 -40.28
C ASN C 302 -0.94 -22.35 -40.17
N GLU C 303 -1.54 -22.32 -38.98
CA GLU C 303 -2.73 -21.51 -38.78
C GLU C 303 -2.42 -20.03 -38.98
N PHE C 304 -1.26 -19.58 -38.48
CA PHE C 304 -0.87 -18.20 -38.70
C PHE C 304 -0.73 -17.89 -40.18
N TYR C 305 -0.16 -18.82 -40.94
CA TYR C 305 0.01 -18.61 -42.37
C TYR C 305 -1.35 -18.52 -43.07
N GLU C 306 -2.30 -19.37 -42.68
CA GLU C 306 -3.65 -19.27 -43.23
C GLU C 306 -4.25 -17.90 -42.98
N GLN C 307 -4.13 -17.42 -41.74
CA GLN C 307 -4.65 -16.10 -41.42
C GLN C 307 -3.96 -15.03 -42.26
N GLY C 308 -2.67 -15.18 -42.49
CA GLY C 308 -1.96 -14.21 -43.30
C GLY C 308 -2.42 -14.20 -44.74
N ASP C 309 -2.73 -15.38 -45.27
CA ASP C 309 -3.34 -15.45 -46.60
C ASP C 309 -4.65 -14.69 -46.65
N GLU C 310 -5.56 -15.01 -45.72
CA GLU C 310 -6.85 -14.33 -45.72
C GLU C 310 -6.73 -12.84 -45.43
N GLU C 311 -5.65 -12.41 -44.79
CA GLU C 311 -5.51 -11.01 -44.43
C GLU C 311 -4.79 -10.21 -45.51
N ALA C 312 -4.01 -10.89 -46.36
CA ALA C 312 -3.52 -10.22 -47.57
C ALA C 312 -4.59 -10.20 -48.65
N SER C 313 -5.51 -11.16 -48.63
CA SER C 313 -6.60 -11.14 -49.60
C SER C 313 -7.50 -9.93 -49.43
N LEU C 314 -7.55 -9.35 -48.23
CA LEU C 314 -8.40 -8.20 -47.98
C LEU C 314 -7.69 -6.88 -48.22
N GLY C 315 -6.39 -6.90 -48.48
CA GLY C 315 -5.63 -5.68 -48.63
C GLY C 315 -5.06 -5.12 -47.35
N LEU C 316 -5.25 -5.80 -46.23
CA LEU C 316 -4.63 -5.38 -45.00
C LEU C 316 -3.13 -5.68 -45.03
N PRO C 317 -2.32 -4.89 -44.33
CA PRO C 317 -0.90 -5.20 -44.25
C PRO C 317 -0.70 -6.53 -43.53
N ILE C 318 0.15 -7.38 -44.10
CA ILE C 318 0.37 -8.70 -43.52
C ILE C 318 1.01 -8.56 -42.15
N SER C 319 0.41 -9.21 -41.16
CA SER C 319 0.88 -9.10 -39.79
C SER C 319 2.26 -9.74 -39.65
N PRO C 320 2.94 -9.48 -38.53
CA PRO C 320 4.23 -10.12 -38.29
C PRO C 320 4.07 -11.62 -38.07
N PHE C 321 5.06 -12.37 -38.54
CA PHE C 321 5.15 -13.82 -38.37
C PHE C 321 4.10 -14.59 -39.13
N MET C 322 3.22 -13.95 -39.89
CA MET C 322 2.14 -14.62 -40.57
C MET C 322 2.29 -14.50 -42.08
N ASP C 323 3.52 -14.66 -42.56
CA ASP C 323 3.83 -14.54 -43.98
C ASP C 323 4.47 -15.85 -44.42
N ARG C 324 3.75 -16.66 -45.19
CA ARG C 324 4.27 -17.95 -45.64
C ARG C 324 5.36 -17.80 -46.69
N SER C 325 5.62 -16.59 -47.18
CA SER C 325 6.74 -16.37 -48.08
C SER C 325 8.03 -16.02 -47.34
N ALA C 326 7.93 -15.33 -46.21
CA ALA C 326 9.10 -14.91 -45.44
C ALA C 326 8.90 -15.28 -43.98
N PRO C 327 8.91 -16.57 -43.68
CA PRO C 327 8.68 -17.00 -42.29
C PRO C 327 9.81 -16.60 -41.37
N GLN C 328 9.47 -16.45 -40.09
CA GLN C 328 10.41 -16.17 -39.02
C GLN C 328 10.11 -17.06 -37.83
N LEU C 329 9.91 -18.35 -38.11
CA LEU C 329 9.40 -19.29 -37.13
C LEU C 329 10.25 -19.33 -35.86
N ALA C 330 11.57 -19.40 -36.02
CA ALA C 330 12.43 -19.48 -34.85
C ALA C 330 12.31 -18.23 -33.99
N ASN C 331 12.24 -17.05 -34.63
CA ASN C 331 12.03 -15.82 -33.88
C ASN C 331 10.75 -15.87 -33.07
N LEU C 332 9.65 -16.30 -33.70
CA LEU C 332 8.37 -16.42 -33.02
C LEU C 332 8.48 -17.33 -31.81
N GLN C 333 9.03 -18.53 -32.00
CA GLN C 333 9.01 -19.49 -30.91
C GLN C 333 9.95 -19.08 -29.79
N GLU C 334 11.08 -18.47 -30.12
CA GLU C 334 11.99 -18.02 -29.08
C GLU C 334 11.39 -16.85 -28.30
N SER C 335 10.82 -15.87 -29.00
CA SER C 335 10.19 -14.75 -28.32
C SER C 335 9.06 -15.24 -27.42
N PHE C 336 8.27 -16.19 -27.92
CA PHE C 336 7.19 -16.75 -27.13
C PHE C 336 7.72 -17.40 -25.86
N ILE C 337 8.68 -18.31 -26.01
CA ILE C 337 9.20 -19.03 -24.86
C ILE C 337 9.84 -18.08 -23.85
N SER C 338 10.41 -16.98 -24.33
CA SER C 338 11.08 -16.07 -23.42
C SER C 338 10.12 -15.13 -22.71
N HIS C 339 9.07 -14.67 -23.40
CA HIS C 339 8.20 -13.63 -22.87
C HIS C 339 6.93 -14.16 -22.22
N ILE C 340 6.35 -15.24 -22.72
CA ILE C 340 5.07 -15.71 -22.20
C ILE C 340 5.25 -16.94 -21.33
N VAL C 341 5.75 -18.04 -21.91
CA VAL C 341 5.80 -19.28 -21.14
C VAL C 341 6.86 -19.23 -20.07
N GLY C 342 7.88 -18.40 -20.23
CA GLY C 342 8.96 -18.34 -19.28
C GLY C 342 8.54 -17.78 -17.94
N PRO C 343 8.18 -16.51 -17.92
CA PRO C 343 7.71 -15.90 -16.67
C PRO C 343 6.54 -16.61 -16.05
N LEU C 344 5.66 -17.23 -16.86
CA LEU C 344 4.54 -17.95 -16.28
C LEU C 344 5.01 -19.18 -15.52
N CYS C 345 5.95 -19.93 -16.08
CA CYS C 345 6.49 -21.08 -15.36
C CYS C 345 7.27 -20.64 -14.13
N ASN C 346 7.99 -19.53 -14.22
CA ASN C 346 8.72 -19.05 -13.05
C ASN C 346 7.78 -18.64 -11.93
N SER C 347 6.66 -18.00 -12.27
CA SER C 347 5.68 -17.65 -11.25
C SER C 347 5.01 -18.87 -10.67
N TYR C 348 4.62 -19.82 -11.53
CA TYR C 348 3.96 -21.03 -11.08
C TYR C 348 4.89 -21.93 -10.30
N ASP C 349 6.20 -21.75 -10.42
CA ASP C 349 7.17 -22.56 -9.70
C ASP C 349 7.67 -21.90 -8.44
N SER C 350 7.75 -20.58 -8.40
CA SER C 350 8.11 -19.89 -7.16
C SER C 350 7.09 -20.13 -6.07
N ALA C 351 5.85 -20.42 -6.42
CA ALA C 351 4.84 -20.82 -5.44
C ALA C 351 4.92 -22.29 -5.10
N GLY C 352 5.87 -23.01 -5.67
CA GLY C 352 6.07 -24.41 -5.33
C GLY C 352 4.88 -25.27 -5.71
N LEU C 353 4.46 -25.19 -6.96
CA LEU C 353 3.35 -26.00 -7.45
C LEU C 353 3.72 -26.87 -8.64
N MET C 354 4.88 -26.69 -9.24
CA MET C 354 5.26 -27.51 -10.37
C MET C 354 5.56 -28.93 -9.90
N PRO C 355 5.01 -29.96 -10.53
CA PRO C 355 5.18 -31.32 -10.04
C PRO C 355 6.58 -31.84 -10.34
N GLY C 356 7.23 -32.39 -9.32
CA GLY C 356 8.58 -32.88 -9.48
C GLY C 356 8.89 -33.97 -8.48
N LYS C 357 10.18 -34.29 -8.38
CA LYS C 357 10.64 -35.34 -7.48
C LYS C 357 11.95 -34.90 -6.81
N TRP C 358 12.21 -35.50 -5.66
CA TRP C 358 13.49 -35.30 -4.98
C TRP C 358 14.58 -36.13 -5.66
N VAL C 359 15.80 -35.61 -5.59
CA VAL C 359 16.98 -36.30 -6.08
C VAL C 359 17.93 -36.47 -4.91
N GLU C 360 18.60 -37.62 -4.84
CA GLU C 360 19.56 -37.89 -3.77
C GLU C 360 20.97 -37.49 -4.19
N LYS C 402 18.25 -30.78 -5.99
CA LYS C 402 17.60 -31.55 -4.93
C LYS C 402 16.24 -32.06 -5.38
N ILE C 403 15.61 -31.32 -6.29
CA ILE C 403 14.30 -31.67 -6.83
C ILE C 403 14.35 -31.41 -8.33
N TYR C 404 13.95 -32.42 -9.10
CA TYR C 404 14.11 -32.42 -10.55
C TYR C 404 12.76 -32.18 -11.22
N CYS C 405 12.61 -31.02 -11.84
CA CYS C 405 11.37 -30.63 -12.51
C CYS C 405 11.55 -30.86 -14.01
N GLN C 406 10.81 -31.83 -14.55
CA GLN C 406 10.96 -32.18 -15.96
C GLN C 406 10.49 -31.05 -16.86
N ILE C 407 9.45 -30.33 -16.44
CA ILE C 407 8.82 -29.34 -17.30
C ILE C 407 9.77 -28.18 -17.57
N THR C 408 10.35 -27.61 -16.52
CA THR C 408 11.29 -26.52 -16.69
C THR C 408 12.51 -26.96 -17.48
N GLN C 409 12.92 -28.23 -17.31
CA GLN C 409 14.03 -28.75 -18.09
C GLN C 409 13.70 -28.75 -19.58
N HIS C 410 12.53 -29.30 -19.94
CA HIS C 410 12.12 -29.30 -21.34
C HIS C 410 12.05 -27.88 -21.88
N LEU C 411 11.57 -26.95 -21.05
CA LEU C 411 11.43 -25.57 -21.49
C LEU C 411 12.79 -24.96 -21.80
N LEU C 412 13.75 -25.13 -20.89
CA LEU C 412 15.08 -24.60 -21.10
C LEU C 412 15.74 -25.22 -22.33
N GLN C 413 15.61 -26.54 -22.50
CA GLN C 413 16.24 -27.19 -23.63
C GLN C 413 15.66 -26.68 -24.95
N ASN C 414 14.34 -26.55 -25.02
CA ASN C 414 13.73 -26.07 -26.24
C ASN C 414 14.16 -24.64 -26.55
N HIS C 415 14.27 -23.80 -25.50
CA HIS C 415 14.72 -22.44 -25.72
C HIS C 415 16.15 -22.41 -26.25
N LYS C 416 17.01 -23.28 -25.71
CA LYS C 416 18.39 -23.29 -26.18
C LYS C 416 18.48 -23.76 -27.62
N MET C 417 17.64 -24.73 -28.00
CA MET C 417 17.61 -25.15 -29.40
C MET C 417 17.22 -23.99 -30.30
N TRP C 418 16.19 -23.25 -29.91
CA TRP C 418 15.75 -22.14 -30.77
C TRP C 418 16.80 -21.06 -30.83
N LYS C 419 17.55 -20.84 -29.75
CA LYS C 419 18.59 -19.82 -29.81
C LYS C 419 19.81 -20.27 -30.59
N LYS C 420 20.08 -21.59 -30.67
CA LYS C 420 21.02 -22.13 -31.69
C LYS C 420 20.56 -21.81 -33.10
N VAL C 421 19.30 -22.11 -33.43
CA VAL C 421 18.84 -21.88 -34.79
C VAL C 421 18.88 -20.39 -35.12
N ILE C 422 18.49 -19.55 -34.16
CA ILE C 422 18.51 -18.11 -34.37
C ILE C 422 19.92 -17.63 -34.68
N GLU C 423 20.88 -18.01 -33.83
CA GLU C 423 22.25 -17.55 -34.03
C GLU C 423 22.82 -18.05 -35.35
N GLU C 424 22.55 -19.31 -35.69
CA GLU C 424 23.08 -19.87 -36.93
C GLU C 424 22.55 -19.11 -38.14
N GLU C 425 21.23 -18.95 -38.22
CA GLU C 425 20.64 -18.23 -39.34
C GLU C 425 21.11 -16.78 -39.39
N GLN C 426 21.16 -16.13 -38.23
CA GLN C 426 21.58 -14.73 -38.17
C GLN C 426 23.00 -14.58 -38.66
N ARG C 427 23.91 -15.45 -38.22
CA ARG C 427 25.30 -15.38 -38.62
C ARG C 427 25.46 -15.64 -40.11
N LEU C 428 24.76 -16.66 -40.63
CA LEU C 428 24.88 -16.96 -42.05
C LEU C 428 24.37 -15.80 -42.90
N ALA C 429 23.26 -15.19 -42.49
CA ALA C 429 22.74 -14.03 -43.21
C ALA C 429 23.72 -12.87 -43.15
N GLY C 430 24.34 -12.66 -41.98
CA GLY C 430 25.31 -11.58 -41.86
C GLY C 430 26.54 -11.81 -42.71
N ILE C 431 26.95 -13.07 -42.85
CA ILE C 431 28.08 -13.40 -43.71
C ILE C 431 27.74 -13.11 -45.17
N GLU C 432 26.65 -13.72 -45.66
CA GLU C 432 26.33 -13.60 -47.08
C GLU C 432 26.01 -12.17 -47.46
N ASN C 433 25.18 -11.49 -46.67
CA ASN C 433 24.82 -10.11 -46.95
C ASN C 433 26.03 -9.18 -46.97
N GLN C 434 27.09 -9.52 -46.26
CA GLN C 434 28.30 -8.71 -46.22
C GLN C 434 28.03 -7.34 -45.62
N ASN D 1 32.31 28.98 5.19
CA ASN D 1 31.11 28.41 4.59
C ASN D 1 31.44 27.11 3.86
N ILE D 2 30.50 26.64 3.06
CA ILE D 2 30.62 25.38 2.35
C ILE D 2 30.38 25.66 0.87
N SER D 3 31.28 25.17 0.03
CA SER D 3 31.22 25.47 -1.40
C SER D 3 31.60 24.23 -2.19
N VAL D 4 30.92 24.04 -3.32
CA VAL D 4 31.19 22.88 -4.16
C VAL D 4 32.58 22.99 -4.74
N ASP D 5 33.28 21.87 -4.81
CA ASP D 5 34.68 21.85 -5.28
C ASP D 5 34.66 21.57 -6.78
N LEU D 6 34.79 22.62 -7.58
CA LEU D 6 34.65 22.52 -9.02
C LEU D 6 35.90 22.03 -9.72
N GLU D 7 37.03 21.92 -9.03
CA GLU D 7 38.30 21.56 -9.64
C GLU D 7 38.80 20.22 -9.14
N THR D 8 37.92 19.24 -9.06
CA THR D 8 38.27 17.87 -8.71
C THR D 8 37.86 16.95 -9.84
N ASN D 9 38.65 15.92 -10.09
CA ASN D 9 38.36 15.00 -11.18
C ASN D 9 37.46 13.86 -10.75
N TYR D 10 36.66 14.06 -9.71
CA TYR D 10 35.66 13.10 -9.31
C TYR D 10 34.38 13.33 -10.10
N ALA D 11 33.69 12.23 -10.40
CA ALA D 11 32.38 12.31 -11.03
C ALA D 11 31.30 12.36 -9.95
N GLU D 12 31.35 13.42 -9.14
CA GLU D 12 30.51 13.50 -7.97
C GLU D 12 30.45 14.93 -7.47
N LEU D 13 29.57 15.16 -6.49
CA LEU D 13 29.54 16.41 -5.76
C LEU D 13 30.59 16.33 -4.66
N VAL D 14 31.54 17.26 -4.67
CA VAL D 14 32.61 17.27 -3.69
C VAL D 14 32.52 18.57 -2.92
N LEU D 15 32.02 18.49 -1.70
CA LEU D 15 31.90 19.65 -0.83
C LEU D 15 33.21 19.88 -0.09
N ASP D 16 33.57 21.14 0.07
CA ASP D 16 34.80 21.54 0.72
C ASP D 16 34.45 22.24 2.03
N VAL D 17 34.81 21.64 3.15
CA VAL D 17 34.42 22.16 4.45
C VAL D 17 35.55 22.91 5.13
N GLY D 18 36.65 23.15 4.45
CA GLY D 18 37.74 23.89 5.06
C GLY D 18 38.64 23.01 5.90
N ARG D 19 39.27 23.64 6.90
CA ARG D 19 40.20 22.93 7.76
C ARG D 19 39.45 22.31 8.93
N VAL D 20 39.88 21.10 9.33
CA VAL D 20 39.21 20.38 10.39
C VAL D 20 40.18 19.49 11.14
N THR D 21 40.31 19.70 12.45
CA THR D 21 41.11 18.81 13.27
C THR D 21 40.51 17.41 13.23
N LEU D 22 41.36 16.40 13.45
CA LEU D 22 40.89 15.03 13.46
C LEU D 22 41.69 14.24 14.47
N GLY D 23 41.25 13.02 14.70
CA GLY D 23 41.83 12.20 15.74
C GLY D 23 41.09 12.41 17.04
N GLU D 24 40.87 11.34 17.80
CA GLU D 24 40.05 11.48 19.00
C GLU D 24 40.81 12.26 20.07
N ASN D 25 42.09 11.94 20.28
CA ASN D 25 42.88 12.64 21.29
C ASN D 25 43.05 14.10 20.96
N SER D 26 43.15 14.45 19.68
CA SER D 26 43.36 15.85 19.34
C SER D 26 42.05 16.62 19.30
N ARG D 27 40.95 15.97 18.91
CA ARG D 27 39.66 16.64 19.03
C ARG D 27 39.32 16.88 20.48
N LYS D 28 39.70 15.96 21.36
CA LYS D 28 39.52 16.19 22.79
C LYS D 28 40.42 17.32 23.28
N LYS D 29 41.72 17.21 23.04
CA LYS D 29 42.72 18.14 23.51
C LYS D 29 42.64 19.51 22.88
N MET D 30 41.78 19.71 21.89
CA MET D 30 41.68 21.01 21.23
C MET D 30 41.21 22.06 22.21
N LYS D 31 42.06 23.06 22.45
CA LYS D 31 41.78 24.07 23.48
C LYS D 31 40.93 25.21 22.92
N ASP D 32 39.82 24.86 22.28
CA ASP D 32 38.89 25.88 21.80
C ASP D 32 37.57 25.17 21.51
N CYS D 33 36.64 25.24 22.45
CA CYS D 33 35.39 24.52 22.28
C CYS D 33 34.52 25.16 21.22
N LYS D 34 34.61 26.48 21.07
CA LYS D 34 33.78 27.16 20.07
C LYS D 34 34.17 26.72 18.66
N LEU D 35 35.47 26.73 18.36
CA LEU D 35 35.91 26.32 17.03
C LEU D 35 35.58 24.85 16.78
N ARG D 36 35.71 24.01 17.80
CA ARG D 36 35.37 22.61 17.65
C ARG D 36 33.90 22.44 17.28
N LYS D 37 33.00 23.12 17.99
CA LYS D 37 31.59 23.02 17.67
C LYS D 37 31.29 23.58 16.30
N LYS D 38 31.99 24.64 15.90
CA LYS D 38 31.78 25.20 14.57
C LYS D 38 32.18 24.19 13.50
N GLN D 39 33.33 23.55 13.65
CA GLN D 39 33.77 22.54 12.70
C GLN D 39 32.78 21.40 12.63
N ASN D 40 32.28 20.95 13.79
CA ASN D 40 31.34 19.84 13.81
C ASN D 40 30.06 20.19 13.07
N GLU D 41 29.50 21.37 13.34
CA GLU D 41 28.27 21.73 12.66
C GLU D 41 28.50 21.92 11.17
N SER D 42 29.70 22.36 10.77
CA SER D 42 29.99 22.49 9.35
C SER D 42 30.01 21.14 8.66
N VAL D 43 30.72 20.16 9.25
CA VAL D 43 30.75 18.83 8.67
C VAL D 43 29.37 18.22 8.63
N SER D 44 28.56 18.48 9.65
CA SER D 44 27.23 17.89 9.68
C SER D 44 26.32 18.52 8.63
N ARG D 45 26.43 19.83 8.42
CA ARG D 45 25.70 20.46 7.33
C ARG D 45 26.07 19.84 6.00
N ALA D 46 27.37 19.66 5.76
CA ALA D 46 27.81 19.06 4.51
C ALA D 46 27.26 17.66 4.34
N MET D 47 27.28 16.86 5.42
CA MET D 47 26.82 15.48 5.31
C MET D 47 25.32 15.42 5.06
N CYS D 48 24.54 16.24 5.75
CA CYS D 48 23.11 16.26 5.49
C CYS D 48 22.82 16.70 4.07
N ALA D 49 23.56 17.71 3.58
CA ALA D 49 23.32 18.19 2.22
C ALA D 49 23.62 17.13 1.19
N LEU D 50 24.70 16.37 1.39
CA LEU D 50 24.99 15.30 0.45
C LEU D 50 24.00 14.15 0.57
N LEU D 51 23.46 13.91 1.76
CA LEU D 51 22.49 12.83 1.88
C LEU D 51 21.20 13.19 1.18
N ASN D 52 20.79 14.46 1.25
CA ASN D 52 19.50 14.84 0.69
C ASN D 52 19.54 14.94 -0.83
N SER D 53 20.70 15.06 -1.45
CA SER D 53 20.79 15.27 -2.89
C SER D 53 21.76 14.29 -3.53
N GLY D 54 21.27 13.09 -3.85
CA GLY D 54 22.14 12.10 -4.44
C GLY D 54 23.25 11.71 -3.49
N GLY D 55 24.41 11.39 -4.04
CA GLY D 55 25.57 11.08 -3.26
C GLY D 55 26.47 12.28 -3.12
N GLY D 56 27.75 12.02 -2.87
CA GLY D 56 28.72 13.09 -2.75
C GLY D 56 29.98 12.59 -2.10
N VAL D 57 30.83 13.55 -1.75
CA VAL D 57 32.06 13.28 -1.01
C VAL D 57 32.44 14.56 -0.28
N ILE D 58 32.73 14.44 1.01
CA ILE D 58 33.10 15.58 1.83
C ILE D 58 34.61 15.63 1.94
N LYS D 59 35.18 16.78 1.61
CA LYS D 59 36.62 16.95 1.57
C LYS D 59 37.02 18.00 2.59
N ALA D 60 37.81 17.61 3.57
CA ALA D 60 38.27 18.51 4.61
C ALA D 60 39.78 18.40 4.72
N GLU D 61 40.45 19.55 4.83
CA GLU D 61 41.90 19.58 4.94
C GLU D 61 42.32 19.30 6.38
N ILE D 62 43.23 18.36 6.56
CA ILE D 62 43.66 18.00 7.91
C ILE D 62 44.36 19.19 8.54
N GLU D 63 43.78 19.72 9.61
CA GLU D 63 44.31 20.94 10.21
C GLU D 63 45.60 20.67 10.98
N ASN D 64 45.57 19.74 11.93
CA ASN D 64 46.78 19.44 12.68
C ASN D 64 47.83 18.83 11.77
N GLU D 65 49.09 19.05 12.14
CA GLU D 65 50.20 18.70 11.25
C GLU D 65 50.41 17.19 11.17
N ASP D 66 50.10 16.47 12.23
CA ASP D 66 50.40 15.04 12.31
C ASP D 66 49.07 14.33 12.48
N TYR D 67 48.68 13.58 11.46
CA TYR D 67 47.49 12.74 11.52
C TYR D 67 47.77 11.45 10.79
N SER D 68 47.21 10.36 11.29
CA SER D 68 47.39 9.07 10.65
C SER D 68 46.09 8.38 10.28
N TYR D 69 45.09 8.43 11.15
CA TYR D 69 43.79 7.78 10.99
C TYR D 69 43.90 6.27 11.17
N THR D 70 45.10 5.72 11.20
CA THR D 70 45.23 4.35 11.60
C THR D 70 45.65 4.25 13.06
N LYS D 71 45.99 5.36 13.68
CA LYS D 71 46.27 5.37 15.11
C LYS D 71 45.65 6.58 15.80
N ASP D 72 44.69 7.25 15.16
CA ASP D 72 44.04 8.40 15.76
C ASP D 72 42.53 8.40 15.64
N GLY D 73 41.94 7.53 14.83
CA GLY D 73 40.50 7.56 14.69
C GLY D 73 40.03 8.84 14.05
N ILE D 74 38.77 9.19 14.31
CA ILE D 74 38.16 10.41 13.83
C ILE D 74 37.89 11.39 14.96
N GLY D 75 37.16 10.96 15.97
CA GLY D 75 36.77 11.85 17.05
C GLY D 75 35.65 11.21 17.83
N LEU D 76 34.97 12.00 18.65
CA LEU D 76 33.85 11.45 19.39
C LEU D 76 32.63 12.35 19.30
N ASP D 77 32.83 13.61 18.93
CA ASP D 77 31.70 14.45 18.60
C ASP D 77 31.27 14.24 17.15
N LEU D 78 32.24 14.05 16.26
CA LEU D 78 31.92 13.76 14.87
C LEU D 78 31.16 12.45 14.74
N GLU D 79 31.60 11.42 15.46
CA GLU D 79 30.90 10.14 15.43
C GLU D 79 29.50 10.28 16.00
N ASN D 80 29.34 11.10 17.03
CA ASN D 80 28.01 11.31 17.60
C ASN D 80 27.09 11.95 16.57
N SER D 81 27.57 12.97 15.86
CA SER D 81 26.73 13.60 14.85
C SER D 81 26.37 12.63 13.74
N PHE D 82 27.35 11.88 13.24
CA PHE D 82 27.10 10.90 12.19
C PHE D 82 26.04 9.91 12.62
N SER D 83 26.20 9.31 13.81
CA SER D 83 25.23 8.36 14.29
C SER D 83 23.87 9.00 14.55
N ASN D 84 23.83 10.29 14.86
CA ASN D 84 22.54 10.94 15.08
C ASN D 84 21.74 11.07 13.80
N ILE D 85 22.40 11.43 12.70
CA ILE D 85 21.67 11.60 11.45
C ILE D 85 21.26 10.25 10.88
N LEU D 86 22.18 9.30 10.83
CA LEU D 86 21.98 8.02 10.17
C LEU D 86 21.64 6.95 11.19
N LEU D 87 20.78 6.02 10.77
CA LEU D 87 20.53 4.86 11.62
C LEU D 87 21.74 3.94 11.66
N PHE D 88 22.13 3.39 10.51
CA PHE D 88 23.28 2.51 10.39
C PHE D 88 24.37 3.26 9.64
N VAL D 89 25.51 3.46 10.30
CA VAL D 89 26.59 4.28 9.76
C VAL D 89 27.35 3.56 8.66
N PRO D 90 27.86 2.34 8.87
CA PRO D 90 28.69 1.70 7.84
C PRO D 90 27.96 1.42 6.54
N GLU D 91 26.65 1.61 6.51
CA GLU D 91 25.85 1.47 5.31
C GLU D 91 25.82 2.75 4.48
N TYR D 92 26.25 3.88 5.04
CA TYR D 92 26.12 5.15 4.35
C TYR D 92 27.44 5.89 4.20
N LEU D 93 28.41 5.59 5.04
CA LEU D 93 29.66 6.35 5.05
C LEU D 93 30.86 5.46 4.82
N ASP D 94 31.92 6.08 4.31
CA ASP D 94 33.21 5.45 4.17
C ASP D 94 34.27 6.52 4.35
N PHE D 95 35.24 6.27 5.20
CA PHE D 95 36.26 7.25 5.50
C PHE D 95 37.56 6.88 4.81
N MET D 96 38.27 7.88 4.34
CA MET D 96 39.49 7.66 3.57
C MET D 96 40.38 8.88 3.71
N GLN D 97 41.59 8.69 4.21
CA GLN D 97 42.57 9.75 4.26
C GLN D 97 43.46 9.65 3.04
N ASN D 98 43.55 10.73 2.28
CA ASN D 98 44.36 10.76 1.07
C ASN D 98 45.40 11.86 1.22
N GLY D 99 46.52 11.53 1.82
CA GLY D 99 47.58 12.51 1.98
C GLY D 99 47.24 13.60 2.96
N ASN D 100 46.95 14.80 2.45
CA ASN D 100 46.66 15.95 3.29
C ASN D 100 45.16 16.27 3.30
N TYR D 101 44.33 15.28 3.05
CA TYR D 101 42.88 15.49 3.04
C TYR D 101 42.21 14.30 3.70
N PHE D 102 41.03 14.53 4.25
CA PHE D 102 40.21 13.48 4.84
C PHE D 102 38.88 13.45 4.10
N LEU D 103 38.63 12.37 3.36
CA LEU D 103 37.45 12.27 2.52
C LEU D 103 36.41 11.39 3.18
N ILE D 104 35.14 11.74 3.00
CA ILE D 104 34.01 10.99 3.52
C ILE D 104 33.04 10.76 2.36
N PHE D 105 32.89 9.52 1.94
CA PHE D 105 32.03 9.19 0.81
C PHE D 105 30.63 8.89 1.31
N VAL D 106 29.65 9.67 0.88
CA VAL D 106 28.30 9.63 1.43
C VAL D 106 27.35 9.05 0.40
N LYS D 107 26.72 7.94 0.74
CA LYS D 107 25.66 7.37 -0.07
C LYS D 107 24.46 8.32 -0.06
N SER D 108 23.50 8.05 -0.94
CA SER D 108 22.30 8.86 -1.02
C SER D 108 21.22 8.30 -0.10
N TRP D 109 20.43 9.18 0.50
CA TRP D 109 19.41 8.74 1.42
C TRP D 109 18.31 8.00 0.66
N SER D 110 18.01 6.78 1.10
CA SER D 110 17.09 5.90 0.40
C SER D 110 15.86 5.64 1.26
N LEU D 111 14.70 5.60 0.61
CA LEU D 111 13.45 5.32 1.31
C LEU D 111 13.51 3.97 2.01
N ASN D 112 13.23 3.99 3.31
CA ASN D 112 13.26 2.76 4.09
C ASN D 112 11.91 2.56 4.77
N THR D 113 11.84 1.62 5.70
CA THR D 113 10.58 1.32 6.36
C THR D 113 10.08 2.48 7.20
N SER D 114 10.97 3.36 7.66
CA SER D 114 10.54 4.46 8.52
C SER D 114 9.60 5.40 7.80
N GLY D 115 9.68 5.48 6.48
CA GLY D 115 8.84 6.38 5.72
C GLY D 115 9.43 7.75 5.50
N LEU D 116 10.62 8.01 6.02
CA LEU D 116 11.26 9.31 5.82
C LEU D 116 11.67 9.47 4.36
N ARG D 117 11.63 10.72 3.90
CA ARG D 117 12.08 11.04 2.56
C ARG D 117 13.32 11.91 2.53
N ILE D 118 13.67 12.57 3.63
CA ILE D 118 14.87 13.38 3.72
C ILE D 118 15.47 13.19 5.10
N THR D 119 16.63 13.78 5.31
CA THR D 119 17.30 13.76 6.61
C THR D 119 17.44 15.19 7.11
N THR D 120 17.15 15.40 8.38
CA THR D 120 17.20 16.73 8.96
C THR D 120 18.09 16.71 10.19
N LEU D 121 18.93 17.73 10.32
CA LEU D 121 19.77 17.84 11.51
C LEU D 121 18.94 18.07 12.75
N SER D 122 17.84 18.80 12.62
CA SER D 122 16.95 19.05 13.75
C SER D 122 15.65 19.64 13.25
N SER D 123 14.52 19.04 13.61
CA SER D 123 13.25 19.53 13.08
C SER D 123 12.89 20.89 13.64
N ASN D 124 13.37 21.20 14.84
CA ASN D 124 13.06 22.44 15.55
C ASN D 124 11.60 22.56 15.93
N LEU D 125 10.83 21.49 15.81
CA LEU D 125 9.49 21.41 16.36
C LEU D 125 9.63 20.85 17.77
N TYR D 126 9.35 21.67 18.78
CA TYR D 126 9.43 21.19 20.14
C TYR D 126 8.09 20.64 20.60
N LYS D 127 8.14 19.58 21.38
CA LYS D 127 6.96 19.02 22.00
C LYS D 127 7.16 19.06 23.50
N ARG D 128 6.05 19.05 24.23
CA ARG D 128 6.07 19.18 25.67
C ARG D 128 5.90 17.79 26.28
N ASP D 129 6.95 17.27 26.87
CA ASP D 129 6.85 16.03 27.62
C ASP D 129 6.21 16.36 28.96
N ILE D 130 6.27 15.43 29.92
CA ILE D 130 5.56 15.64 31.18
C ILE D 130 6.05 16.88 31.89
N THR D 131 7.35 17.14 31.86
CA THR D 131 7.87 18.33 32.54
C THR D 131 8.89 19.09 31.71
N SER D 132 9.52 18.41 30.74
CA SER D 132 10.58 18.99 29.95
C SER D 132 10.13 19.22 28.52
N ALA D 133 10.65 20.27 27.91
CA ALA D 133 10.37 20.59 26.52
C ALA D 133 11.48 20.03 25.66
N LYS D 134 11.17 19.02 24.86
CA LYS D 134 12.14 18.35 24.01
C LYS D 134 11.80 18.54 22.55
N VAL D 135 12.82 18.47 21.72
CA VAL D 135 12.65 18.66 20.28
C VAL D 135 12.25 17.34 19.65
N MET D 136 11.31 17.41 18.71
CA MET D 136 10.86 16.20 18.05
C MET D 136 11.96 15.66 17.15
N ASN D 137 12.22 14.36 17.22
CA ASN D 137 13.17 13.74 16.34
C ASN D 137 12.49 13.50 14.99
N ALA D 138 13.10 12.72 14.11
CA ALA D 138 12.61 12.61 12.75
C ALA D 138 11.26 11.90 12.70
N THR D 139 11.13 10.78 13.40
CA THR D 139 9.90 10.00 13.31
C THR D 139 8.77 10.66 14.09
N ALA D 140 9.09 11.29 15.22
CA ALA D 140 8.08 12.03 15.95
C ALA D 140 7.52 13.16 15.11
N ALA D 141 8.40 13.95 14.50
CA ALA D 141 7.94 15.04 13.65
C ALA D 141 7.18 14.52 12.45
N LEU D 142 7.60 13.39 11.90
CA LEU D 142 6.90 12.80 10.77
C LEU D 142 5.46 12.47 11.14
N GLU D 143 5.28 11.74 12.25
CA GLU D 143 3.93 11.36 12.64
C GLU D 143 3.10 12.57 13.01
N PHE D 144 3.70 13.54 13.70
CA PHE D 144 3.00 14.76 14.08
C PHE D 144 2.47 15.49 12.87
N LEU D 145 3.33 15.73 11.88
CA LEU D 145 2.91 16.49 10.72
C LEU D 145 1.92 15.71 9.87
N LYS D 146 2.12 14.40 9.73
CA LYS D 146 1.16 13.62 8.94
C LYS D 146 -0.20 13.61 9.61
N ASP D 147 -0.25 13.53 10.94
CA ASP D 147 -1.51 13.56 11.64
C ASP D 147 -2.20 14.91 11.46
N MET D 148 -1.45 16.00 11.57
CA MET D 148 -2.07 17.31 11.41
C MET D 148 -2.56 17.51 9.98
N LYS D 149 -1.83 17.01 9.00
CA LYS D 149 -2.25 17.19 7.62
C LYS D 149 -3.44 16.31 7.27
N LYS D 150 -3.60 15.18 7.95
CA LYS D 150 -4.72 14.30 7.65
C LYS D 150 -6.05 14.97 7.95
N THR D 151 -6.12 15.71 9.06
CA THR D 151 -7.37 16.32 9.48
C THR D 151 -7.52 17.76 9.01
N ARG D 152 -6.63 18.21 8.11
CA ARG D 152 -6.68 19.58 7.58
C ARG D 152 -6.61 20.61 8.71
N GLY D 153 -5.95 20.26 9.79
CA GLY D 153 -5.95 21.02 11.02
C GLY D 153 -5.69 20.07 12.17
N ARG D 154 -5.89 20.56 13.38
CA ARG D 154 -5.59 19.78 14.57
C ARG D 154 -6.80 19.80 15.48
N LEU D 155 -7.29 18.61 15.84
CA LEU D 155 -8.56 18.49 16.55
C LEU D 155 -8.44 18.97 17.99
N TYR D 156 -9.51 19.57 18.49
CA TYR D 156 -9.65 19.87 19.91
C TYR D 156 -11.06 19.50 20.34
N LEU D 157 -11.28 19.50 21.65
CA LEU D 157 -12.55 19.14 22.26
C LEU D 157 -13.04 20.28 23.14
N ARG D 158 -13.10 21.49 22.55
CA ARG D 158 -13.33 22.79 23.21
C ARG D 158 -14.44 22.70 24.26
N PRO D 159 -14.38 23.53 25.30
CA PRO D 159 -15.17 23.26 26.51
C PRO D 159 -16.67 23.39 26.29
N GLU D 160 -17.23 22.40 25.61
CA GLU D 160 -18.68 22.31 25.45
C GLU D 160 -19.36 21.78 26.71
N LEU D 161 -18.65 20.99 27.50
CA LEU D 161 -19.21 20.38 28.70
C LEU D 161 -18.09 19.77 29.52
N LEU D 162 -18.24 19.83 30.83
CA LEU D 162 -17.40 19.07 31.75
C LEU D 162 -18.07 17.72 32.02
N ALA D 163 -17.26 16.66 32.01
CA ALA D 163 -17.81 15.32 32.14
C ALA D 163 -18.46 15.13 33.51
N LYS D 164 -19.69 14.65 33.51
CA LYS D 164 -20.43 14.44 34.75
C LYS D 164 -19.84 13.24 35.45
N ARG D 165 -18.96 13.50 36.40
CA ARG D 165 -18.28 12.44 37.13
C ARG D 165 -18.81 12.31 38.54
N PRO D 166 -18.44 11.25 39.25
CA PRO D 166 -18.83 11.11 40.66
C PRO D 166 -18.18 12.18 41.52
N CYS D 167 -18.44 12.08 42.82
CA CYS D 167 -17.87 12.99 43.80
C CYS D 167 -16.74 12.28 44.53
N VAL D 168 -15.53 12.82 44.45
CA VAL D 168 -14.39 12.22 45.14
C VAL D 168 -13.21 13.19 45.11
N ASP D 169 -12.35 13.11 46.13
CA ASP D 169 -11.17 13.97 46.21
C ASP D 169 -10.07 13.42 45.31
N ILE D 170 -10.06 13.86 44.06
CA ILE D 170 -9.18 13.32 43.05
C ILE D 170 -8.19 14.42 42.69
N GLN D 171 -7.00 14.04 42.29
CA GLN D 171 -5.96 15.00 41.96
C GLN D 171 -5.39 14.69 40.59
N GLU D 172 -5.33 15.69 39.71
CA GLU D 172 -4.94 15.49 38.32
C GLU D 172 -4.21 16.73 37.84
N GLU D 173 -3.76 16.67 36.58
CA GLU D 173 -3.04 17.81 36.00
C GLU D 173 -3.93 19.03 35.85
N ASN D 174 -5.23 18.82 35.65
CA ASN D 174 -6.13 19.96 35.53
C ASN D 174 -6.11 20.81 36.80
N ASN D 175 -5.85 20.19 37.95
CA ASN D 175 -5.69 20.97 39.17
C ASN D 175 -4.55 21.96 39.07
N MET D 176 -3.38 21.49 38.61
CA MET D 176 -2.24 22.39 38.47
C MET D 176 -2.50 23.46 37.43
N LYS D 177 -3.16 23.09 36.33
CA LYS D 177 -3.47 24.10 35.32
C LYS D 177 -4.40 25.16 35.87
N ALA D 178 -5.42 24.76 36.63
CA ALA D 178 -6.36 25.72 37.19
C ALA D 178 -5.72 26.60 38.25
N LEU D 179 -4.88 26.02 39.10
CA LEU D 179 -4.18 26.82 40.09
C LEU D 179 -3.26 27.84 39.42
N ALA D 180 -2.53 27.41 38.40
CA ALA D 180 -1.69 28.37 37.68
C ALA D 180 -2.53 29.42 36.99
N GLY D 181 -3.74 29.06 36.56
CA GLY D 181 -4.63 30.05 35.97
C GLY D 181 -5.05 31.11 36.96
N VAL D 182 -5.41 30.70 38.17
CA VAL D 182 -5.79 31.69 39.17
C VAL D 182 -4.56 32.50 39.58
N PHE D 183 -3.38 31.90 39.54
CA PHE D 183 -2.15 32.64 39.76
C PHE D 183 -1.95 33.71 38.68
N PHE D 184 -2.31 33.40 37.45
CA PHE D 184 -2.07 34.31 36.35
C PHE D 184 -2.92 35.56 36.46
N ASP D 185 -4.13 35.45 37.01
CA ASP D 185 -5.01 36.58 37.17
C ASP D 185 -4.81 37.29 38.51
N ARG D 186 -3.95 36.78 39.37
CA ARG D 186 -3.64 37.46 40.61
C ARG D 186 -3.05 38.84 40.31
N THR D 187 -3.25 39.78 41.24
CA THR D 187 -2.87 41.17 40.98
C THR D 187 -1.57 41.57 41.66
N GLU D 188 -1.21 40.94 42.76
CA GLU D 188 0.02 41.28 43.46
C GLU D 188 0.52 40.05 44.19
N LEU D 189 1.84 39.92 44.28
CA LEU D 189 2.48 38.76 44.88
C LEU D 189 3.20 39.18 46.15
N ASP D 190 2.96 38.44 47.24
CA ASP D 190 3.75 38.62 48.44
C ASP D 190 5.13 38.02 48.19
N ARG D 191 6.15 38.84 48.38
CA ARG D 191 7.51 38.34 48.25
C ARG D 191 7.77 37.24 49.28
N LYS D 192 8.41 36.17 48.81
CA LYS D 192 8.68 35.02 49.66
C LYS D 192 7.39 34.37 50.16
N GLU D 193 6.54 33.96 49.22
CA GLU D 193 5.40 33.11 49.53
C GLU D 193 5.53 31.81 48.75
N LYS D 194 4.85 30.78 49.25
CA LYS D 194 4.96 29.45 48.68
C LYS D 194 3.91 29.23 47.59
N LEU D 195 4.23 28.36 46.65
CA LEU D 195 3.30 27.96 45.61
C LEU D 195 2.57 26.70 46.02
N THR D 196 1.33 26.59 45.56
CA THR D 196 0.53 25.40 45.79
C THR D 196 0.56 24.43 44.62
N PHE D 197 1.21 24.80 43.52
CA PHE D 197 1.31 23.91 42.38
C PHE D 197 2.77 23.79 41.96
N THR D 198 3.08 22.73 41.22
CA THR D 198 4.40 22.50 40.68
C THR D 198 4.30 22.51 39.16
N GLU D 199 5.39 22.14 38.49
CA GLU D 199 5.44 22.19 37.04
C GLU D 199 4.96 20.87 36.46
N SER D 200 4.22 20.98 35.36
CA SER D 200 3.60 19.83 34.72
C SER D 200 3.58 20.09 33.24
N THR D 201 2.74 19.34 32.51
CA THR D 201 2.65 19.53 31.07
C THR D 201 2.00 20.85 30.67
N HIS D 202 1.50 21.64 31.62
CA HIS D 202 0.95 22.95 31.35
C HIS D 202 1.63 24.07 32.12
N VAL D 203 2.69 23.78 32.87
CA VAL D 203 3.28 24.76 33.77
C VAL D 203 4.78 24.57 33.83
N GLU D 204 5.52 25.59 33.42
CA GLU D 204 6.97 25.60 33.48
C GLU D 204 7.43 26.81 34.28
N ILE D 205 8.46 26.62 35.11
CA ILE D 205 8.94 27.65 36.02
C ILE D 205 10.43 27.84 35.81
N LYS D 206 10.86 29.09 35.74
CA LYS D 206 12.25 29.42 35.46
C LYS D 206 12.76 30.46 36.44
N ASN D 207 14.00 30.28 36.90
CA ASN D 207 14.58 31.19 37.88
C ASN D 207 15.19 32.42 37.22
N PHE D 208 16.24 32.23 36.43
CA PHE D 208 16.90 33.29 35.67
C PHE D 208 17.27 34.48 36.54
N SER D 209 18.18 34.24 37.48
CA SER D 209 18.75 35.31 38.30
C SER D 209 19.92 35.97 37.58
N THR D 210 19.63 36.49 36.40
CA THR D 210 20.62 37.08 35.52
C THR D 210 20.50 38.60 35.53
N GLU D 211 21.64 39.26 35.33
CA GLU D 211 21.64 40.72 35.28
C GLU D 211 21.01 41.22 33.98
N ARG D 212 21.25 40.52 32.88
CA ARG D 212 20.71 40.96 31.61
C ARG D 212 19.23 40.58 31.47
N LEU D 213 18.95 39.28 31.42
CA LEU D 213 17.61 38.69 31.33
C LEU D 213 16.95 38.97 29.98
N LEU D 214 17.57 39.77 29.11
CA LEU D 214 17.00 40.01 27.80
C LEU D 214 17.51 38.99 26.79
N GLN D 215 18.82 38.79 26.73
CA GLN D 215 19.38 37.81 25.82
C GLN D 215 18.92 36.41 26.18
N ARG D 216 18.89 36.09 27.47
CA ARG D 216 18.47 34.76 27.91
C ARG D 216 17.03 34.50 27.49
N ILE D 217 16.14 35.47 27.70
CA ILE D 217 14.75 35.30 27.28
C ILE D 217 14.67 35.16 25.77
N LYS D 218 15.32 36.06 25.03
CA LYS D 218 15.27 36.03 23.58
C LYS D 218 15.80 34.73 23.01
N GLU D 219 16.69 34.04 23.72
CA GLU D 219 17.26 32.80 23.19
C GLU D 219 16.58 31.55 23.72
N ILE D 220 15.86 31.61 24.83
CA ILE D 220 15.24 30.40 25.35
C ILE D 220 13.72 30.38 25.20
N LEU D 221 13.08 31.53 25.10
CA LEU D 221 11.63 31.61 25.05
C LEU D 221 11.00 30.91 23.87
N PRO D 222 11.55 30.98 22.65
CA PRO D 222 10.86 30.34 21.51
C PRO D 222 10.71 28.85 21.65
N GLN D 223 11.64 28.16 22.32
CA GLN D 223 11.48 26.72 22.42
C GLN D 223 10.38 26.36 23.41
N TYR D 224 10.21 27.11 24.48
CA TYR D 224 9.11 26.84 25.39
C TYR D 224 7.77 27.25 24.78
N VAL D 225 7.75 28.34 24.03
CA VAL D 225 6.52 28.73 23.35
C VAL D 225 6.13 27.68 22.32
N SER D 226 7.11 27.11 21.62
CA SER D 226 6.80 26.07 20.66
C SER D 226 6.43 24.77 21.33
N ALA D 227 6.95 24.52 22.53
CA ALA D 227 6.53 23.34 23.27
C ALA D 227 5.08 23.45 23.70
N PHE D 228 4.69 24.61 24.22
CA PHE D 228 3.32 24.77 24.68
C PHE D 228 2.34 24.82 23.52
N ALA D 229 2.70 25.52 22.45
CA ALA D 229 1.76 25.67 21.35
C ALA D 229 1.53 24.37 20.61
N ASN D 230 2.34 23.35 20.85
CA ASN D 230 2.20 22.08 20.15
C ASN D 230 1.52 21.00 20.99
N THR D 231 1.35 21.22 22.30
CA THR D 231 0.62 20.26 23.14
C THR D 231 -0.09 21.04 24.24
N ASP D 232 -1.35 21.40 24.00
CA ASP D 232 -2.30 21.83 25.03
C ASP D 232 -2.06 23.21 25.60
N GLY D 233 -1.04 23.93 25.17
CA GLY D 233 -0.81 25.27 25.72
C GLY D 233 -0.45 25.23 27.19
N GLY D 234 -0.25 26.38 27.81
CA GLY D 234 0.09 26.41 29.21
C GLY D 234 0.67 27.76 29.62
N TYR D 235 1.25 27.76 30.82
CA TYR D 235 1.78 28.98 31.42
C TYR D 235 3.27 28.85 31.66
N LEU D 236 3.97 29.98 31.54
CA LEU D 236 5.40 30.07 31.82
C LEU D 236 5.64 31.21 32.79
N PHE D 237 6.17 30.89 33.96
CA PHE D 237 6.43 31.87 34.99
C PHE D 237 7.93 32.05 35.15
N ILE D 238 8.39 33.30 35.17
CA ILE D 238 9.80 33.64 35.29
C ILE D 238 9.95 34.55 36.49
N GLY D 239 10.69 34.09 37.49
CA GLY D 239 10.87 34.89 38.68
C GLY D 239 10.78 34.10 39.96
N LEU D 240 10.67 32.77 39.86
CA LEU D 240 10.66 31.89 41.01
C LEU D 240 12.04 31.26 41.19
N ASN D 241 12.18 30.51 42.27
CA ASN D 241 13.39 29.72 42.51
C ASN D 241 13.05 28.24 42.49
N GLU D 242 14.06 27.41 42.70
CA GLU D 242 13.85 25.97 42.62
C GLU D 242 13.05 25.43 43.79
N ASP D 243 12.80 26.23 44.81
CA ASP D 243 11.96 25.81 45.93
C ASP D 243 10.59 26.46 45.92
N LYS D 244 10.19 27.05 44.79
CA LYS D 244 8.85 27.59 44.60
C LYS D 244 8.57 28.82 45.47
N GLU D 245 9.59 29.39 46.09
CA GLU D 245 9.43 30.61 46.88
C GLU D 245 9.52 31.79 45.93
N ILE D 246 8.49 32.65 45.94
CA ILE D 246 8.41 33.74 45.00
C ILE D 246 9.51 34.75 45.31
N ILE D 247 10.34 35.04 44.31
CA ILE D 247 11.46 35.97 44.45
C ILE D 247 11.38 37.07 43.41
N GLY D 248 11.11 36.71 42.15
CA GLY D 248 11.02 37.70 41.10
C GLY D 248 12.37 38.24 40.71
N PHE D 249 12.45 38.89 39.55
CA PHE D 249 13.69 39.51 39.11
C PHE D 249 13.64 41.00 39.43
N LYS D 250 14.79 41.54 39.85
CA LYS D 250 14.90 42.92 40.30
C LYS D 250 15.02 43.82 39.09
N ALA D 251 13.88 44.21 38.54
CA ALA D 251 13.83 45.10 37.38
C ALA D 251 12.93 46.28 37.72
N GLU D 252 13.17 47.39 37.04
CA GLU D 252 12.40 48.60 37.29
C GLU D 252 11.65 49.02 36.04
N MET D 253 10.60 49.81 36.25
CA MET D 253 9.76 50.30 35.16
C MET D 253 10.61 51.05 34.13
N SER D 254 10.11 51.11 32.91
CA SER D 254 10.78 51.52 31.69
C SER D 254 11.72 50.43 31.18
N ASP D 255 11.96 49.38 31.96
CA ASP D 255 12.56 48.15 31.46
C ASP D 255 11.51 47.10 31.14
N LEU D 256 10.41 47.10 31.88
CA LEU D 256 9.33 46.16 31.61
C LEU D 256 8.78 46.36 30.20
N ASP D 257 8.75 47.60 29.73
CA ASP D 257 8.19 47.83 28.40
C ASP D 257 9.10 47.29 27.32
N ASP D 258 10.41 47.58 27.40
CA ASP D 258 11.34 47.06 26.41
C ASP D 258 11.38 45.54 26.45
N LEU D 259 11.29 44.97 27.66
CA LEU D 259 11.29 43.52 27.78
C LEU D 259 10.05 42.91 27.17
N GLU D 260 8.89 43.54 27.38
CA GLU D 260 7.67 43.05 26.75
C GLU D 260 7.76 43.15 25.23
N ARG D 261 8.34 44.24 24.72
CA ARG D 261 8.46 44.39 23.28
C ARG D 261 9.42 43.35 22.71
N GLU D 262 10.49 43.03 23.44
CA GLU D 262 11.41 42.00 23.00
C GLU D 262 10.71 40.64 22.99
N ILE D 263 9.90 40.35 24.00
CA ILE D 263 9.12 39.12 24.00
C ILE D 263 8.19 39.07 22.79
N GLU D 264 7.57 40.21 22.49
CA GLU D 264 6.65 40.27 21.35
C GLU D 264 7.36 39.95 20.05
N LYS D 265 8.51 40.58 19.82
CA LYS D 265 9.24 40.30 18.58
C LYS D 265 9.75 38.86 18.56
N SER D 266 10.21 38.36 19.69
CA SER D 266 10.77 37.01 19.75
C SER D 266 9.69 35.96 19.52
N ILE D 267 8.44 36.30 19.79
CA ILE D 267 7.38 35.35 19.48
C ILE D 267 6.89 35.54 18.05
N ARG D 268 6.90 36.78 17.54
CA ARG D 268 6.40 37.00 16.18
C ARG D 268 7.40 36.59 15.12
N LYS D 269 8.66 36.39 15.49
CA LYS D 269 9.65 35.88 14.56
C LYS D 269 9.63 34.36 14.45
N MET D 270 8.85 33.67 15.28
CA MET D 270 8.80 32.23 15.23
C MET D 270 7.98 31.78 14.02
N PRO D 271 8.47 30.85 13.22
CA PRO D 271 7.71 30.38 12.06
C PRO D 271 6.45 29.65 12.49
N VAL D 272 5.66 29.29 11.49
CA VAL D 272 4.42 28.56 11.73
C VAL D 272 3.90 28.06 10.39
N HIS D 273 3.22 26.92 10.38
CA HIS D 273 2.71 26.36 9.13
C HIS D 273 1.31 25.85 9.35
N HIS D 274 0.34 26.38 8.61
CA HIS D 274 -1.05 26.04 8.77
C HIS D 274 -1.49 25.05 7.72
N PHE D 275 -2.19 24.01 8.15
CA PHE D 275 -2.90 23.12 7.25
C PHE D 275 -4.39 23.44 7.20
N CYS D 276 -4.85 24.44 7.95
CA CYS D 276 -6.26 24.75 8.09
C CYS D 276 -6.67 25.82 7.09
N MET D 277 -7.98 26.03 6.99
CA MET D 277 -8.53 26.98 6.02
C MET D 277 -8.10 28.40 6.35
N GLU D 278 -8.46 28.88 7.55
CA GLU D 278 -8.01 30.19 7.98
C GLU D 278 -6.55 30.13 8.43
N LYS D 279 -6.00 31.29 8.74
CA LYS D 279 -4.59 31.41 9.13
C LYS D 279 -4.51 32.33 10.33
N LYS D 280 -4.64 31.77 11.52
CA LYS D 280 -4.59 32.56 12.75
C LYS D 280 -3.13 32.84 13.08
N LYS D 281 -2.87 33.35 14.28
CA LYS D 281 -1.51 33.54 14.77
C LYS D 281 -1.44 33.06 16.21
N ILE D 282 -0.24 33.08 16.77
CA ILE D 282 0.00 32.47 18.07
C ILE D 282 -0.65 33.32 19.14
N ASN D 283 -1.82 32.91 19.60
CA ASN D 283 -2.56 33.66 20.60
C ASN D 283 -1.95 33.42 21.97
N TYR D 284 -1.55 34.51 22.64
CA TYR D 284 -0.96 34.43 23.96
C TYR D 284 -1.29 35.71 24.71
N SER D 285 -0.65 35.91 25.86
CA SER D 285 -0.81 37.16 26.59
C SER D 285 0.27 37.28 27.64
N CYS D 286 1.06 38.34 27.57
CA CYS D 286 2.07 38.63 28.58
C CYS D 286 1.46 39.42 29.73
N LYS D 287 2.19 39.48 30.83
CA LYS D 287 1.69 40.17 32.00
C LYS D 287 2.79 40.21 33.04
N PHE D 288 2.85 41.31 33.80
CA PHE D 288 3.88 41.51 34.80
C PHE D 288 3.24 41.78 36.15
N LEU D 289 3.70 41.06 37.16
CA LEU D 289 3.13 41.12 38.50
C LEU D 289 4.18 41.59 39.49
N GLY D 290 3.75 42.44 40.44
CA GLY D 290 4.64 42.89 41.48
C GLY D 290 4.79 41.87 42.58
N VAL D 291 5.91 41.98 43.31
CA VAL D 291 6.30 40.97 44.28
C VAL D 291 6.47 41.63 45.65
N TYR D 292 5.57 42.56 45.97
CA TYR D 292 5.57 43.37 47.19
C TYR D 292 5.96 42.57 48.43
N ASP D 293 7.01 43.02 49.12
CA ASP D 293 7.49 42.30 50.29
C ASP D 293 6.68 42.66 51.53
N LYS D 294 6.76 43.91 51.98
CA LYS D 294 5.98 44.37 53.11
C LYS D 294 5.08 45.54 52.74
N GLY D 295 5.64 46.61 52.18
CA GLY D 295 4.85 47.63 51.52
C GLY D 295 5.61 48.10 50.31
N SER D 296 6.78 47.51 50.12
CA SER D 296 7.71 47.87 49.05
C SER D 296 7.66 46.80 47.96
N LEU D 297 8.21 47.16 46.81
CA LEU D 297 8.23 46.27 45.65
C LEU D 297 9.63 45.67 45.53
N CYS D 298 9.74 44.38 45.84
CA CYS D 298 11.03 43.68 45.84
C CYS D 298 11.47 43.26 44.43
N GLY D 299 10.68 43.55 43.41
CA GLY D 299 11.04 43.16 42.06
C GLY D 299 9.78 42.98 41.22
N TYR D 300 9.88 42.07 40.24
CA TYR D 300 8.74 41.76 39.41
C TYR D 300 8.82 40.28 39.04
N VAL D 301 7.69 39.74 38.59
CA VAL D 301 7.61 38.37 38.10
C VAL D 301 6.85 38.39 36.77
N CYS D 302 7.40 37.75 35.76
CA CYS D 302 6.82 37.75 34.43
C CYS D 302 6.03 36.47 34.22
N ALA D 303 4.74 36.63 33.95
CA ALA D 303 3.85 35.50 33.69
C ALA D 303 3.46 35.53 32.23
N LEU D 304 3.59 34.39 31.55
CA LEU D 304 3.28 34.30 30.14
C LEU D 304 2.42 33.06 29.89
N ARG D 305 1.38 33.22 29.08
CA ARG D 305 0.46 32.13 28.81
C ARG D 305 0.36 31.95 27.31
N VAL D 306 0.50 30.71 26.85
CA VAL D 306 0.40 30.37 25.45
C VAL D 306 -0.79 29.44 25.27
N GLU D 307 -1.57 29.67 24.24
CA GLU D 307 -2.74 28.87 23.95
C GLU D 307 -2.39 27.76 22.96
N ARG D 308 -3.17 26.69 23.01
CA ARG D 308 -3.00 25.61 22.07
C ARG D 308 -3.26 26.11 20.65
N PHE D 309 -2.51 25.57 19.71
CA PHE D 309 -2.50 26.06 18.34
C PHE D 309 -3.23 25.09 17.42
N CYS D 310 -3.51 25.55 16.21
CA CYS D 310 -4.21 24.73 15.23
C CYS D 310 -3.27 23.86 14.40
N CYS D 311 -2.02 24.25 14.26
CA CYS D 311 -1.06 23.54 13.41
C CYS D 311 0.33 23.70 14.01
N ALA D 312 1.34 23.36 13.22
CA ALA D 312 2.71 23.33 13.70
C ALA D 312 3.19 24.71 14.12
N VAL D 313 4.20 24.74 14.99
CA VAL D 313 4.86 25.98 15.40
C VAL D 313 6.33 25.67 15.60
N PHE D 314 7.18 26.14 14.71
CA PHE D 314 8.61 25.91 14.79
C PHE D 314 9.26 26.92 15.71
N ALA D 315 10.38 26.53 16.31
CA ALA D 315 11.20 27.49 17.05
C ALA D 315 12.18 28.21 16.14
N LYS D 316 12.60 27.53 15.06
CA LYS D 316 13.37 28.13 13.98
C LYS D 316 13.01 27.36 12.72
N GLU D 317 13.60 27.76 11.60
CA GLU D 317 13.41 26.98 10.40
C GLU D 317 14.06 25.61 10.58
N PRO D 318 13.52 24.58 9.94
CA PRO D 318 14.07 23.24 10.11
C PRO D 318 15.47 23.15 9.52
N ASP D 319 16.37 22.48 10.24
CA ASP D 319 17.73 22.27 9.77
C ASP D 319 17.75 21.12 8.77
N SER D 320 17.47 21.44 7.52
CA SER D 320 17.56 20.46 6.45
C SER D 320 18.15 21.15 5.23
N TRP D 321 19.20 20.55 4.68
CA TRP D 321 20.01 21.18 3.65
C TRP D 321 19.99 20.35 2.39
N HIS D 322 20.50 20.95 1.32
CA HIS D 322 20.72 20.27 0.05
C HIS D 322 21.50 21.22 -0.84
N VAL D 323 22.25 20.66 -1.77
CA VAL D 323 23.03 21.44 -2.72
C VAL D 323 22.19 21.61 -3.98
N LYS D 324 21.74 22.83 -4.24
CA LYS D 324 20.76 23.04 -5.30
C LYS D 324 21.43 23.05 -6.67
N ASP D 325 22.27 24.05 -6.92
CA ASP D 325 23.13 24.06 -8.10
C ASP D 325 24.59 24.11 -7.72
N ASN D 326 24.97 25.10 -6.93
CA ASN D 326 26.18 25.13 -6.13
C ASN D 326 25.85 25.95 -4.91
N ARG D 327 26.82 26.09 -4.00
CA ARG D 327 26.59 26.88 -2.78
C ARG D 327 25.44 26.30 -1.97
N VAL D 328 25.71 25.13 -1.38
CA VAL D 328 24.75 24.33 -0.63
C VAL D 328 23.84 25.19 0.25
N MET D 329 22.53 25.02 0.09
CA MET D 329 21.53 25.87 0.71
C MET D 329 20.62 25.05 1.61
N GLN D 330 19.98 25.75 2.54
CA GLN D 330 19.08 25.15 3.50
C GLN D 330 17.69 25.03 2.91
N LEU D 331 17.01 23.93 3.22
CA LEU D 331 15.68 23.72 2.69
C LEU D 331 14.72 24.76 3.27
N THR D 332 13.77 25.19 2.44
CA THR D 332 12.78 26.13 2.91
C THR D 332 11.65 25.40 3.65
N ARG D 333 10.90 26.15 4.44
CA ARG D 333 9.87 25.55 5.28
C ARG D 333 8.82 24.84 4.45
N LYS D 334 8.37 25.45 3.36
CA LYS D 334 7.40 24.79 2.50
C LYS D 334 7.97 23.51 1.90
N GLU D 335 9.21 23.57 1.41
CA GLU D 335 9.80 22.38 0.80
C GLU D 335 10.04 21.30 1.84
N TRP D 336 10.48 21.68 3.03
CA TRP D 336 10.69 20.70 4.08
C TRP D 336 9.40 19.99 4.43
N ILE D 337 8.34 20.75 4.68
CA ILE D 337 7.09 20.12 5.05
C ILE D 337 6.50 19.34 3.89
N GLN D 338 6.80 19.74 2.66
CA GLN D 338 6.34 18.98 1.51
C GLN D 338 7.03 17.63 1.45
N PHE D 339 8.34 17.59 1.69
CA PHE D 339 9.03 16.32 1.72
C PHE D 339 8.52 15.45 2.86
N MET D 340 8.24 16.04 4.02
CA MET D 340 7.81 15.23 5.14
C MET D 340 6.40 14.68 4.96
N VAL D 341 5.46 15.50 4.52
CA VAL D 341 4.04 15.17 4.57
C VAL D 341 3.58 14.39 3.35
N GLU D 342 3.92 14.87 2.16
CA GLU D 342 3.36 14.29 0.94
C GLU D 342 3.94 12.91 0.69
N ALA D 343 3.13 12.04 0.09
CA ALA D 343 3.51 10.66 -0.11
C ALA D 343 4.66 10.54 -1.10
N GLU D 344 5.10 9.28 -1.36
CA GLU D 344 5.93 8.98 -2.58
C GLU D 344 5.02 8.66 -3.76
N PRO D 345 5.29 9.20 -4.94
CA PRO D 345 4.43 8.94 -6.11
C PRO D 345 4.86 7.72 -6.91
N LYS D 346 3.92 6.86 -7.28
CA LYS D 346 4.24 5.73 -8.13
C LYS D 346 2.97 5.14 -8.71
N PHE D 347 3.04 4.70 -9.97
CA PHE D 347 1.93 4.02 -10.63
C PHE D 347 2.14 2.51 -10.69
N SER D 348 3.22 2.07 -11.34
CA SER D 348 3.60 0.65 -11.39
C SER D 348 2.52 -0.22 -12.03
N SER D 349 2.32 -0.01 -13.33
CA SER D 349 1.44 -0.86 -14.11
C SER D 349 1.92 -2.32 -14.05
N ALA D 350 1.02 -3.23 -14.42
CA ALA D 350 1.28 -4.66 -14.21
C ALA D 350 2.39 -5.17 -15.12
N TYR D 351 2.50 -4.62 -16.32
CA TYR D 351 3.60 -4.99 -17.21
C TYR D 351 4.94 -4.61 -16.60
N GLU D 352 5.10 -3.34 -16.21
CA GLU D 352 6.32 -2.94 -15.52
C GLU D 352 6.46 -3.66 -14.20
N GLU D 353 5.34 -4.00 -13.55
CA GLU D 353 5.42 -4.73 -12.30
C GLU D 353 6.09 -6.08 -12.50
N VAL D 354 5.74 -6.79 -13.56
CA VAL D 354 6.38 -8.08 -13.83
C VAL D 354 7.80 -7.88 -14.34
N ILE D 355 8.04 -6.83 -15.11
CA ILE D 355 9.38 -6.55 -15.60
C ILE D 355 10.32 -6.20 -14.45
N SER D 356 9.77 -5.76 -13.33
CA SER D 356 10.57 -5.52 -12.13
C SER D 356 10.67 -6.76 -11.24
N GLN D 357 9.53 -7.41 -10.94
CA GLN D 357 9.53 -8.63 -10.13
C GLN D 357 10.11 -9.83 -10.88
N ILE D 358 10.64 -9.66 -12.08
CA ILE D 358 11.53 -10.65 -12.67
C ILE D 358 12.87 -10.71 -11.95
N ASN D 359 13.07 -9.88 -10.93
CA ASN D 359 14.32 -9.78 -10.17
C ASN D 359 14.20 -10.44 -8.81
N THR D 360 13.53 -11.59 -8.72
CA THR D 360 13.39 -12.29 -7.45
C THR D 360 14.73 -12.84 -6.98
N SER D 361 15.30 -13.75 -7.77
CA SER D 361 16.59 -14.38 -7.45
C SER D 361 16.56 -15.06 -6.08
N LEU D 362 15.61 -15.98 -5.93
CA LEU D 362 15.57 -16.87 -4.78
C LEU D 362 16.69 -17.90 -4.94
N PRO D 363 16.90 -18.81 -3.98
CA PRO D 363 17.99 -19.79 -4.14
C PRO D 363 17.72 -20.77 -5.28
N ALA D 364 17.82 -20.27 -6.51
CA ALA D 364 17.56 -21.04 -7.72
C ALA D 364 17.87 -20.19 -8.93
N PRO D 365 18.01 -20.80 -10.12
CA PRO D 365 18.35 -20.01 -11.33
C PRO D 365 17.35 -18.93 -11.67
N HIS D 366 16.08 -19.30 -11.86
CA HIS D 366 15.02 -18.35 -12.20
C HIS D 366 15.35 -17.60 -13.49
N SER D 367 15.37 -18.36 -14.58
CA SER D 367 15.85 -17.85 -15.86
C SER D 367 14.81 -16.88 -16.45
N TRP D 368 15.06 -16.46 -17.69
CA TRP D 368 14.15 -15.61 -18.45
C TRP D 368 13.96 -14.24 -17.80
N PRO D 369 14.99 -13.40 -17.77
CA PRO D 369 14.79 -12.00 -17.39
C PRO D 369 14.43 -11.16 -18.60
N LEU D 370 13.43 -10.30 -18.43
CA LEU D 370 12.85 -9.60 -19.55
C LEU D 370 13.52 -8.27 -19.85
N LEU D 371 14.50 -7.85 -19.06
CA LEU D 371 15.13 -6.55 -19.25
C LEU D 371 16.39 -6.61 -20.10
N GLU D 372 16.96 -7.79 -20.30
CA GLU D 372 18.20 -7.94 -21.05
C GLU D 372 17.98 -8.73 -22.33
N TRP D 373 16.78 -8.62 -22.89
CA TRP D 373 16.43 -9.30 -24.13
C TRP D 373 16.78 -8.43 -25.31
N GLN D 374 17.16 -9.07 -26.42
CA GLN D 374 17.50 -8.35 -27.63
C GLN D 374 17.26 -9.27 -28.83
N ARG D 375 16.77 -8.67 -29.93
CA ARG D 375 16.44 -9.47 -31.10
C ARG D 375 17.68 -9.81 -31.92
N GLN D 376 18.45 -8.79 -32.30
CA GLN D 376 19.69 -9.01 -33.03
C GLN D 376 20.70 -9.61 -32.07
N ARG D 377 20.88 -10.93 -32.15
CA ARG D 377 21.77 -11.64 -31.24
C ARG D 377 23.16 -11.83 -31.83
N HIS D 378 23.54 -11.03 -32.82
CA HIS D 378 24.82 -11.21 -33.50
C HIS D 378 25.48 -9.85 -33.74
N HIS D 379 26.28 -9.43 -32.76
CA HIS D 379 27.26 -8.36 -32.95
C HIS D 379 28.62 -8.89 -32.58
N CYS D 380 29.64 -8.16 -33.02
CA CYS D 380 31.02 -8.35 -32.58
C CYS D 380 31.48 -9.79 -32.78
N PRO D 381 31.80 -10.18 -34.02
CA PRO D 381 31.88 -11.59 -34.43
C PRO D 381 32.55 -12.57 -33.48
N GLY D 382 33.76 -12.29 -32.98
CA GLY D 382 34.36 -13.30 -32.13
C GLY D 382 33.94 -13.15 -30.69
N LEU D 383 32.86 -13.85 -30.33
CA LEU D 383 32.29 -13.78 -28.98
C LEU D 383 31.06 -14.67 -28.89
N SER D 384 30.51 -14.84 -27.69
CA SER D 384 29.21 -15.48 -27.48
C SER D 384 28.13 -14.43 -27.30
N GLY D 385 26.93 -14.89 -26.97
CA GLY D 385 25.80 -14.00 -26.76
C GLY D 385 25.67 -13.47 -25.35
N ARG D 386 26.51 -12.50 -24.97
CA ARG D 386 26.52 -12.06 -23.58
C ARG D 386 26.67 -10.55 -23.41
N ILE D 387 26.37 -9.76 -24.44
CA ILE D 387 26.44 -8.30 -24.33
C ILE D 387 25.29 -7.74 -25.16
N THR D 388 24.25 -7.26 -24.49
CA THR D 388 23.05 -6.82 -25.19
C THR D 388 23.24 -5.38 -25.65
N TYR D 389 23.60 -5.19 -26.90
CA TYR D 389 23.70 -3.87 -27.50
C TYR D 389 22.28 -3.35 -27.67
N THR D 390 21.85 -2.49 -26.75
CA THR D 390 20.41 -2.39 -26.46
C THR D 390 19.59 -1.78 -27.57
N PRO D 391 19.86 -0.55 -28.04
CA PRO D 391 18.89 0.12 -28.92
C PRO D 391 18.61 -0.60 -30.22
N GLU D 392 19.60 -1.29 -30.79
CA GLU D 392 19.40 -2.23 -31.88
C GLU D 392 19.08 -1.57 -33.21
N ASN D 393 18.83 -0.29 -33.20
CA ASN D 393 18.62 0.50 -34.40
C ASN D 393 19.50 1.73 -34.41
N LEU D 394 19.84 2.27 -33.24
CA LEU D 394 20.88 3.27 -33.16
C LEU D 394 22.25 2.62 -33.21
N CYS D 395 22.38 1.42 -32.65
CA CYS D 395 23.67 0.76 -32.65
C CYS D 395 24.05 0.30 -34.06
N ARG D 396 23.10 -0.28 -34.80
CA ARG D 396 23.42 -0.71 -36.16
C ARG D 396 23.73 0.47 -37.05
N LYS D 397 22.95 1.55 -36.93
CA LYS D 397 23.24 2.76 -37.69
C LYS D 397 24.62 3.30 -37.37
N LEU D 398 24.95 3.41 -36.08
CA LEU D 398 26.24 3.94 -35.69
C LEU D 398 27.38 3.04 -36.10
N PHE D 399 27.15 1.73 -36.20
CA PHE D 399 28.22 0.83 -36.57
C PHE D 399 28.40 0.71 -38.08
N LEU D 400 27.37 1.01 -38.87
CA LEU D 400 27.54 0.95 -40.31
C LEU D 400 28.58 1.95 -40.78
N GLN D 401 28.34 3.24 -40.55
CA GLN D 401 29.42 4.20 -40.72
C GLN D 401 30.29 4.20 -39.46
N HIS D 402 31.30 5.06 -39.44
CA HIS D 402 32.24 5.13 -38.31
C HIS D 402 32.94 3.79 -38.12
N GLU D 403 33.76 3.46 -39.12
CA GLU D 403 34.32 2.12 -39.26
C GLU D 403 35.12 1.70 -38.03
N GLY D 404 35.82 2.62 -37.39
CA GLY D 404 36.59 2.21 -36.24
C GLY D 404 35.79 1.85 -35.02
N LEU D 405 34.52 2.26 -34.99
CA LEU D 405 33.68 2.16 -33.81
C LEU D 405 33.37 0.72 -33.43
N LYS D 406 33.03 -0.12 -34.41
CA LYS D 406 32.71 -1.50 -34.09
C LYS D 406 33.92 -2.25 -33.56
N GLN D 407 35.09 -2.02 -34.17
CA GLN D 407 36.30 -2.67 -33.69
C GLN D 407 36.68 -2.16 -32.31
N LEU D 408 36.43 -0.87 -32.06
CA LEU D 408 36.69 -0.34 -30.73
C LEU D 408 35.80 -1.00 -29.69
N ILE D 409 34.50 -1.11 -29.98
CA ILE D 409 33.58 -1.71 -29.04
C ILE D 409 33.93 -3.18 -28.80
N CYS D 410 34.34 -3.89 -29.85
CA CYS D 410 34.78 -5.27 -29.66
C CYS D 410 36.03 -5.35 -28.80
N GLU D 411 36.99 -4.46 -29.02
CA GLU D 411 38.15 -4.45 -28.16
C GLU D 411 37.77 -4.15 -26.72
N GLU D 412 36.70 -3.38 -26.52
CA GLU D 412 36.40 -2.91 -25.18
C GLU D 412 35.60 -3.94 -24.39
N MET D 413 34.64 -4.62 -25.03
CA MET D 413 33.79 -5.58 -24.34
C MET D 413 34.38 -6.97 -24.30
N SER D 414 35.67 -7.12 -24.58
CA SER D 414 36.27 -8.45 -24.57
C SER D 414 36.34 -9.00 -23.15
N SER D 415 36.77 -8.18 -22.19
CA SER D 415 36.96 -8.63 -20.82
C SER D 415 35.77 -8.25 -19.95
N VAL D 416 34.62 -8.86 -20.27
CA VAL D 416 33.38 -8.63 -19.56
C VAL D 416 32.60 -9.93 -19.52
N ARG D 417 32.43 -10.51 -18.34
CA ARG D 417 31.72 -11.78 -18.23
C ARG D 417 30.28 -11.64 -18.73
N LYS D 418 29.62 -10.56 -18.37
CA LYS D 418 28.26 -10.33 -18.85
C LYS D 418 27.87 -8.89 -18.56
N GLY D 419 27.41 -8.19 -19.58
CA GLY D 419 27.05 -6.79 -19.41
C GLY D 419 25.97 -6.40 -20.39
N SER D 420 25.72 -5.09 -20.52
CA SER D 420 24.78 -4.63 -21.53
C SER D 420 25.00 -3.13 -21.69
N LEU D 421 25.52 -2.72 -22.84
CA LEU D 421 25.80 -1.31 -23.06
C LEU D 421 24.73 -0.70 -23.94
N ILE D 422 24.42 0.56 -23.67
CA ILE D 422 23.23 1.23 -24.18
C ILE D 422 23.67 2.52 -24.84
N PHE D 423 23.54 2.59 -26.16
CA PHE D 423 24.01 3.76 -26.90
C PHE D 423 22.98 4.88 -26.86
N SER D 424 23.39 6.04 -27.35
CA SER D 424 22.51 7.19 -27.41
C SER D 424 23.18 8.29 -28.22
N ARG D 425 22.37 9.13 -28.82
CA ARG D 425 22.91 10.30 -29.51
C ARG D 425 23.56 11.24 -28.52
N SER D 426 22.98 11.37 -27.33
CA SER D 426 23.59 12.16 -26.26
C SER D 426 22.91 11.78 -24.96
N TRP D 427 23.65 11.21 -24.03
CA TRP D 427 23.06 10.91 -22.73
C TRP D 427 22.74 12.18 -21.96
N SER D 428 23.42 13.28 -22.23
CA SER D 428 23.16 14.51 -21.50
C SER D 428 21.73 14.98 -21.71
N VAL D 429 21.24 14.90 -22.93
CA VAL D 429 19.87 15.32 -23.19
C VAL D 429 18.89 14.32 -22.57
N ASP D 430 19.21 13.03 -22.64
CA ASP D 430 18.34 12.02 -22.03
C ASP D 430 18.23 12.19 -20.53
N LEU D 431 19.27 12.73 -19.89
CA LEU D 431 19.23 12.99 -18.46
C LEU D 431 18.81 14.42 -18.15
N GLY D 432 18.20 15.10 -19.11
CA GLY D 432 17.78 16.47 -18.88
C GLY D 432 18.94 17.42 -18.63
N LEU D 433 19.78 17.60 -19.63
CA LEU D 433 20.93 18.48 -19.50
C LEU D 433 21.18 19.18 -20.82
N GLN D 434 21.96 20.25 -20.75
CA GLN D 434 22.40 20.94 -21.96
C GLN D 434 23.24 20.01 -22.80
N GLU D 435 23.02 20.03 -24.10
CA GLU D 435 23.79 19.21 -25.03
C GLU D 435 24.94 20.00 -25.62
N ASN D 436 25.93 19.30 -26.15
CA ASN D 436 26.93 19.89 -27.03
C ASN D 436 27.07 19.00 -28.25
N HIS D 437 27.16 19.64 -29.43
CA HIS D 437 27.01 18.93 -30.70
C HIS D 437 28.28 18.23 -31.15
N LYS D 438 29.42 18.53 -30.56
CA LYS D 438 30.68 17.96 -31.00
C LYS D 438 30.81 16.48 -30.66
N VAL D 439 29.96 15.95 -29.80
CA VAL D 439 30.05 14.57 -29.37
C VAL D 439 29.29 13.69 -30.34
N LEU D 440 29.92 12.62 -30.80
CA LEU D 440 29.28 11.72 -31.76
C LEU D 440 28.14 10.96 -31.10
N CYS D 441 28.45 10.17 -30.07
CA CYS D 441 27.46 9.38 -29.36
C CYS D 441 27.91 9.22 -27.92
N ASP D 442 27.33 8.25 -27.23
CA ASP D 442 27.74 7.91 -25.87
C ASP D 442 27.47 6.43 -25.67
N ALA D 443 27.51 5.98 -24.43
CA ALA D 443 27.23 4.59 -24.12
C ALA D 443 27.17 4.44 -22.62
N LEU D 444 26.75 3.27 -22.17
CA LEU D 444 26.63 3.00 -20.74
C LEU D 444 26.75 1.49 -20.55
N LEU D 445 27.93 1.05 -20.16
CA LEU D 445 28.19 -0.36 -19.94
C LEU D 445 27.90 -0.72 -18.50
N ILE D 446 27.03 -1.69 -18.28
CA ILE D 446 26.59 -2.05 -16.93
C ILE D 446 26.88 -3.53 -16.74
N SER D 447 28.06 -3.85 -16.22
CA SER D 447 28.46 -5.24 -16.06
C SER D 447 28.33 -5.68 -14.61
N GLN D 448 28.73 -6.92 -14.34
CA GLN D 448 28.63 -7.47 -12.99
C GLN D 448 29.58 -6.77 -12.04
N ASP D 449 30.87 -6.89 -12.28
CA ASP D 449 31.88 -6.09 -11.63
C ASP D 449 32.02 -4.80 -12.42
N SER D 450 33.08 -4.02 -12.15
CA SER D 450 33.37 -2.87 -13.00
C SER D 450 32.21 -1.89 -13.05
N PRO D 451 32.10 -1.00 -12.07
CA PRO D 451 30.96 -0.06 -12.00
C PRO D 451 30.69 0.64 -13.31
N PRO D 452 29.48 1.18 -13.48
CA PRO D 452 29.06 1.60 -14.83
C PRO D 452 29.94 2.69 -15.42
N VAL D 453 30.33 2.48 -16.67
CA VAL D 453 31.19 3.39 -17.39
C VAL D 453 30.33 4.20 -18.34
N LEU D 454 30.87 5.34 -18.79
CA LEU D 454 30.15 6.23 -19.70
C LEU D 454 31.09 6.60 -20.85
N TYR D 455 31.11 5.79 -21.89
CA TYR D 455 31.95 6.07 -23.03
C TYR D 455 31.43 7.27 -23.79
N THR D 456 32.30 8.24 -24.05
CA THR D 456 31.96 9.41 -24.83
C THR D 456 32.86 9.45 -26.06
N PHE D 457 32.28 9.28 -27.23
CA PHE D 457 33.03 9.29 -28.47
C PHE D 457 32.87 10.61 -29.19
N HIS D 458 33.87 10.97 -29.98
CA HIS D 458 33.83 12.21 -30.72
C HIS D 458 34.98 12.22 -31.71
N MET D 459 34.83 13.03 -32.76
CA MET D 459 35.89 13.24 -33.74
C MET D 459 36.17 14.73 -33.82
N VAL D 460 36.97 15.21 -32.88
CA VAL D 460 37.52 16.56 -32.92
C VAL D 460 38.85 16.53 -32.20
N GLN D 461 39.95 16.79 -32.91
CA GLN D 461 41.25 16.75 -32.24
C GLN D 461 41.64 18.12 -31.71
N ASP D 462 40.71 18.79 -31.03
CA ASP D 462 41.02 20.08 -30.43
C ASP D 462 40.59 20.17 -28.97
N GLU D 463 39.43 19.63 -28.62
CA GLU D 463 38.88 19.81 -27.28
C GLU D 463 39.04 18.55 -26.46
N GLU D 464 38.57 18.61 -25.22
CA GLU D 464 38.75 17.52 -24.27
C GLU D 464 37.44 16.86 -23.84
N PHE D 465 36.39 17.62 -23.62
CA PHE D 465 35.11 17.08 -23.19
C PHE D 465 35.17 16.45 -21.80
N LYS D 466 36.19 16.79 -21.01
CA LYS D 466 36.22 16.28 -19.64
C LYS D 466 35.06 16.83 -18.83
N GLY D 467 34.76 18.12 -18.98
CA GLY D 467 33.62 18.68 -18.28
C GLY D 467 32.33 18.03 -18.66
N TYR D 468 32.12 17.77 -19.95
CA TYR D 468 30.90 17.13 -20.41
C TYR D 468 30.74 15.75 -19.81
N SER D 469 31.77 14.92 -19.91
CA SER D 469 31.68 13.56 -19.42
C SER D 469 31.51 13.52 -17.90
N THR D 470 32.21 14.41 -17.18
CA THR D 470 32.07 14.39 -15.73
C THR D 470 30.68 14.85 -15.30
N GLN D 471 30.15 15.89 -15.94
CA GLN D 471 28.80 16.32 -15.61
C GLN D 471 27.78 15.23 -15.91
N THR D 472 27.95 14.54 -17.04
CA THR D 472 27.00 13.50 -17.37
C THR D 472 27.08 12.33 -16.39
N ALA D 473 28.28 11.92 -16.02
CA ALA D 473 28.40 10.83 -15.06
C ALA D 473 27.85 11.22 -13.70
N LEU D 474 28.09 12.47 -13.28
CA LEU D 474 27.54 12.96 -12.03
C LEU D 474 26.03 12.89 -12.03
N THR D 475 25.40 13.46 -13.06
CA THR D 475 23.95 13.45 -13.10
C THR D 475 23.40 12.06 -13.22
N LEU D 476 24.10 11.15 -13.90
CA LEU D 476 23.60 9.78 -13.96
C LEU D 476 23.63 9.12 -12.60
N LYS D 477 24.70 9.35 -11.83
CA LYS D 477 24.77 8.81 -10.48
C LYS D 477 23.60 9.32 -9.63
N GLN D 478 23.40 10.63 -9.64
CA GLN D 478 22.35 11.20 -8.80
C GLN D 478 20.98 10.73 -9.24
N LYS D 479 20.74 10.65 -10.55
CA LYS D 479 19.44 10.18 -11.03
C LYS D 479 19.19 8.75 -10.64
N LEU D 480 20.18 7.86 -10.82
CA LEU D 480 20.03 6.48 -10.38
C LEU D 480 19.61 6.42 -8.92
N ALA D 481 20.41 7.01 -8.05
CA ALA D 481 20.14 6.88 -6.61
C ALA D 481 18.81 7.49 -6.22
N LYS D 482 18.49 8.68 -6.71
CA LYS D 482 17.28 9.36 -6.26
C LYS D 482 16.03 8.86 -6.95
N ILE D 483 15.96 8.94 -8.27
CA ILE D 483 14.78 8.61 -9.02
C ILE D 483 14.70 7.11 -9.33
N GLY D 484 15.82 6.50 -9.70
CA GLY D 484 15.76 5.09 -10.04
C GLY D 484 15.54 4.20 -8.86
N GLY D 485 15.81 4.68 -7.65
CA GLY D 485 15.62 3.86 -6.48
C GLY D 485 16.67 2.81 -6.29
N TYR D 486 17.90 3.07 -6.71
CA TYR D 486 19.01 2.17 -6.40
C TYR D 486 19.47 2.43 -4.98
N THR D 487 19.55 1.37 -4.17
CA THR D 487 19.77 1.48 -2.74
C THR D 487 21.13 0.95 -2.32
N LYS D 488 22.16 1.18 -3.11
CA LYS D 488 23.50 0.78 -2.73
C LYS D 488 24.47 1.86 -3.17
N LYS D 489 25.75 1.54 -3.13
CA LYS D 489 26.79 2.52 -3.43
C LYS D 489 27.20 2.41 -4.89
N VAL D 490 27.11 3.52 -5.61
CA VAL D 490 27.40 3.57 -7.04
C VAL D 490 28.41 4.66 -7.34
N CYS D 491 29.12 4.49 -8.44
CA CYS D 491 30.01 5.50 -8.97
C CYS D 491 30.11 5.29 -10.47
N VAL D 492 29.77 6.31 -11.24
CA VAL D 492 29.78 6.21 -12.70
C VAL D 492 31.15 6.67 -13.17
N MET D 493 31.97 5.72 -13.63
CA MET D 493 33.27 6.05 -14.17
C MET D 493 33.12 6.67 -15.55
N THR D 494 34.23 6.93 -16.23
CA THR D 494 34.17 7.61 -17.51
C THR D 494 35.32 7.17 -18.39
N LYS D 495 35.15 7.38 -19.69
CA LYS D 495 36.18 7.15 -20.70
C LYS D 495 35.85 8.03 -21.89
N ILE D 496 36.88 8.60 -22.50
CA ILE D 496 36.71 9.42 -23.70
C ILE D 496 37.62 8.87 -24.78
N PHE D 497 37.07 8.70 -25.98
CA PHE D 497 37.82 8.17 -27.10
C PHE D 497 37.83 9.19 -28.23
N TYR D 498 38.70 8.96 -29.20
CA TYR D 498 38.81 9.82 -30.37
C TYR D 498 38.74 8.96 -31.62
N LEU D 499 37.70 9.16 -32.42
CA LEU D 499 37.52 8.42 -33.66
C LEU D 499 37.84 9.36 -34.81
N SER D 500 39.05 9.24 -35.33
CA SER D 500 39.50 10.09 -36.43
C SER D 500 39.07 9.47 -37.75
N PRO D 501 39.41 10.08 -38.88
CA PRO D 501 39.14 9.45 -40.17
C PRO D 501 40.04 8.25 -40.39
N GLU D 502 39.57 7.08 -39.94
CA GLU D 502 40.25 5.78 -39.86
C GLU D 502 41.30 5.73 -38.73
N GLY D 503 40.97 6.37 -37.60
CA GLY D 503 41.75 6.15 -36.39
C GLY D 503 40.83 5.82 -35.23
N MET D 504 40.96 4.60 -34.70
CA MET D 504 39.99 4.05 -33.76
C MET D 504 40.56 3.92 -32.35
N THR D 505 41.49 4.79 -31.99
CA THR D 505 42.24 4.63 -30.76
C THR D 505 42.42 6.02 -30.16
N SER D 506 43.43 6.17 -29.29
CA SER D 506 43.65 7.41 -28.57
C SER D 506 42.51 7.71 -27.61
N CYS D 507 42.33 6.84 -26.62
CA CYS D 507 41.50 7.15 -25.47
C CYS D 507 42.08 8.36 -24.78
N GLN D 508 41.43 9.51 -24.92
CA GLN D 508 41.95 10.76 -24.38
C GLN D 508 41.72 10.90 -22.89
N TYR D 509 41.05 9.95 -22.24
CA TYR D 509 40.75 10.08 -20.83
C TYR D 509 40.21 8.78 -20.26
N ASP D 510 40.73 8.36 -19.12
CA ASP D 510 40.31 7.12 -18.48
C ASP D 510 40.14 7.41 -17.00
N LEU D 511 38.90 7.67 -16.59
CA LEU D 511 38.65 8.15 -15.23
C LEU D 511 39.00 7.13 -14.17
N ARG D 512 39.11 5.85 -14.53
CA ARG D 512 39.41 4.85 -13.51
C ARG D 512 40.82 4.99 -12.99
N SER D 513 41.77 5.32 -13.86
CA SER D 513 43.14 5.57 -13.41
C SER D 513 43.39 7.05 -13.15
N GLN D 514 42.46 7.70 -12.45
CA GLN D 514 42.67 9.06 -11.98
C GLN D 514 42.14 9.29 -10.57
N VAL D 515 41.22 8.48 -10.09
CA VAL D 515 40.55 8.70 -8.82
C VAL D 515 40.43 7.38 -8.10
N ILE D 516 40.55 7.43 -6.78
CA ILE D 516 40.50 6.27 -5.92
C ILE D 516 39.23 6.34 -5.08
N TYR D 517 38.47 5.26 -5.05
CA TYR D 517 37.25 5.11 -4.29
C TYR D 517 37.44 4.08 -3.20
N PRO D 518 36.51 4.00 -2.24
CA PRO D 518 36.56 2.92 -1.26
C PRO D 518 36.38 1.57 -1.92
N GLU D 519 36.55 0.52 -1.11
CA GLU D 519 36.58 -0.82 -1.66
C GLU D 519 35.21 -1.31 -2.08
N SER D 520 34.14 -0.78 -1.50
CA SER D 520 32.80 -1.27 -1.77
C SER D 520 32.12 -0.55 -2.92
N TYR D 521 32.75 0.47 -3.48
CA TYR D 521 32.18 1.18 -4.61
C TYR D 521 32.45 0.49 -5.94
N TYR D 522 33.07 -0.69 -5.93
CA TYR D 522 33.50 -1.35 -7.16
C TYR D 522 32.69 -2.60 -7.48
N PHE D 523 31.74 -2.99 -6.65
CA PHE D 523 31.00 -4.23 -6.86
C PHE D 523 29.51 -3.93 -6.89
N THR D 524 29.02 -3.54 -8.06
CA THR D 524 27.60 -3.26 -8.22
C THR D 524 26.87 -4.57 -8.48
N ARG D 525 25.60 -4.50 -8.90
CA ARG D 525 24.76 -5.67 -8.94
C ARG D 525 24.17 -6.01 -10.29
N ARG D 526 24.09 -5.05 -11.21
CA ARG D 526 23.85 -5.32 -12.63
C ARG D 526 22.41 -5.71 -12.96
N LYS D 527 21.60 -6.00 -11.96
CA LYS D 527 20.18 -6.22 -12.16
C LYS D 527 19.34 -5.13 -11.52
N TYR D 528 19.67 -4.75 -10.30
CA TYR D 528 19.05 -3.58 -9.71
C TYR D 528 19.52 -2.31 -10.39
N LEU D 529 20.71 -2.32 -11.00
CA LEU D 529 21.09 -1.21 -11.84
C LEU D 529 20.21 -1.10 -13.07
N LEU D 530 19.83 -2.24 -13.64
CA LEU D 530 18.96 -2.20 -14.80
C LEU D 530 17.56 -1.72 -14.42
N LYS D 531 17.03 -2.21 -13.30
CA LYS D 531 15.73 -1.71 -12.83
C LYS D 531 15.79 -0.22 -12.54
N ALA D 532 16.87 0.23 -11.90
CA ALA D 532 17.02 1.64 -11.60
C ALA D 532 17.08 2.46 -12.89
N LEU D 533 17.79 1.95 -13.90
CA LEU D 533 17.87 2.67 -15.16
C LEU D 533 16.51 2.75 -15.83
N PHE D 534 15.76 1.64 -15.82
CA PHE D 534 14.40 1.64 -16.33
C PHE D 534 13.56 2.70 -15.67
N LYS D 535 13.52 2.69 -14.33
CA LYS D 535 12.65 3.63 -13.61
C LYS D 535 13.10 5.07 -13.81
N ALA D 536 14.42 5.31 -13.85
CA ALA D 536 14.90 6.67 -14.04
C ALA D 536 14.54 7.19 -15.42
N LEU D 537 14.70 6.36 -16.44
CA LEU D 537 14.31 6.78 -17.78
C LEU D 537 12.82 7.02 -17.86
N LYS D 538 12.03 6.19 -17.19
CA LYS D 538 10.58 6.38 -17.22
C LYS D 538 10.18 7.68 -16.55
N ARG D 539 10.68 7.93 -15.34
CA ARG D 539 10.35 9.16 -14.63
C ARG D 539 10.90 10.39 -15.35
N LEU D 540 11.98 10.23 -16.10
CA LEU D 540 12.52 11.34 -16.86
C LEU D 540 11.81 11.55 -18.20
N LYS D 541 10.89 10.66 -18.55
CA LYS D 541 10.15 10.77 -19.81
C LYS D 541 11.08 10.65 -21.01
N SER D 542 12.03 9.72 -20.94
CA SER D 542 12.90 9.44 -22.08
C SER D 542 13.17 7.95 -22.23
N LEU D 543 12.23 7.09 -21.84
CA LEU D 543 12.39 5.65 -22.03
C LEU D 543 11.78 5.29 -23.37
N ARG D 544 12.62 5.21 -24.40
CA ARG D 544 12.12 5.03 -25.76
C ARG D 544 12.41 3.65 -26.33
N ASP D 545 13.69 3.28 -26.43
CA ASP D 545 14.03 2.10 -27.21
C ASP D 545 14.96 1.20 -26.42
N GLN D 546 15.64 1.74 -25.43
CA GLN D 546 16.43 0.92 -24.54
C GLN D 546 15.54 -0.13 -23.90
N PHE D 547 16.13 -1.27 -23.52
CA PHE D 547 15.36 -2.38 -22.99
C PHE D 547 14.29 -2.82 -24.01
N SER D 548 14.79 -3.46 -25.08
CA SER D 548 13.99 -3.68 -26.28
C SER D 548 12.67 -4.39 -26.00
N PHE D 549 12.74 -5.64 -25.53
CA PHE D 549 11.60 -6.57 -25.41
C PHE D 549 10.60 -6.44 -26.55
N ALA D 550 11.03 -6.82 -27.76
CA ALA D 550 10.31 -6.60 -29.00
C ALA D 550 8.82 -6.96 -28.91
N GLU D 551 8.02 -6.20 -29.63
CA GLU D 551 6.58 -6.23 -29.52
C GLU D 551 5.90 -6.78 -30.76
N ASN D 552 6.62 -7.47 -31.65
CA ASN D 552 5.93 -8.17 -32.72
C ASN D 552 5.08 -9.30 -32.16
N LEU D 553 5.43 -9.81 -30.99
CA LEU D 553 4.61 -10.83 -30.35
C LEU D 553 3.41 -10.20 -29.67
N TYR D 554 3.60 -9.06 -29.00
CA TYR D 554 2.48 -8.42 -28.32
C TYR D 554 1.44 -7.94 -29.33
N GLN D 555 1.88 -7.29 -30.41
CA GLN D 555 0.95 -6.77 -31.39
C GLN D 555 0.08 -7.87 -31.99
N ILE D 556 0.62 -9.09 -32.06
CA ILE D 556 -0.19 -10.23 -32.49
C ILE D 556 -1.13 -10.66 -31.39
N ILE D 557 -0.60 -10.84 -30.17
CA ILE D 557 -1.43 -11.29 -29.06
C ILE D 557 -2.51 -10.26 -28.75
N GLY D 558 -2.16 -8.99 -28.78
CA GLY D 558 -3.09 -7.92 -28.48
C GLY D 558 -2.74 -7.10 -27.27
N ILE D 559 -1.65 -7.43 -26.58
CA ILE D 559 -1.24 -6.67 -25.42
C ILE D 559 -0.84 -5.26 -25.83
N ASP D 560 -1.06 -4.31 -24.94
CA ASP D 560 -0.94 -2.89 -25.27
C ASP D 560 0.50 -2.41 -25.12
N CYS D 561 0.67 -1.09 -25.09
CA CYS D 561 1.95 -0.48 -24.77
C CYS D 561 2.23 -0.64 -23.28
N PHE D 562 3.31 -0.03 -22.80
CA PHE D 562 3.70 -0.21 -21.41
C PHE D 562 4.21 1.07 -20.74
N GLN D 563 4.18 2.21 -21.41
CA GLN D 563 4.79 3.41 -20.85
C GLN D 563 4.17 4.63 -21.51
N LYS D 564 4.82 5.79 -21.34
CA LYS D 564 4.24 7.07 -21.74
C LYS D 564 2.91 7.30 -21.00
N ASN D 565 3.04 7.49 -19.68
CA ASN D 565 1.88 7.42 -18.80
C ASN D 565 0.95 8.62 -18.97
N ASP D 566 0.20 8.62 -20.07
CA ASP D 566 -0.87 9.58 -20.30
C ASP D 566 -2.07 8.89 -20.94
N LYS D 567 -2.09 7.56 -20.93
CA LYS D 567 -3.15 6.80 -21.55
C LYS D 567 -3.59 5.61 -20.68
C1 J36 E . -33.71 0.81 -9.98
C2 J36 E . -34.63 0.76 -8.83
C3 J36 E . -33.50 2.02 -10.63
C4 J36 E . -34.69 2.13 -8.13
C5 J36 E . -34.10 3.26 -10.29
N2 J36 E . -32.61 1.81 -11.64
C10 J36 E . -34.73 5.56 -10.73
C11 J36 E . -35.40 5.63 -9.50
C6 J36 E . -32.92 -0.17 -10.63
C7 J36 E . -32.24 0.47 -11.67
C8 J36 E . -34.06 4.32 -11.11
C9 J36 E . -35.43 4.46 -8.59
O1 J36 E . -35.99 4.56 -7.51
N1 J36 E . -34.77 3.30 -9.05
N3 J36 E . -36.04 7.91 -9.95
C12 J36 E . -32.73 -1.55 -10.44
C13 J36 E . -31.37 -0.20 -12.53
C14 J36 E . -31.85 -2.24 -11.29
C15 J36 E . -31.19 -1.57 -12.32
C16 J36 E . -34.72 6.67 -11.56
C17 J36 E . -36.04 6.82 -9.16
C18 J36 E . -35.38 7.81 -11.13
H2 J36 E . -34.33 -0.01 -8.11
H1 J36 E . -35.63 0.49 -9.19
H4 J36 E . -33.77 2.29 -7.54
H3 J36 E . -35.53 2.15 -7.42
H5 J36 E . -32.27 2.50 -12.28
H6 J36 E . -33.57 4.30 -12.08
H7 J36 E . -33.23 -2.09 -9.64
H8 J36 E . -30.85 0.32 -13.33
H9 J36 E . -31.69 -3.30 -11.16
H10 J36 E . -30.51 -2.13 -12.98
H11 J36 E . -34.21 6.67 -12.52
H12 J36 E . -36.58 6.94 -8.23
H13 J36 E . -35.40 8.71 -11.75
MG MG F . -30.18 4.12 -18.15
MG MG G . -29.04 -0.57 -18.11
ZN ZN H . 20.70 -17.14 9.99
C1 J36 I . 0.52 -18.09 -30.14
C2 J36 I . 1.77 -17.87 -30.92
C3 J36 I . 0.35 -19.27 -29.46
C4 J36 I . 2.91 -18.67 -30.28
C5 J36 I . 1.29 -20.34 -29.38
N2 J36 I . -0.87 -19.23 -28.84
C10 J36 I . 1.93 -22.63 -28.92
C11 J36 I . 3.23 -22.38 -29.40
C6 J36 I . -0.65 -17.30 -29.95
C7 J36 I . -1.50 -18.03 -29.12
C8 J36 I . 0.95 -21.55 -28.92
C9 J36 I . 3.59 -21.03 -29.90
O1 J36 I . 4.73 -20.82 -30.28
N1 J36 I . 2.57 -20.06 -29.88
N3 J36 I . 3.87 -24.66 -28.94
C12 J36 I . -1.06 -16.02 -30.40
C13 J36 I . -2.76 -17.56 -28.72
C14 J36 I . -2.31 -15.54 -30.01
C15 J36 I . -3.14 -16.30 -29.18
C16 J36 I . 1.62 -23.90 -28.46
C17 J36 I . 4.15 -23.41 -29.39
C18 J36 I . 2.61 -24.87 -28.49
H2 J36 I . 2.03 -16.80 -30.94
H1 J36 I . 1.61 -18.21 -31.95
H4 J36 I . 3.26 -18.16 -29.36
H3 J36 I . 3.77 -18.68 -30.96
H5 J36 I . -1.27 -19.95 -28.26
H6 J36 I . -0.05 -21.79 -28.56
H7 J36 I . -0.42 -15.42 -31.04
H8 J36 I . -3.40 -18.15 -28.09
H9 J36 I . -2.63 -14.56 -30.34
H10 J36 I . -4.11 -15.90 -28.88
H11 J36 I . 0.64 -24.14 -28.07
H12 J36 I . 5.16 -23.28 -29.75
H13 J36 I . 2.41 -25.88 -28.13
MG MG J . -6.41 -23.16 -26.09
MG MG K . -8.46 -18.95 -27.23
ZN ZN L . -3.24 26.23 11.13
#